data_7ELW
#
_entry.id   7ELW
#
_cell.length_a   59.608
_cell.length_b   111.925
_cell.length_c   264.929
_cell.angle_alpha   90.000
_cell.angle_beta   90.000
_cell.angle_gamma   90.000
#
_symmetry.space_group_name_H-M   'P 21 21 21'
#
loop_
_entity.id
_entity.type
_entity.pdbx_description
1 polymer 'Ribonuclease L'
2 non-polymer '[[(2R,3R,4R,5R)-5-(6-aminopurin-9-yl)-4-[[(2R,3R,4R,5R)-5-(6-aminopurin-9-yl)-4-[[(2R,3S,4R,5R)-5-(6-aminopurin-9-yl)-3,4-dihydroxy-oxolan-2-yl]methoxy-hydroxy-phosphoryl]oxy-3-hydroxy-oxolan-2-yl]methoxy-hydroxy-phosphoryl]oxy-3-hydroxy-oxolan-2-yl]methoxy-hydroxy-phosphoryl] phosphono hydrogen phosphate'
3 non-polymer 3,5,7-TRIHYDROXY-2-(3,4,5-TRIHYDROXYPHENYL)-4H-CHROMEN-4-ONE
4 non-polymer 'PHOSPHATE ION'
#
_entity_poly.entity_id   1
_entity_poly.type   'polypeptide(L)'
_entity_poly.pdbx_seq_one_letter_code
;GAMDPASLEEMLTQAVQEADIEQVRQLLERGADANFQEEEWGWSPLHSAVQMDSEDLVALLLKHGADPCLRKRNGATPFI
IAGITGNVRLLQLLLPNVEDVNECDVNGFTAFMEAAVYGRVEALRFLYENGADVNMHRKTKQDQERIRKGGATALMDAAE
KGHVGVVTILLHAMKAEVDARDNMGRNALVYALLNPDDGKAKAITRLLLDHGADVNVRGEGSKTPLILAVERKNLDLVQM
LLEQEQIEVNDTDREGKTALLLAVELRLEEIAKLLCHRGASTNCGDLVAIARRNYDSDLVKFLRLHKAGEDFRPPAENWK
PQSSRWGEALKHLHRIWRPMIGKLKIFIDEEYKIADTAEGGIYLGLYEDQEVAVKRFSEGSTRGQQEVSCLQSSRANDNV
VTFYGSESDGSCLHVCLALCEYTLQEHLANHRGDAVPNEEDESARNILSSLFKAIGELHRSGYSHQDLQPQNILIDSKNG
TFLADFDKSIKWAEDPQKIKRDLEALGLLVLYVVKKGDISFETLKNQSFEEVIQGSPDEETRDLIHHLFHPGDNVEDRLS
SLLAHPFFWSWESRYRTLRDVGNESDIKTRNQNSRILQLLQPGTSELSTSFAQWTTKIDSFVMEEMNAYYKKISKKKKAK
HTNEGNLYQDTLGDLLKFIRNLGEHINEQKNKKMKSIIGEPSQYFQEKFPDLVMYVYTKLQNTEYMKHFPKTHNPNK
;
_entity_poly.pdbx_strand_id   a,b
#
loop_
_chem_comp.id
_chem_comp.type
_chem_comp.name
_chem_comp.formula
25L non-polymer '[[(2R,3R,4R,5R)-5-(6-aminopurin-9-yl)-4-[[(2R,3R,4R,5R)-5-(6-aminopurin-9-yl)-4-[[(2R,3S,4R,5R)-5-(6-aminopurin-9-yl)-3,4-dihydroxy-oxolan-2-yl]methoxy-hydroxy-phosphoryl]oxy-3-hydroxy-oxolan-2-yl]methoxy-hydroxy-phosphoryl]oxy-3-hydroxy-oxolan-2-yl]methoxy-hydroxy-phosphoryl] phosphono hydrogen phosphate' 'C30 H40 N15 O25 P5'
MYC non-polymer 3,5,7-TRIHYDROXY-2-(3,4,5-TRIHYDROXYPHENYL)-4H-CHROMEN-4-ONE 'C15 H10 O8'
PO4 non-polymer 'PHOSPHATE ION' 'O4 P -3'
#
# COMPACT_ATOMS: atom_id res chain seq x y z
N SER A 7 -15.20 16.50 -42.24
CA SER A 7 -14.46 15.45 -42.92
C SER A 7 -13.60 16.01 -44.05
N LEU A 8 -13.75 17.32 -44.31
CA LEU A 8 -12.91 17.98 -45.30
C LEU A 8 -11.52 18.28 -44.72
N GLU A 9 -11.49 18.84 -43.51
CA GLU A 9 -10.23 19.02 -42.81
C GLU A 9 -9.62 17.69 -42.38
N GLU A 10 -10.48 16.72 -42.03
CA GLU A 10 -9.99 15.43 -41.57
C GLU A 10 -9.45 14.58 -42.73
N MET A 11 -9.93 14.81 -43.95
CA MET A 11 -9.34 14.11 -45.09
C MET A 11 -8.01 14.70 -45.51
N LEU A 12 -7.72 15.96 -45.15
CA LEU A 12 -6.41 16.51 -45.44
C LEU A 12 -5.35 15.99 -44.47
N THR A 13 -5.71 15.75 -43.21
CA THR A 13 -4.75 15.18 -42.28
C THR A 13 -4.43 13.73 -42.63
N GLN A 14 -5.36 13.04 -43.28
CA GLN A 14 -5.08 11.70 -43.77
C GLN A 14 -4.12 11.73 -44.96
N ALA A 15 -4.25 12.76 -45.81
CA ALA A 15 -3.38 12.86 -46.98
C ALA A 15 -1.94 13.16 -46.59
N VAL A 16 -1.73 13.99 -45.57
CA VAL A 16 -0.37 14.32 -45.15
C VAL A 16 0.34 13.08 -44.62
N GLN A 17 -0.38 12.22 -43.90
CA GLN A 17 0.23 11.00 -43.39
C GLN A 17 0.58 10.04 -44.52
N GLU A 18 -0.30 9.90 -45.51
CA GLU A 18 0.00 9.08 -46.67
C GLU A 18 1.00 9.73 -47.62
N ALA A 19 1.34 10.99 -47.39
CA ALA A 19 2.34 11.72 -48.18
C ALA A 19 1.93 11.83 -49.65
N ASP A 20 0.62 11.95 -49.90
CA ASP A 20 0.11 12.19 -51.24
C ASP A 20 0.14 13.70 -51.46
N ILE A 21 1.13 14.17 -52.22
CA ILE A 21 1.31 15.60 -52.40
C ILE A 21 0.17 16.19 -53.22
N GLU A 22 -0.33 15.45 -54.21
CA GLU A 22 -1.40 15.97 -55.07
C GLU A 22 -2.68 16.14 -54.29
N GLN A 23 -3.02 15.19 -53.41
CA GLN A 23 -4.24 15.31 -52.63
C GLN A 23 -4.17 16.48 -51.67
N VAL A 24 -2.96 16.88 -51.27
CA VAL A 24 -2.81 18.06 -50.43
C VAL A 24 -3.08 19.32 -51.25
N ARG A 25 -2.45 19.41 -52.43
CA ARG A 25 -2.72 20.53 -53.33
C ARG A 25 -4.20 20.62 -53.72
N GLN A 26 -4.87 19.47 -53.81
CA GLN A 26 -6.28 19.47 -54.19
C GLN A 26 -7.17 19.99 -53.06
N LEU A 27 -6.80 19.72 -51.82
CA LEU A 27 -7.62 20.15 -50.69
C LEU A 27 -7.23 21.51 -50.15
N LEU A 28 -5.99 21.96 -50.39
CA LEU A 28 -5.62 23.32 -50.00
C LEU A 28 -6.30 24.36 -50.89
N GLU A 29 -6.54 24.02 -52.16
CA GLU A 29 -7.33 24.86 -53.04
C GLU A 29 -8.82 24.60 -52.94
N ARG A 30 -9.22 23.52 -52.27
CA ARG A 30 -10.63 23.25 -52.01
C ARG A 30 -11.15 24.02 -50.80
N GLY A 31 -10.27 24.55 -49.96
CA GLY A 31 -10.70 25.35 -48.82
C GLY A 31 -10.56 24.62 -47.51
N ALA A 32 -9.42 23.97 -47.29
CA ALA A 32 -9.15 23.25 -46.05
C ALA A 32 -8.29 24.13 -45.14
N ASP A 33 -8.58 24.07 -43.85
CA ASP A 33 -7.88 24.91 -42.88
C ASP A 33 -6.44 24.41 -42.71
N ALA A 34 -5.48 25.27 -43.03
CA ALA A 34 -4.07 24.91 -42.85
C ALA A 34 -3.65 24.98 -41.39
N ASN A 35 -4.33 25.81 -40.59
CA ASN A 35 -4.05 25.93 -39.17
C ASN A 35 -4.98 25.05 -38.32
N PHE A 36 -5.65 24.08 -38.94
CA PHE A 36 -6.57 23.21 -38.22
C PHE A 36 -5.80 22.35 -37.22
N GLN A 37 -6.06 22.56 -35.94
CA GLN A 37 -5.45 21.77 -34.88
C GLN A 37 -6.46 20.78 -34.33
N GLU A 38 -6.09 19.49 -34.36
CA GLU A 38 -6.93 18.47 -33.74
C GLU A 38 -6.93 18.64 -32.23
N GLU A 39 -8.11 18.48 -31.63
CA GLU A 39 -8.31 18.88 -30.23
C GLU A 39 -7.57 17.99 -29.24
N GLU A 40 -7.11 16.82 -29.65
CA GLU A 40 -6.49 15.89 -28.70
C GLU A 40 -5.13 16.40 -28.25
N TRP A 41 -4.19 16.55 -29.19
CA TRP A 41 -2.84 17.01 -28.87
C TRP A 41 -2.42 18.28 -29.58
N GLY A 42 -3.21 18.77 -30.53
CA GLY A 42 -2.92 20.04 -31.17
C GLY A 42 -1.97 20.01 -32.34
N TRP A 43 -1.81 18.87 -33.00
CA TRP A 43 -0.91 18.76 -34.15
C TRP A 43 -1.56 19.36 -35.38
N SER A 44 -0.99 20.45 -35.89
CA SER A 44 -1.45 21.04 -37.13
C SER A 44 -0.83 20.32 -38.32
N PRO A 45 -1.40 20.50 -39.53
CA PRO A 45 -0.75 19.91 -40.72
C PRO A 45 0.69 20.34 -40.91
N LEU A 46 1.01 21.59 -40.57
CA LEU A 46 2.40 22.04 -40.65
C LEU A 46 3.28 21.29 -39.66
N HIS A 47 2.73 20.89 -38.51
CA HIS A 47 3.49 20.09 -37.55
C HIS A 47 3.79 18.70 -38.10
N SER A 48 2.77 18.02 -38.64
CA SER A 48 2.94 16.64 -39.10
C SER A 48 3.92 16.54 -40.27
N ALA A 49 4.01 17.58 -41.09
CA ALA A 49 4.89 17.53 -42.24
C ALA A 49 6.35 17.62 -41.82
N VAL A 50 6.68 18.57 -40.94
CA VAL A 50 8.05 18.73 -40.47
C VAL A 50 8.51 17.50 -39.71
N GLN A 51 7.59 16.84 -39.00
CA GLN A 51 7.97 15.67 -38.20
C GLN A 51 8.43 14.51 -39.08
N MET A 52 7.75 14.27 -40.20
CA MET A 52 8.07 13.15 -41.08
C MET A 52 9.14 13.50 -42.11
N ASP A 53 9.67 14.72 -42.08
CA ASP A 53 10.70 15.18 -43.01
C ASP A 53 10.26 14.99 -44.47
N SER A 54 9.32 15.84 -44.87
CA SER A 54 8.89 15.96 -46.26
C SER A 54 9.04 17.42 -46.64
N GLU A 55 10.14 17.76 -47.32
CA GLU A 55 10.38 19.14 -47.70
C GLU A 55 9.24 19.70 -48.55
N ASP A 56 8.65 18.86 -49.41
CA ASP A 56 7.61 19.34 -50.32
C ASP A 56 6.36 19.73 -49.56
N LEU A 57 5.94 18.92 -48.59
CA LEU A 57 4.69 19.20 -47.89
C LEU A 57 4.81 20.40 -46.98
N VAL A 58 6.01 20.65 -46.43
CA VAL A 58 6.20 21.84 -45.61
C VAL A 58 6.15 23.10 -46.45
N ALA A 59 6.77 23.06 -47.64
CA ALA A 59 6.70 24.19 -48.55
C ALA A 59 5.29 24.39 -49.10
N LEU A 60 4.60 23.30 -49.43
CA LEU A 60 3.27 23.40 -49.98
C LEU A 60 2.29 24.02 -48.99
N LEU A 61 2.44 23.69 -47.70
CA LEU A 61 1.54 24.24 -46.69
C LEU A 61 1.93 25.66 -46.30
N LEU A 62 3.24 25.97 -46.32
CA LEU A 62 3.67 27.34 -46.09
C LEU A 62 3.23 28.27 -47.21
N LYS A 63 3.00 27.74 -48.42
CA LYS A 63 2.44 28.54 -49.49
C LYS A 63 1.02 28.99 -49.17
N HIS A 64 0.29 28.21 -48.37
CA HIS A 64 -1.10 28.50 -48.03
C HIS A 64 -1.25 29.16 -46.66
N GLY A 65 -0.22 29.87 -46.20
CA GLY A 65 -0.35 30.68 -45.01
C GLY A 65 -0.28 29.95 -43.68
N ALA A 66 0.08 28.66 -43.69
CA ALA A 66 0.16 27.90 -42.44
C ALA A 66 1.10 28.59 -41.46
N ASP A 67 0.57 28.92 -40.29
CA ASP A 67 1.32 29.68 -39.29
C ASP A 67 2.46 28.84 -38.73
N PRO A 68 3.72 29.29 -38.87
CA PRO A 68 4.83 28.57 -38.23
C PRO A 68 4.95 28.81 -36.74
N CYS A 69 4.18 29.75 -36.18
CA CYS A 69 4.15 29.99 -34.74
C CYS A 69 3.00 29.28 -34.05
N LEU A 70 2.21 28.50 -34.78
CA LEU A 70 1.08 27.79 -34.19
C LEU A 70 1.58 26.71 -33.25
N ARG A 71 1.14 26.76 -32.00
CA ARG A 71 1.61 25.87 -30.95
C ARG A 71 0.68 24.67 -30.79
N LYS A 72 1.26 23.55 -30.35
CA LYS A 72 0.50 22.36 -30.06
C LYS A 72 0.03 22.40 -28.61
N ARG A 73 -0.31 21.25 -28.03
CA ARG A 73 -0.73 21.23 -26.62
C ARG A 73 0.44 21.57 -25.72
N ASN A 74 1.60 20.97 -25.96
CA ASN A 74 2.79 21.24 -25.17
C ASN A 74 3.52 22.51 -25.61
N GLY A 75 2.97 23.25 -26.57
CA GLY A 75 3.51 24.56 -26.90
C GLY A 75 4.64 24.58 -27.90
N ALA A 76 4.86 23.50 -28.63
CA ALA A 76 5.96 23.44 -29.59
C ALA A 76 5.49 23.88 -30.96
N THR A 77 6.22 24.83 -31.55
CA THR A 77 5.96 25.28 -32.90
C THR A 77 6.59 24.32 -33.91
N PRO A 78 6.11 24.32 -35.16
CA PRO A 78 6.76 23.46 -36.18
C PRO A 78 8.23 23.76 -36.35
N PHE A 79 8.66 24.98 -36.08
CA PHE A 79 10.09 25.32 -36.11
C PHE A 79 10.86 24.52 -35.06
N ILE A 80 10.31 24.47 -33.84
CA ILE A 80 10.95 23.70 -32.77
C ILE A 80 11.05 22.23 -33.16
N ILE A 81 9.99 21.69 -33.77
CA ILE A 81 9.99 20.29 -34.21
C ILE A 81 11.10 20.05 -35.23
N ALA A 82 11.41 21.06 -36.05
CA ALA A 82 12.50 20.91 -37.02
C ALA A 82 13.84 20.71 -36.35
N GLY A 83 14.00 21.16 -35.10
CA GLY A 83 15.20 20.81 -34.36
C GLY A 83 15.34 19.32 -34.15
N ILE A 84 14.21 18.63 -33.94
CA ILE A 84 14.23 17.18 -33.76
C ILE A 84 14.57 16.49 -35.07
N THR A 85 13.87 16.86 -36.15
CA THR A 85 14.05 16.17 -37.43
C THR A 85 15.47 16.31 -37.95
N GLY A 86 16.08 17.48 -37.74
CA GLY A 86 17.46 17.69 -38.13
C GLY A 86 17.69 18.05 -39.57
N ASN A 87 16.63 18.24 -40.36
CA ASN A 87 16.79 18.65 -41.75
C ASN A 87 17.04 20.15 -41.81
N VAL A 88 18.14 20.54 -42.47
CA VAL A 88 18.58 21.93 -42.40
C VAL A 88 17.74 22.83 -43.30
N ARG A 89 17.24 22.32 -44.42
CA ARG A 89 16.45 23.15 -45.31
C ARG A 89 15.02 23.33 -44.82
N LEU A 90 14.54 22.47 -43.92
CA LEU A 90 13.27 22.75 -43.24
C LEU A 90 13.42 23.91 -42.27
N LEU A 91 14.52 23.96 -41.54
CA LEU A 91 14.81 25.11 -40.69
C LEU A 91 14.90 26.39 -41.50
N GLN A 92 15.48 26.30 -42.70
CA GLN A 92 15.60 27.47 -43.56
C GLN A 92 14.23 27.96 -44.02
N LEU A 93 13.31 27.05 -44.28
CA LEU A 93 11.98 27.43 -44.78
C LEU A 93 11.16 28.14 -43.71
N LEU A 94 11.40 27.87 -42.43
CA LEU A 94 10.57 28.43 -41.37
C LEU A 94 11.19 29.64 -40.69
N LEU A 95 12.49 29.82 -40.78
CA LEU A 95 13.17 30.93 -40.10
C LEU A 95 12.60 32.31 -40.43
N PRO A 96 12.33 32.67 -41.70
CA PRO A 96 11.85 34.03 -41.99
C PRO A 96 10.46 34.34 -41.46
N ASN A 97 9.77 33.39 -40.84
CA ASN A 97 8.42 33.62 -40.30
C ASN A 97 8.37 33.37 -38.80
N VAL A 98 9.50 33.51 -38.11
CA VAL A 98 9.57 33.27 -36.68
C VAL A 98 10.11 34.53 -36.00
N GLU A 99 9.39 34.99 -34.97
CA GLU A 99 9.78 36.19 -34.26
C GLU A 99 11.07 35.97 -33.47
N ASP A 100 11.09 34.95 -32.62
CA ASP A 100 12.25 34.64 -31.79
C ASP A 100 12.71 33.21 -32.07
N VAL A 101 14.00 33.06 -32.38
CA VAL A 101 14.55 31.73 -32.60
C VAL A 101 14.62 30.94 -31.29
N ASN A 102 14.69 31.65 -30.16
CA ASN A 102 14.69 31.03 -28.85
C ASN A 102 13.29 30.79 -28.32
N GLU A 103 12.31 30.59 -29.21
CA GLU A 103 10.95 30.28 -28.77
C GLU A 103 10.91 28.90 -28.15
N CYS A 104 10.42 28.81 -26.92
CA CYS A 104 10.39 27.57 -26.17
C CYS A 104 8.95 27.10 -26.01
N ASP A 105 8.78 25.79 -25.88
CA ASP A 105 7.48 25.23 -25.55
C ASP A 105 7.18 25.51 -24.07
N VAL A 106 6.04 24.98 -23.61
CA VAL A 106 5.61 25.27 -22.24
C VAL A 106 6.58 24.68 -21.22
N ASN A 107 7.45 23.76 -21.63
CA ASN A 107 8.46 23.19 -20.77
C ASN A 107 9.82 23.83 -20.93
N GLY A 108 9.97 24.79 -21.84
CA GLY A 108 11.23 25.48 -22.02
C GLY A 108 12.16 24.91 -23.07
N PHE A 109 11.67 24.04 -23.96
CA PHE A 109 12.50 23.43 -24.99
C PHE A 109 12.50 24.32 -26.23
N THR A 110 13.67 24.85 -26.57
CA THR A 110 13.85 25.64 -27.78
C THR A 110 14.30 24.75 -28.93
N ALA A 111 14.20 25.29 -30.15
CA ALA A 111 14.65 24.55 -31.33
C ALA A 111 16.13 24.19 -31.24
N PHE A 112 16.93 25.03 -30.58
CA PHE A 112 18.33 24.71 -30.37
C PHE A 112 18.50 23.44 -29.53
N MET A 113 17.71 23.30 -28.46
CA MET A 113 17.83 22.15 -27.59
C MET A 113 17.41 20.87 -28.31
N GLU A 114 16.37 20.95 -29.14
CA GLU A 114 15.89 19.76 -29.84
C GLU A 114 16.93 19.19 -30.79
N ALA A 115 17.88 20.02 -31.26
CA ALA A 115 19.01 19.49 -32.01
C ALA A 115 20.03 18.81 -31.10
N ALA A 116 20.17 19.30 -29.86
CA ALA A 116 21.10 18.70 -28.92
C ALA A 116 20.57 17.39 -28.34
N VAL A 117 19.29 17.35 -27.98
CA VAL A 117 18.69 16.14 -27.43
C VAL A 117 18.77 15.00 -28.44
N TYR A 118 18.61 15.32 -29.72
CA TYR A 118 18.52 14.30 -30.76
C TYR A 118 19.80 14.16 -31.57
N GLY A 119 20.85 14.90 -31.22
CA GLY A 119 22.13 14.78 -31.90
C GLY A 119 22.10 15.18 -33.36
N ARG A 120 21.48 16.32 -33.64
CA ARG A 120 21.37 16.84 -35.01
C ARG A 120 22.41 17.94 -35.17
N VAL A 121 23.61 17.55 -35.62
CA VAL A 121 24.73 18.48 -35.67
C VAL A 121 24.51 19.56 -36.72
N GLU A 122 24.11 19.15 -37.93
CA GLU A 122 23.89 20.13 -38.99
C GLU A 122 22.76 21.09 -38.63
N ALA A 123 21.75 20.61 -37.89
CA ALA A 123 20.71 21.51 -37.40
C ALA A 123 21.21 22.38 -36.26
N LEU A 124 22.08 21.83 -35.41
CA LEU A 124 22.62 22.59 -34.29
C LEU A 124 23.45 23.77 -34.76
N ARG A 125 24.33 23.53 -35.74
CA ARG A 125 25.20 24.60 -36.24
C ARG A 125 24.39 25.71 -36.90
N PHE A 126 23.38 25.34 -37.71
CA PHE A 126 22.55 26.35 -38.35
C PHE A 126 21.93 27.30 -37.34
N LEU A 127 21.42 26.75 -36.24
CA LEU A 127 20.79 27.59 -35.22
C LEU A 127 21.82 28.42 -34.47
N TYR A 128 23.07 27.94 -34.41
CA TYR A 128 24.12 28.66 -33.70
C TYR A 128 24.38 30.03 -34.32
N GLU A 129 24.70 30.05 -35.61
CA GLU A 129 25.00 31.31 -36.28
C GLU A 129 23.78 32.18 -36.48
N ASN A 130 22.57 31.66 -36.22
CA ASN A 130 21.35 32.41 -36.38
C ASN A 130 20.79 32.95 -35.06
N GLY A 131 21.57 32.88 -33.98
CA GLY A 131 21.22 33.57 -32.75
C GLY A 131 20.72 32.69 -31.62
N ALA A 132 20.67 31.37 -31.79
CA ALA A 132 20.17 30.51 -30.73
C ALA A 132 21.08 30.58 -29.50
N ASP A 133 20.46 30.63 -28.33
CA ASP A 133 21.19 30.74 -27.08
C ASP A 133 21.72 29.37 -26.66
N VAL A 134 23.03 29.27 -26.44
CA VAL A 134 23.64 28.00 -26.09
C VAL A 134 23.53 27.73 -24.59
N ASN A 135 23.64 28.77 -23.78
CA ASN A 135 23.57 28.65 -22.33
C ASN A 135 22.19 28.98 -21.77
N MET A 136 21.14 28.66 -22.53
CA MET A 136 19.78 28.94 -22.11
C MET A 136 19.28 27.87 -21.15
N HIS A 137 18.81 28.30 -19.97
CA HIS A 137 18.17 27.38 -19.03
C HIS A 137 16.69 27.28 -19.37
N ARG A 138 16.14 26.07 -19.20
CA ARG A 138 14.75 25.83 -19.55
C ARG A 138 13.82 26.54 -18.58
N LYS A 139 12.89 27.32 -19.11
CA LYS A 139 11.87 28.01 -18.33
C LYS A 139 10.56 27.25 -18.48
N THR A 140 10.14 26.58 -17.41
CA THR A 140 8.93 25.76 -17.42
C THR A 140 7.86 26.42 -16.56
N LYS A 141 6.77 25.71 -16.33
CA LYS A 141 5.65 26.26 -15.58
C LYS A 141 5.95 26.26 -14.08
N GLN A 142 5.16 27.04 -13.34
CA GLN A 142 5.44 27.27 -11.93
C GLN A 142 5.17 26.03 -11.07
N ASP A 143 4.40 25.07 -11.58
CA ASP A 143 4.27 23.79 -10.89
C ASP A 143 5.60 23.04 -10.88
N GLN A 144 6.25 22.95 -12.04
CA GLN A 144 7.55 22.28 -12.12
C GLN A 144 8.64 23.09 -11.44
N GLU A 145 8.54 24.42 -11.49
CA GLU A 145 9.58 25.26 -10.90
C GLU A 145 9.63 25.12 -9.39
N ARG A 146 8.48 24.94 -8.74
CA ARG A 146 8.42 24.84 -7.29
C ARG A 146 9.07 23.57 -6.75
N ILE A 147 9.31 22.58 -7.61
CA ILE A 147 9.98 21.35 -7.19
C ILE A 147 11.37 21.28 -7.82
N ARG A 148 11.93 22.46 -8.16
CA ARG A 148 13.29 22.58 -8.67
C ARG A 148 13.53 21.75 -9.93
N LYS A 149 12.50 21.57 -10.75
CA LYS A 149 12.63 20.88 -12.02
C LYS A 149 13.06 21.84 -13.11
N GLY A 150 13.55 21.27 -14.22
CA GLY A 150 13.96 22.07 -15.35
C GLY A 150 15.20 22.90 -15.07
N GLY A 151 15.44 23.84 -15.99
CA GLY A 151 16.60 24.69 -15.91
C GLY A 151 17.84 24.13 -16.58
N ALA A 152 17.73 22.99 -17.25
CA ALA A 152 18.88 22.36 -17.90
C ALA A 152 19.19 23.04 -19.23
N THR A 153 20.43 22.89 -19.67
CA THR A 153 20.92 23.49 -20.90
C THR A 153 21.06 22.42 -21.97
N ALA A 154 21.48 22.87 -23.17
CA ALA A 154 21.72 21.93 -24.26
C ALA A 154 22.90 21.03 -23.99
N LEU A 155 23.87 21.50 -23.19
CA LEU A 155 25.03 20.67 -22.86
C LEU A 155 24.63 19.45 -22.03
N MET A 156 23.77 19.66 -21.02
CA MET A 156 23.31 18.53 -20.22
C MET A 156 22.49 17.57 -21.05
N ASP A 157 21.58 18.09 -21.88
CA ASP A 157 20.77 17.24 -22.75
C ASP A 157 21.63 16.38 -23.66
N ALA A 158 22.70 16.95 -24.20
CA ALA A 158 23.57 16.19 -25.11
C ALA A 158 24.37 15.15 -24.35
N ALA A 159 24.78 15.46 -23.12
CA ALA A 159 25.55 14.50 -22.33
C ALA A 159 24.67 13.34 -21.88
N GLU A 160 23.42 13.62 -21.53
CA GLU A 160 22.50 12.55 -21.13
C GLU A 160 22.29 11.55 -22.26
N LYS A 161 22.04 12.05 -23.47
CA LYS A 161 21.81 11.18 -24.62
C LYS A 161 23.09 10.55 -25.16
N GLY A 162 24.26 11.06 -24.76
CA GLY A 162 25.50 10.43 -25.16
C GLY A 162 25.98 10.79 -26.55
N HIS A 163 25.52 11.90 -27.11
CA HIS A 163 25.93 12.33 -28.44
C HIS A 163 27.30 12.97 -28.32
N VAL A 164 28.34 12.19 -28.62
CA VAL A 164 29.70 12.69 -28.48
C VAL A 164 29.97 13.82 -29.47
N GLY A 165 29.39 13.75 -30.66
CA GLY A 165 29.55 14.82 -31.63
C GLY A 165 29.05 16.16 -31.12
N VAL A 166 27.86 16.17 -30.53
CA VAL A 166 27.23 17.42 -30.13
C VAL A 166 27.96 18.04 -28.95
N VAL A 167 28.41 17.22 -28.00
CA VAL A 167 29.09 17.74 -26.81
C VAL A 167 30.41 18.41 -27.22
N THR A 168 31.15 17.79 -28.13
CA THR A 168 32.42 18.34 -28.57
C THR A 168 32.25 19.71 -29.21
N ILE A 169 31.26 19.83 -30.10
CA ILE A 169 31.07 21.09 -30.82
C ILE A 169 30.62 22.20 -29.87
N LEU A 170 29.75 21.87 -28.90
CA LEU A 170 29.26 22.87 -27.98
C LEU A 170 30.38 23.45 -27.12
N LEU A 171 31.30 22.59 -26.67
CA LEU A 171 32.36 23.05 -25.76
C LEU A 171 33.40 23.89 -26.47
N HIS A 172 33.62 23.67 -27.76
CA HIS A 172 34.70 24.31 -28.49
C HIS A 172 34.19 25.39 -29.44
N ALA A 173 33.29 25.05 -30.36
CA ALA A 173 32.84 26.00 -31.37
C ALA A 173 31.80 26.98 -30.83
N MET A 174 31.03 26.59 -29.82
CA MET A 174 29.84 27.34 -29.43
C MET A 174 29.95 27.95 -28.03
N LYS A 175 31.09 27.82 -27.36
CA LYS A 175 31.38 28.56 -26.13
C LYS A 175 30.39 28.22 -25.02
N ALA A 176 30.06 26.93 -24.88
CA ALA A 176 29.08 26.49 -23.90
C ALA A 176 29.66 26.50 -22.49
N GLU A 177 28.83 26.87 -21.52
CA GLU A 177 29.21 26.83 -20.12
C GLU A 177 29.19 25.38 -19.63
N VAL A 178 30.35 24.88 -19.20
CA VAL A 178 30.43 23.49 -18.78
C VAL A 178 29.86 23.29 -17.39
N ASP A 179 30.01 24.29 -16.50
CA ASP A 179 29.57 24.17 -15.11
C ASP A 179 28.21 24.83 -14.88
N ALA A 180 27.39 24.97 -15.93
CA ALA A 180 26.04 25.49 -15.76
C ALA A 180 25.22 24.54 -14.90
N ARG A 181 24.31 25.12 -14.11
CA ARG A 181 23.46 24.35 -13.21
C ARG A 181 22.00 24.50 -13.58
N ASP A 182 21.25 23.43 -13.39
CA ASP A 182 19.79 23.47 -13.51
C ASP A 182 19.19 23.85 -12.16
N ASN A 183 17.85 23.85 -12.10
CA ASN A 183 17.17 24.22 -10.86
C ASN A 183 17.44 23.20 -9.75
N MET A 184 17.70 21.94 -10.11
CA MET A 184 18.06 20.93 -9.12
C MET A 184 19.46 21.15 -8.56
N GLY A 185 20.32 21.85 -9.29
CA GLY A 185 21.70 22.01 -8.90
C GLY A 185 22.68 21.05 -9.54
N ARG A 186 22.32 20.46 -10.69
CA ARG A 186 23.10 19.42 -11.34
C ARG A 186 23.76 19.96 -12.60
N ASN A 187 25.01 19.58 -12.82
CA ASN A 187 25.74 19.97 -14.02
C ASN A 187 25.71 18.84 -15.05
N ALA A 188 26.37 19.09 -16.18
CA ALA A 188 26.40 18.12 -17.27
C ALA A 188 27.18 16.86 -16.92
N LEU A 189 28.10 16.95 -15.95
CA LEU A 189 28.88 15.78 -15.56
C LEU A 189 27.97 14.67 -15.03
N VAL A 190 26.95 15.04 -14.26
CA VAL A 190 26.02 14.05 -13.74
C VAL A 190 25.23 13.41 -14.89
N TYR A 191 24.76 14.23 -15.83
CA TYR A 191 24.03 13.72 -16.98
C TYR A 191 24.89 12.81 -17.85
N ALA A 192 26.20 13.04 -17.88
CA ALA A 192 27.09 12.24 -18.71
C ALA A 192 27.16 10.79 -18.22
N LEU A 193 27.39 10.60 -16.92
CA LEU A 193 27.57 9.28 -16.35
C LEU A 193 26.30 8.43 -16.36
N LEU A 194 25.17 8.98 -16.79
CA LEU A 194 23.91 8.23 -16.82
C LEU A 194 23.67 7.50 -18.13
N ASN A 195 24.46 7.77 -19.17
CA ASN A 195 24.32 7.05 -20.42
C ASN A 195 24.80 5.62 -20.23
N PRO A 196 23.97 4.61 -20.49
CA PRO A 196 24.41 3.22 -20.24
C PRO A 196 25.62 2.79 -21.05
N ASP A 197 25.90 3.43 -22.18
CA ASP A 197 27.07 3.07 -22.96
C ASP A 197 28.33 3.51 -22.24
N ASP A 198 29.24 2.55 -21.99
CA ASP A 198 30.46 2.87 -21.27
C ASP A 198 31.37 3.80 -22.07
N GLY A 199 31.49 3.56 -23.37
CA GLY A 199 32.36 4.37 -24.22
C GLY A 199 31.95 5.82 -24.31
N LYS A 200 30.69 6.07 -24.67
CA LYS A 200 30.21 7.45 -24.82
C LYS A 200 30.35 8.22 -23.51
N ALA A 201 30.06 7.56 -22.38
CA ALA A 201 30.20 8.24 -21.09
C ALA A 201 31.65 8.62 -20.81
N LYS A 202 32.59 7.75 -21.16
CA LYS A 202 34.01 8.04 -20.96
C LYS A 202 34.42 9.27 -21.75
N ALA A 203 34.01 9.36 -23.02
CA ALA A 203 34.43 10.47 -23.87
C ALA A 203 33.93 11.80 -23.34
N ILE A 204 32.63 11.87 -23.02
CA ILE A 204 32.04 13.13 -22.58
C ILE A 204 32.63 13.56 -21.24
N THR A 205 32.92 12.60 -20.36
CA THR A 205 33.53 12.93 -19.07
C THR A 205 34.87 13.61 -19.25
N ARG A 206 35.71 13.08 -20.14
CA ARG A 206 37.00 13.71 -20.44
C ARG A 206 36.81 15.14 -20.94
N LEU A 207 35.91 15.32 -21.91
CA LEU A 207 35.64 16.67 -22.44
C LEU A 207 35.15 17.60 -21.34
N LEU A 208 34.31 17.10 -20.44
CA LEU A 208 33.74 17.96 -19.40
C LEU A 208 34.77 18.27 -18.32
N LEU A 209 35.59 17.30 -17.94
CA LEU A 209 36.59 17.53 -16.89
C LEU A 209 37.66 18.51 -17.35
N ASP A 210 38.10 18.39 -18.61
CA ASP A 210 39.14 19.26 -19.13
C ASP A 210 38.68 20.72 -19.23
N HIS A 211 37.38 20.96 -19.32
CA HIS A 211 36.86 22.32 -19.43
C HIS A 211 36.57 22.96 -18.09
N GLY A 212 36.64 22.21 -16.99
CA GLY A 212 36.44 22.76 -15.68
C GLY A 212 35.09 22.52 -15.05
N ALA A 213 34.44 21.39 -15.33
CA ALA A 213 33.18 21.06 -14.68
C ALA A 213 33.41 20.72 -13.22
N ASP A 214 32.54 21.27 -12.36
CA ASP A 214 32.61 20.97 -10.93
C ASP A 214 32.33 19.49 -10.71
N VAL A 215 33.22 18.83 -9.95
CA VAL A 215 33.10 17.40 -9.70
C VAL A 215 32.50 17.09 -8.33
N ASN A 216 32.32 18.09 -7.47
CA ASN A 216 31.74 17.91 -6.14
C ASN A 216 30.25 18.27 -6.12
N VAL A 217 29.52 17.92 -7.17
CA VAL A 217 28.12 18.25 -7.28
C VAL A 217 27.28 17.04 -6.86
N ARG A 218 25.97 17.26 -6.71
CA ARG A 218 25.06 16.21 -6.29
C ARG A 218 23.97 16.01 -7.33
N GLY A 219 23.67 14.74 -7.60
CA GLY A 219 22.63 14.36 -8.54
C GLY A 219 21.49 13.60 -7.89
N GLU A 220 20.95 12.61 -8.60
CA GLU A 220 19.91 11.74 -8.06
C GLU A 220 20.38 11.07 -6.78
N GLY A 221 19.59 11.21 -5.73
CA GLY A 221 19.90 10.58 -4.45
C GLY A 221 21.11 11.15 -3.76
N SER A 222 21.43 12.42 -4.01
CA SER A 222 22.61 13.08 -3.42
C SER A 222 23.89 12.34 -3.78
N LYS A 223 23.89 11.66 -4.92
CA LYS A 223 25.05 10.89 -5.37
C LYS A 223 26.02 11.78 -6.12
N THR A 224 27.31 11.64 -5.80
CA THR A 224 28.34 12.37 -6.51
C THR A 224 28.70 11.62 -7.79
N PRO A 225 29.39 12.28 -8.73
CA PRO A 225 29.89 11.55 -9.91
C PRO A 225 30.78 10.38 -9.54
N LEU A 226 31.58 10.51 -8.47
CA LEU A 226 32.39 9.40 -8.01
C LEU A 226 31.52 8.22 -7.59
N ILE A 227 30.40 8.50 -6.90
CA ILE A 227 29.52 7.43 -6.46
C ILE A 227 28.87 6.75 -7.66
N LEU A 228 28.43 7.55 -8.64
CA LEU A 228 27.80 6.98 -9.82
C LEU A 228 28.76 6.09 -10.60
N ALA A 229 30.04 6.49 -10.64
CA ALA A 229 31.03 5.69 -11.36
C ALA A 229 31.23 4.32 -10.70
N VAL A 230 31.15 4.26 -9.37
CA VAL A 230 31.31 2.99 -8.67
C VAL A 230 30.12 2.08 -8.95
N GLU A 231 28.90 2.62 -8.87
CA GLU A 231 27.70 1.82 -9.11
C GLU A 231 27.63 1.31 -10.55
N ARG A 232 28.22 2.04 -11.49
CA ARG A 232 28.25 1.57 -12.86
C ARG A 232 29.29 0.48 -13.09
N LYS A 233 30.22 0.31 -12.15
CA LYS A 233 31.30 -0.67 -12.25
C LYS A 233 32.16 -0.42 -13.49
N ASN A 234 32.75 0.78 -13.53
CA ASN A 234 33.60 1.20 -14.64
C ASN A 234 34.85 1.85 -14.06
N LEU A 235 35.94 1.07 -13.99
CA LEU A 235 37.19 1.60 -13.44
C LEU A 235 37.67 2.82 -14.22
N ASP A 236 37.49 2.81 -15.54
CA ASP A 236 37.94 3.93 -16.36
C ASP A 236 37.29 5.24 -15.92
N LEU A 237 35.97 5.23 -15.70
CA LEU A 237 35.30 6.45 -15.26
C LEU A 237 35.74 6.86 -13.85
N VAL A 238 36.13 5.90 -13.02
CA VAL A 238 36.62 6.23 -11.69
C VAL A 238 38.01 6.85 -11.77
N GLN A 239 38.85 6.33 -12.67
CA GLN A 239 40.20 6.87 -12.84
C GLN A 239 40.16 8.34 -13.27
N MET A 240 39.26 8.67 -14.20
CA MET A 240 39.16 10.05 -14.67
C MET A 240 38.76 11.00 -13.55
N LEU A 241 37.92 10.54 -12.63
CA LEU A 241 37.46 11.41 -11.54
C LEU A 241 38.50 11.55 -10.45
N LEU A 242 39.18 10.45 -10.10
CA LEU A 242 40.21 10.53 -9.07
C LEU A 242 41.49 11.20 -9.57
N GLU A 243 41.58 11.50 -10.87
CA GLU A 243 42.72 12.27 -11.36
C GLU A 243 42.66 13.72 -10.89
N GLN A 244 41.49 14.18 -10.48
CA GLN A 244 41.36 15.50 -9.86
C GLN A 244 41.67 15.39 -8.37
N GLU A 245 42.53 16.29 -7.88
CA GLU A 245 42.91 16.22 -6.47
C GLU A 245 41.87 16.88 -5.57
N GLN A 246 41.13 17.86 -6.09
CA GLN A 246 40.12 18.55 -5.29
C GLN A 246 38.88 17.72 -5.04
N ILE A 247 38.75 16.54 -5.67
CA ILE A 247 37.57 15.72 -5.47
C ILE A 247 37.47 15.30 -4.01
N GLU A 248 36.24 15.31 -3.48
CA GLU A 248 35.98 14.87 -2.12
C GLU A 248 35.58 13.40 -2.13
N VAL A 249 36.50 12.53 -1.70
CA VAL A 249 36.23 11.10 -1.71
C VAL A 249 35.37 10.70 -0.52
N ASN A 250 35.42 11.46 0.57
CA ASN A 250 34.64 11.17 1.77
C ASN A 250 33.29 11.86 1.77
N ASP A 251 32.63 11.92 0.61
CA ASP A 251 31.29 12.46 0.51
C ASP A 251 30.28 11.33 0.65
N THR A 252 29.17 11.61 1.32
CA THR A 252 28.15 10.61 1.62
C THR A 252 26.89 10.89 0.82
N ASP A 253 26.24 9.82 0.37
CA ASP A 253 24.98 9.95 -0.36
C ASP A 253 23.81 10.11 0.61
N ARG A 254 22.58 9.88 0.12
CA ARG A 254 21.42 10.03 0.97
C ARG A 254 21.45 9.07 2.15
N GLU A 255 21.69 7.78 1.87
CA GLU A 255 21.75 6.76 2.90
C GLU A 255 23.08 6.71 3.65
N GLY A 256 23.96 7.69 3.42
CA GLY A 256 25.24 7.73 4.12
C GLY A 256 26.26 6.73 3.65
N LYS A 257 26.13 6.22 2.43
CA LYS A 257 27.10 5.28 1.86
C LYS A 257 28.11 6.05 1.03
N THR A 258 29.39 5.81 1.30
CA THR A 258 30.46 6.50 0.59
C THR A 258 30.85 5.71 -0.66
N ALA A 259 31.71 6.33 -1.49
CA ALA A 259 32.15 5.71 -2.72
C ALA A 259 32.88 4.40 -2.46
N LEU A 260 33.73 4.36 -1.44
CA LEU A 260 34.47 3.15 -1.12
C LEU A 260 33.53 2.05 -0.64
N LEU A 261 32.55 2.41 0.21
CA LEU A 261 31.63 1.42 0.76
C LEU A 261 30.89 0.66 -0.35
N LEU A 262 30.37 1.40 -1.33
CA LEU A 262 29.65 0.75 -2.43
C LEU A 262 30.57 -0.14 -3.27
N ALA A 263 31.86 0.19 -3.32
CA ALA A 263 32.79 -0.64 -4.09
C ALA A 263 33.01 -1.99 -3.42
N VAL A 264 33.19 -1.99 -2.09
CA VAL A 264 33.32 -3.26 -1.37
C VAL A 264 32.02 -4.04 -1.45
N GLU A 265 30.88 -3.36 -1.30
CA GLU A 265 29.59 -4.04 -1.34
C GLU A 265 29.37 -4.74 -2.68
N LEU A 266 29.85 -4.15 -3.78
CA LEU A 266 29.61 -4.68 -5.11
C LEU A 266 30.75 -5.55 -5.61
N ARG A 267 31.72 -5.87 -4.76
CA ARG A 267 32.79 -6.83 -5.07
C ARG A 267 33.65 -6.34 -6.24
N LEU A 268 34.18 -5.13 -6.10
CA LEU A 268 35.03 -4.48 -7.11
C LEU A 268 36.42 -4.32 -6.50
N GLU A 269 37.27 -5.32 -6.74
CA GLU A 269 38.60 -5.35 -6.13
C GLU A 269 39.42 -4.11 -6.46
N GLU A 270 39.66 -3.87 -7.75
CA GLU A 270 40.60 -2.82 -8.15
C GLU A 270 40.08 -1.43 -7.79
N ILE A 271 38.78 -1.19 -7.95
CA ILE A 271 38.20 0.10 -7.62
C ILE A 271 38.36 0.40 -6.13
N ALA A 272 38.12 -0.60 -5.29
CA ALA A 272 38.31 -0.42 -3.85
C ALA A 272 39.76 -0.12 -3.52
N LYS A 273 40.70 -0.85 -4.13
CA LYS A 273 42.12 -0.59 -3.92
C LYS A 273 42.48 0.84 -4.34
N LEU A 274 41.95 1.29 -5.48
CA LEU A 274 42.27 2.63 -5.98
C LEU A 274 41.75 3.71 -5.04
N LEU A 275 40.56 3.49 -4.46
CA LEU A 275 39.98 4.51 -3.58
C LEU A 275 40.78 4.68 -2.30
N CYS A 276 41.28 3.57 -1.74
CA CYS A 276 42.10 3.65 -0.53
C CYS A 276 43.42 4.37 -0.81
N HIS A 277 44.05 4.06 -1.95
CA HIS A 277 45.30 4.72 -2.32
C HIS A 277 45.15 6.21 -2.57
N ARG A 278 43.92 6.72 -2.69
CA ARG A 278 43.69 8.14 -2.92
C ARG A 278 43.20 8.87 -1.67
N GLY A 279 43.26 8.22 -0.51
CA GLY A 279 42.93 8.88 0.73
C GLY A 279 41.50 8.76 1.19
N ALA A 280 40.75 7.76 0.72
CA ALA A 280 39.41 7.54 1.20
C ALA A 280 39.45 6.87 2.57
N SER A 281 38.59 7.32 3.48
CA SER A 281 38.60 6.80 4.84
C SER A 281 38.04 5.38 4.88
N THR A 282 38.67 4.54 5.69
CA THR A 282 38.29 3.13 5.82
C THR A 282 37.45 2.85 7.06
N ASN A 283 37.15 3.87 7.87
CA ASN A 283 36.36 3.70 9.09
C ASN A 283 34.94 4.21 8.92
N CYS A 284 34.35 3.97 7.75
CA CYS A 284 32.95 4.30 7.48
C CYS A 284 32.08 3.05 7.43
N GLY A 285 32.57 1.95 7.96
CA GLY A 285 31.86 0.69 7.94
C GLY A 285 32.81 -0.47 8.12
N ASP A 286 32.23 -1.62 8.44
CA ASP A 286 33.01 -2.85 8.62
C ASP A 286 33.28 -3.45 7.25
N LEU A 287 34.27 -2.88 6.56
CA LEU A 287 34.53 -3.26 5.18
C LEU A 287 35.10 -4.67 5.08
N VAL A 288 35.87 -5.11 6.07
CA VAL A 288 36.49 -6.43 6.01
C VAL A 288 35.42 -7.52 6.06
N ALA A 289 34.46 -7.39 6.97
CA ALA A 289 33.38 -8.37 7.06
C ALA A 289 32.53 -8.37 5.79
N ILE A 290 32.38 -7.22 5.15
CA ILE A 290 31.62 -7.15 3.90
C ILE A 290 32.40 -7.84 2.78
N ALA A 291 33.70 -7.57 2.69
CA ALA A 291 34.54 -8.27 1.73
C ALA A 291 34.66 -9.75 2.06
N ARG A 292 34.53 -10.10 3.34
CA ARG A 292 34.61 -11.52 3.73
C ARG A 292 33.42 -12.31 3.20
N ARG A 293 32.21 -11.77 3.36
CA ARG A 293 31.02 -12.44 2.86
C ARG A 293 30.93 -12.40 1.34
N ASN A 294 31.69 -11.52 0.69
CA ASN A 294 31.72 -11.46 -0.76
C ASN A 294 32.64 -12.51 -1.39
N TYR A 295 33.41 -13.22 -0.57
CA TYR A 295 34.39 -14.20 -1.05
C TYR A 295 35.40 -13.57 -1.98
N ASP A 296 35.95 -12.43 -1.55
CA ASP A 296 37.01 -11.72 -2.27
C ASP A 296 38.28 -11.79 -1.43
N SER A 297 38.97 -12.92 -1.52
CA SER A 297 40.16 -13.16 -0.69
C SER A 297 41.19 -12.05 -0.85
N ASP A 298 41.40 -11.60 -2.10
CA ASP A 298 42.40 -10.55 -2.34
C ASP A 298 42.02 -9.24 -1.67
N LEU A 299 40.74 -8.86 -1.75
CA LEU A 299 40.30 -7.61 -1.15
C LEU A 299 40.29 -7.69 0.38
N VAL A 300 40.03 -8.87 0.94
CA VAL A 300 40.04 -9.02 2.39
C VAL A 300 41.41 -8.71 2.96
N LYS A 301 42.45 -9.37 2.44
CA LYS A 301 43.81 -9.12 2.91
C LYS A 301 44.19 -7.65 2.79
N PHE A 302 43.94 -7.05 1.62
CA PHE A 302 44.35 -5.67 1.37
C PHE A 302 43.84 -4.72 2.46
N LEU A 303 42.62 -4.96 2.95
CA LEU A 303 42.06 -4.09 3.99
C LEU A 303 42.69 -4.36 5.35
N ARG A 304 43.18 -5.58 5.58
CA ARG A 304 43.84 -5.89 6.85
C ARG A 304 45.16 -5.14 7.00
N LEU A 305 45.90 -4.94 5.91
CA LEU A 305 47.15 -4.20 5.97
C LEU A 305 46.95 -2.70 6.18
N HIS A 306 45.72 -2.21 6.10
CA HIS A 306 45.43 -0.79 6.29
C HIS A 306 44.53 -0.57 7.51
N LYS A 307 44.73 -1.37 8.55
CA LYS A 307 44.00 -1.21 9.79
C LYS A 307 44.64 -0.15 10.68
N ALA A 316 25.03 1.53 16.32
CA ALA A 316 23.99 1.57 17.35
C ALA A 316 22.68 1.00 16.83
N GLU A 317 21.90 0.38 17.72
CA GLU A 317 20.61 -0.19 17.39
C GLU A 317 19.50 0.60 18.08
N ASN A 318 18.35 0.71 17.41
CA ASN A 318 17.26 1.52 17.96
C ASN A 318 15.90 1.17 17.39
N TRP A 319 15.86 0.44 16.27
CA TRP A 319 14.59 0.08 15.66
C TRP A 319 13.86 -0.91 16.55
N LYS A 320 12.63 -0.57 16.96
CA LYS A 320 11.84 -1.40 17.84
C LYS A 320 10.63 -1.93 17.10
N PRO A 321 10.43 -3.24 17.01
CA PRO A 321 9.24 -3.77 16.32
C PRO A 321 7.98 -3.53 17.13
N GLN A 322 6.85 -3.57 16.42
CA GLN A 322 5.54 -3.34 17.02
C GLN A 322 4.79 -4.63 17.34
N SER A 323 5.04 -5.71 16.61
CA SER A 323 4.40 -6.98 16.92
C SER A 323 5.05 -7.60 18.15
N SER A 324 4.22 -8.27 18.97
CA SER A 324 4.72 -8.91 20.18
C SER A 324 5.18 -10.34 19.93
N ARG A 325 4.35 -11.13 19.24
CA ARG A 325 4.71 -12.51 18.94
C ARG A 325 5.98 -12.57 18.09
N TRP A 326 6.05 -11.76 17.05
CA TRP A 326 7.17 -11.79 16.12
C TRP A 326 8.27 -10.81 16.49
N GLY A 327 8.10 -10.05 17.57
CA GLY A 327 9.03 -9.01 17.98
C GLY A 327 10.50 -9.39 17.98
N GLU A 328 10.86 -10.37 18.82
CA GLU A 328 12.27 -10.77 18.93
C GLU A 328 12.82 -11.30 17.61
N ALA A 329 11.95 -11.87 16.76
CA ALA A 329 12.41 -12.35 15.46
C ALA A 329 12.67 -11.17 14.52
N LEU A 330 11.85 -10.12 14.61
CA LEU A 330 12.04 -8.94 13.77
C LEU A 330 13.34 -8.22 14.10
N LYS A 331 13.69 -8.17 15.39
CA LYS A 331 14.95 -7.55 15.80
C LYS A 331 16.13 -8.22 15.10
N HIS A 332 16.10 -9.55 14.98
CA HIS A 332 17.19 -10.26 14.33
C HIS A 332 17.21 -9.99 12.83
N LEU A 333 16.03 -10.03 12.18
CA LEU A 333 15.98 -9.81 10.74
C LEU A 333 16.44 -8.41 10.36
N HIS A 334 16.16 -7.41 11.21
CA HIS A 334 16.68 -6.08 10.96
C HIS A 334 18.18 -5.99 11.21
N ARG A 335 18.68 -6.77 12.18
CA ARG A 335 20.11 -6.73 12.50
C ARG A 335 20.96 -7.32 11.39
N ILE A 336 20.56 -8.49 10.87
CA ILE A 336 21.36 -9.16 9.85
C ILE A 336 21.29 -8.39 8.54
N TRP A 337 22.27 -8.64 7.67
CA TRP A 337 22.32 -8.02 6.36
C TRP A 337 21.69 -8.94 5.32
N ARG A 338 20.78 -8.39 4.53
CA ARG A 338 20.17 -9.10 3.42
C ARG A 338 20.15 -8.21 2.19
N PRO A 339 20.26 -8.81 1.00
CA PRO A 339 20.03 -8.03 -0.22
C PRO A 339 18.55 -7.71 -0.37
N MET A 340 18.28 -6.53 -0.93
CA MET A 340 16.91 -6.05 -1.06
C MET A 340 16.29 -6.52 -2.35
N ILE A 341 15.05 -6.98 -2.27
CA ILE A 341 14.24 -7.31 -3.44
C ILE A 341 13.30 -6.12 -3.62
N GLY A 342 13.79 -5.10 -4.31
CA GLY A 342 13.09 -3.84 -4.36
C GLY A 342 13.09 -3.16 -3.00
N LYS A 343 11.91 -3.05 -2.38
CA LYS A 343 11.77 -2.47 -1.06
C LYS A 343 11.70 -3.51 0.04
N LEU A 344 11.86 -4.79 -0.28
CA LEU A 344 11.62 -5.87 0.67
C LEU A 344 12.95 -6.46 1.16
N LYS A 345 13.09 -6.55 2.48
CA LYS A 345 14.18 -7.27 3.12
C LYS A 345 13.64 -8.59 3.65
N ILE A 346 14.12 -9.70 3.10
CA ILE A 346 13.60 -11.01 3.45
C ILE A 346 14.75 -12.02 3.50
N PHE A 347 14.62 -13.00 4.39
CA PHE A 347 15.57 -14.10 4.49
C PHE A 347 14.77 -15.39 4.63
N ILE A 348 15.01 -16.34 3.72
CA ILE A 348 14.29 -17.61 3.71
C ILE A 348 14.98 -18.55 4.70
N ASP A 349 14.40 -18.67 5.89
CA ASP A 349 14.94 -19.54 6.93
C ASP A 349 13.80 -20.00 7.82
N GLU A 350 14.04 -21.11 8.53
CA GLU A 350 13.04 -21.64 9.45
C GLU A 350 12.79 -20.69 10.62
N GLU A 351 13.78 -19.86 10.95
CA GLU A 351 13.62 -18.91 12.06
C GLU A 351 12.56 -17.86 11.74
N TYR A 352 12.44 -17.45 10.48
CA TYR A 352 11.52 -16.39 10.07
C TYR A 352 10.31 -16.92 9.32
N LYS A 353 9.99 -18.20 9.46
CA LYS A 353 8.82 -18.76 8.80
C LYS A 353 7.56 -18.48 9.61
N ILE A 354 6.49 -18.16 8.91
CA ILE A 354 5.20 -17.85 9.53
C ILE A 354 4.23 -19.02 9.39
N ALA A 355 4.13 -19.59 8.19
CA ALA A 355 3.20 -20.68 7.93
C ALA A 355 3.57 -21.30 6.59
N ASP A 356 3.05 -22.50 6.36
CA ASP A 356 3.26 -23.22 5.12
C ASP A 356 2.04 -23.05 4.22
N THR A 357 2.30 -22.87 2.92
CA THR A 357 1.24 -22.75 1.92
C THR A 357 1.44 -23.78 0.83
N ALA A 358 0.51 -23.81 -0.13
CA ALA A 358 0.61 -24.74 -1.25
C ALA A 358 1.82 -24.44 -2.13
N GLU A 359 2.38 -23.24 -2.04
CA GLU A 359 3.60 -22.91 -2.77
C GLU A 359 4.32 -21.78 -2.04
N GLY A 360 5.56 -22.04 -1.62
CA GLY A 360 6.47 -21.01 -1.17
C GLY A 360 6.42 -20.70 0.31
N GLY A 361 5.30 -20.91 0.97
CA GLY A 361 5.18 -20.59 2.38
C GLY A 361 5.10 -19.09 2.64
N ILE A 362 5.02 -18.76 3.92
CA ILE A 362 4.86 -17.38 4.38
C ILE A 362 6.00 -17.07 5.35
N TYR A 363 6.71 -15.97 5.09
CA TYR A 363 7.87 -15.59 5.90
C TYR A 363 7.74 -14.14 6.33
N LEU A 364 8.55 -13.79 7.33
CA LEU A 364 8.66 -12.40 7.79
C LEU A 364 9.48 -11.58 6.80
N GLY A 365 9.15 -10.30 6.71
CA GLY A 365 9.89 -9.39 5.84
C GLY A 365 9.78 -7.97 6.31
N LEU A 366 10.59 -7.10 5.69
CA LEU A 366 10.59 -5.67 5.98
C LEU A 366 10.42 -4.90 4.69
N TYR A 367 9.37 -4.09 4.61
CA TYR A 367 9.00 -3.35 3.41
C TYR A 367 9.08 -1.87 3.73
N GLU A 368 10.12 -1.20 3.21
CA GLU A 368 10.46 0.17 3.60
C GLU A 368 10.57 0.28 5.11
N ASP A 369 11.32 -0.65 5.71
CA ASP A 369 11.58 -0.70 7.15
C ASP A 369 10.30 -0.93 7.95
N GLN A 370 9.23 -1.38 7.32
CA GLN A 370 7.98 -1.69 7.99
C GLN A 370 7.80 -3.20 8.05
N GLU A 371 7.34 -3.69 9.20
CA GLU A 371 7.16 -5.12 9.39
C GLU A 371 5.96 -5.63 8.60
N VAL A 372 6.16 -6.71 7.84
CA VAL A 372 5.15 -7.27 6.96
C VAL A 372 5.28 -8.78 6.95
N ALA A 373 4.18 -9.45 6.63
CA ALA A 373 4.18 -10.88 6.33
C ALA A 373 4.27 -11.06 4.82
N VAL A 374 5.13 -11.97 4.39
CA VAL A 374 5.47 -12.13 2.98
C VAL A 374 4.99 -13.50 2.50
N LYS A 375 4.08 -13.50 1.53
CA LYS A 375 3.65 -14.71 0.83
C LYS A 375 4.42 -14.83 -0.46
N ARG A 376 4.96 -16.03 -0.73
CA ARG A 376 5.84 -16.27 -1.86
C ARG A 376 5.14 -17.13 -2.90
N PHE A 377 5.31 -16.77 -4.17
CA PHE A 377 4.79 -17.54 -5.29
C PHE A 377 5.86 -17.65 -6.36
N SER A 378 5.76 -18.70 -7.18
CA SER A 378 6.51 -18.72 -8.43
C SER A 378 5.96 -17.62 -9.34
N GLU A 379 6.86 -16.86 -9.96
CA GLU A 379 6.43 -15.69 -10.71
C GLU A 379 5.52 -16.03 -11.88
N GLY A 380 5.49 -17.30 -12.30
CA GLY A 380 4.60 -17.72 -13.37
C GLY A 380 3.24 -18.19 -12.88
N SER A 381 3.14 -18.47 -11.58
CA SER A 381 1.92 -19.05 -11.03
C SER A 381 0.71 -18.15 -11.24
N THR A 382 -0.38 -18.77 -11.71
CA THR A 382 -1.65 -18.04 -11.82
C THR A 382 -2.21 -17.72 -10.45
N ARG A 383 -1.95 -18.57 -9.45
CA ARG A 383 -2.43 -18.31 -8.10
C ARG A 383 -1.81 -17.04 -7.53
N GLY A 384 -0.52 -16.80 -7.82
CA GLY A 384 0.09 -15.54 -7.43
C GLY A 384 -0.58 -14.34 -8.09
N GLN A 385 -0.95 -14.47 -9.37
CA GLN A 385 -1.61 -13.37 -10.06
C GLN A 385 -3.01 -13.12 -9.51
N GLN A 386 -3.74 -14.18 -9.18
CA GLN A 386 -5.08 -14.02 -8.63
C GLN A 386 -5.03 -13.33 -7.27
N GLU A 387 -4.00 -13.64 -6.46
CA GLU A 387 -3.85 -12.98 -5.17
C GLU A 387 -3.55 -11.49 -5.33
N VAL A 388 -2.53 -11.15 -6.10
CA VAL A 388 -2.14 -9.75 -6.25
C VAL A 388 -3.22 -8.95 -6.97
N SER A 389 -4.01 -9.58 -7.83
CA SER A 389 -5.09 -8.88 -8.49
C SER A 389 -6.19 -8.49 -7.51
N CYS A 390 -6.55 -9.40 -6.61
CA CYS A 390 -7.62 -9.13 -5.66
C CYS A 390 -7.20 -8.11 -4.61
N LEU A 391 -5.93 -8.15 -4.18
CA LEU A 391 -5.47 -7.25 -3.13
C LEU A 391 -5.48 -5.80 -3.59
N GLN A 392 -5.03 -5.54 -4.81
CA GLN A 392 -4.95 -4.17 -5.31
C GLN A 392 -6.32 -3.50 -5.36
N SER A 393 -7.40 -4.28 -5.48
CA SER A 393 -8.74 -3.74 -5.51
C SER A 393 -9.34 -3.58 -4.12
N SER A 394 -8.72 -4.15 -3.09
CA SER A 394 -9.27 -4.14 -1.74
C SER A 394 -8.46 -3.31 -0.77
N ARG A 395 -7.66 -2.36 -1.28
CA ARG A 395 -6.97 -1.45 -0.37
C ARG A 395 -7.95 -0.58 0.39
N ALA A 396 -9.07 -0.22 -0.23
CA ALA A 396 -10.12 0.54 0.43
C ALA A 396 -10.99 -0.33 1.34
N ASN A 397 -10.74 -1.63 1.39
CA ASN A 397 -11.48 -2.54 2.26
C ASN A 397 -10.82 -2.55 3.63
N ASP A 398 -11.53 -2.03 4.64
CA ASP A 398 -10.94 -1.89 5.96
C ASP A 398 -10.71 -3.23 6.64
N ASN A 399 -11.49 -4.24 6.30
CA ASN A 399 -11.42 -5.53 6.97
C ASN A 399 -10.65 -6.59 6.17
N VAL A 400 -9.86 -6.16 5.20
CA VAL A 400 -8.91 -7.03 4.51
C VAL A 400 -7.50 -6.61 4.93
N VAL A 401 -6.63 -7.59 5.12
CA VAL A 401 -5.26 -7.31 5.52
C VAL A 401 -4.66 -6.27 4.59
N THR A 402 -3.96 -5.30 5.18
CA THR A 402 -3.47 -4.15 4.42
C THR A 402 -2.40 -4.60 3.44
N PHE A 403 -2.61 -4.33 2.15
CA PHE A 403 -1.71 -4.74 1.10
C PHE A 403 -0.64 -3.67 0.88
N TYR A 404 0.62 -4.06 1.04
CA TYR A 404 1.73 -3.13 0.87
C TYR A 404 2.17 -3.04 -0.59
N GLY A 405 2.50 -4.17 -1.20
CA GLY A 405 2.96 -4.18 -2.56
C GLY A 405 3.54 -5.53 -2.93
N SER A 406 3.95 -5.64 -4.19
CA SER A 406 4.51 -6.86 -4.74
C SER A 406 5.91 -6.58 -5.25
N GLU A 407 6.86 -7.43 -4.87
CA GLU A 407 8.26 -7.28 -5.29
C GLU A 407 8.72 -8.57 -5.95
N SER A 408 9.39 -8.43 -7.09
CA SER A 408 9.85 -9.56 -7.87
C SER A 408 11.37 -9.64 -7.81
N ASP A 409 11.89 -10.84 -7.56
CA ASP A 409 13.32 -11.09 -7.62
C ASP A 409 13.74 -11.72 -8.94
N GLY A 410 12.83 -11.79 -9.91
CA GLY A 410 13.07 -12.46 -11.17
C GLY A 410 12.48 -13.85 -11.26
N SER A 411 12.37 -14.56 -10.12
CA SER A 411 11.80 -15.90 -10.11
C SER A 411 10.74 -16.13 -9.03
N CYS A 412 10.59 -15.22 -8.07
CA CYS A 412 9.66 -15.42 -6.96
C CYS A 412 8.81 -14.16 -6.78
N LEU A 413 7.49 -14.33 -6.83
CA LEU A 413 6.55 -13.24 -6.61
C LEU A 413 6.34 -13.07 -5.11
N HIS A 414 6.87 -11.98 -4.55
CA HIS A 414 6.73 -11.69 -3.12
C HIS A 414 5.52 -10.77 -2.92
N VAL A 415 4.58 -11.22 -2.09
CA VAL A 415 3.40 -10.43 -1.72
C VAL A 415 3.56 -10.04 -0.25
N CYS A 416 3.72 -8.75 0.00
CA CYS A 416 3.89 -8.23 1.34
C CYS A 416 2.56 -7.73 1.89
N LEU A 417 2.17 -8.21 3.06
CA LEU A 417 0.90 -7.87 3.68
C LEU A 417 1.12 -7.45 5.12
N ALA A 418 0.12 -6.80 5.69
CA ALA A 418 0.20 -6.35 7.08
C ALA A 418 0.41 -7.53 8.00
N LEU A 419 1.35 -7.38 8.94
CA LEU A 419 1.70 -8.48 9.83
C LEU A 419 0.67 -8.60 10.95
N CYS A 420 0.12 -9.79 11.10
CA CYS A 420 -0.86 -10.11 12.13
C CYS A 420 -0.24 -11.04 13.17
N GLU A 421 -0.82 -11.03 14.37
CA GLU A 421 -0.33 -11.86 15.45
C GLU A 421 -0.71 -13.33 15.27
N TYR A 422 -1.99 -13.64 15.38
CA TYR A 422 -2.44 -15.03 15.38
C TYR A 422 -3.56 -15.25 14.36
N THR A 423 -3.71 -16.50 13.98
CA THR A 423 -4.84 -16.94 13.17
C THR A 423 -6.11 -16.99 14.03
N LEU A 424 -7.26 -16.78 13.38
CA LEU A 424 -8.54 -16.86 14.08
C LEU A 424 -8.67 -18.17 14.86
N GLN A 425 -8.31 -19.29 14.23
CA GLN A 425 -8.31 -20.56 14.94
C GLN A 425 -7.40 -20.52 16.15
N GLU A 426 -6.17 -20.02 15.96
CA GLU A 426 -5.25 -19.89 17.09
C GLU A 426 -5.76 -18.88 18.11
N HIS A 427 -6.38 -17.79 17.64
CA HIS A 427 -6.79 -16.73 18.56
C HIS A 427 -7.91 -17.18 19.49
N LEU A 428 -8.90 -17.89 18.95
CA LEU A 428 -10.00 -18.38 19.79
C LEU A 428 -9.49 -19.37 20.82
N ALA A 429 -8.49 -20.17 20.46
CA ALA A 429 -7.90 -21.12 21.40
C ALA A 429 -7.21 -20.39 22.55
N ASN A 430 -6.42 -19.37 22.23
CA ASN A 430 -5.60 -18.71 23.25
C ASN A 430 -6.44 -17.98 24.29
N HIS A 431 -7.65 -17.55 23.93
CA HIS A 431 -8.53 -16.83 24.84
C HIS A 431 -9.76 -17.65 25.22
N ARG A 432 -9.68 -18.97 25.11
CA ARG A 432 -10.83 -19.83 25.41
C ARG A 432 -11.22 -19.79 26.89
N GLY A 433 -10.25 -19.65 27.78
CA GLY A 433 -10.48 -19.67 29.21
C GLY A 433 -10.90 -18.36 29.85
N ASP A 434 -11.18 -17.33 29.06
CA ASP A 434 -11.43 -16.01 29.64
C ASP A 434 -12.86 -15.88 30.15
N ALA A 435 -13.85 -16.23 29.32
CA ALA A 435 -15.25 -16.00 29.64
C ALA A 435 -15.86 -17.22 30.33
N VAL A 436 -16.61 -16.98 31.40
CA VAL A 436 -17.39 -18.05 32.03
C VAL A 436 -18.33 -18.65 30.99
N PRO A 437 -18.60 -19.97 31.04
CA PRO A 437 -19.33 -20.61 29.92
C PRO A 437 -20.70 -20.02 29.64
N ASN A 438 -21.35 -19.41 30.63
CA ASN A 438 -22.67 -18.82 30.41
C ASN A 438 -22.60 -17.30 30.41
N GLU A 439 -21.82 -16.74 29.50
CA GLU A 439 -21.64 -15.30 29.39
C GLU A 439 -21.93 -14.86 27.97
N GLU A 440 -22.49 -13.65 27.84
CA GLU A 440 -22.77 -13.08 26.54
C GLU A 440 -21.48 -13.01 25.72
N ASP A 441 -21.48 -13.63 24.54
CA ASP A 441 -20.27 -13.74 23.73
C ASP A 441 -20.15 -12.51 22.84
N GLU A 442 -19.68 -11.41 23.44
CA GLU A 442 -19.48 -10.17 22.69
C GLU A 442 -18.38 -10.32 21.65
N SER A 443 -17.32 -11.05 22.00
CA SER A 443 -16.19 -11.21 21.08
C SER A 443 -16.63 -11.92 19.79
N ALA A 444 -17.55 -12.88 19.90
CA ALA A 444 -18.01 -13.59 18.72
C ALA A 444 -18.73 -12.66 17.75
N ARG A 445 -19.50 -11.70 18.28
CA ARG A 445 -20.20 -10.77 17.41
C ARG A 445 -19.23 -9.81 16.72
N ASN A 446 -18.22 -9.34 17.45
CA ASN A 446 -17.25 -8.43 16.87
C ASN A 446 -16.45 -9.09 15.75
N ILE A 447 -16.10 -10.36 15.93
CA ILE A 447 -15.32 -11.07 14.92
C ILE A 447 -16.18 -11.36 13.68
N LEU A 448 -17.38 -11.90 13.89
CA LEU A 448 -18.23 -12.28 12.77
C LEU A 448 -18.71 -11.06 11.99
N SER A 449 -19.04 -9.97 12.68
CA SER A 449 -19.49 -8.76 11.99
C SER A 449 -18.40 -8.24 11.06
N SER A 450 -17.16 -8.19 11.54
CA SER A 450 -16.06 -7.75 10.69
C SER A 450 -15.86 -8.68 9.50
N LEU A 451 -16.20 -9.96 9.65
CA LEU A 451 -16.14 -10.87 8.52
C LEU A 451 -17.23 -10.57 7.50
N PHE A 452 -18.44 -10.25 7.98
CA PHE A 452 -19.50 -9.83 7.07
C PHE A 452 -19.10 -8.58 6.29
N LYS A 453 -18.46 -7.62 6.96
CA LYS A 453 -18.03 -6.39 6.30
C LYS A 453 -16.94 -6.67 5.27
N ALA A 454 -16.01 -7.56 5.59
CA ALA A 454 -14.93 -7.88 4.65
C ALA A 454 -15.46 -8.58 3.41
N ILE A 455 -16.21 -9.66 3.60
CA ILE A 455 -16.72 -10.42 2.46
C ILE A 455 -17.74 -9.60 1.68
N GLY A 456 -18.59 -8.84 2.39
CA GLY A 456 -19.54 -7.98 1.70
C GLY A 456 -18.88 -6.95 0.80
N GLU A 457 -17.94 -6.18 1.36
CA GLU A 457 -17.26 -5.17 0.57
C GLU A 457 -16.38 -5.79 -0.51
N LEU A 458 -15.90 -7.02 -0.28
CA LEU A 458 -15.14 -7.72 -1.30
C LEU A 458 -16.01 -8.07 -2.51
N HIS A 459 -17.27 -8.43 -2.26
CA HIS A 459 -18.19 -8.71 -3.37
C HIS A 459 -18.48 -7.44 -4.17
N ARG A 460 -18.73 -6.32 -3.48
CA ARG A 460 -18.93 -5.07 -4.18
C ARG A 460 -17.70 -4.67 -4.99
N SER A 461 -16.51 -5.12 -4.57
CA SER A 461 -15.30 -4.90 -5.35
C SER A 461 -15.13 -5.92 -6.46
N GLY A 462 -16.06 -6.87 -6.60
CA GLY A 462 -16.06 -7.80 -7.70
C GLY A 462 -15.25 -9.08 -7.50
N TYR A 463 -14.85 -9.39 -6.26
CA TYR A 463 -14.04 -10.57 -5.99
C TYR A 463 -14.70 -11.44 -4.94
N SER A 464 -14.45 -12.75 -5.04
CA SER A 464 -14.95 -13.75 -4.11
C SER A 464 -13.78 -14.57 -3.60
N HIS A 465 -13.81 -14.92 -2.30
CA HIS A 465 -12.65 -15.52 -1.66
C HIS A 465 -12.47 -16.99 -2.06
N GLN A 466 -13.57 -17.75 -2.12
CA GLN A 466 -13.58 -19.12 -2.64
C GLN A 466 -12.89 -20.11 -1.72
N ASP A 467 -12.26 -19.64 -0.65
CA ASP A 467 -11.55 -20.54 0.27
C ASP A 467 -11.65 -20.01 1.70
N LEU A 468 -12.85 -19.59 2.09
CA LEU A 468 -13.07 -19.07 3.44
C LEU A 468 -12.90 -20.18 4.46
N GLN A 469 -11.86 -20.08 5.28
CA GLN A 469 -11.63 -20.99 6.38
C GLN A 469 -10.92 -20.24 7.49
N PRO A 470 -11.01 -20.70 8.74
CA PRO A 470 -10.47 -19.91 9.85
C PRO A 470 -8.98 -19.69 9.78
N GLN A 471 -8.24 -20.53 9.05
CA GLN A 471 -6.82 -20.25 8.84
C GLN A 471 -6.60 -19.04 7.94
N ASN A 472 -7.59 -18.66 7.13
CA ASN A 472 -7.49 -17.52 6.24
C ASN A 472 -7.99 -16.24 6.89
N ILE A 473 -8.33 -16.27 8.17
CA ILE A 473 -8.82 -15.11 8.91
C ILE A 473 -7.82 -14.83 10.02
N LEU A 474 -7.25 -13.63 10.01
CA LEU A 474 -6.17 -13.27 10.90
C LEU A 474 -6.63 -12.24 11.92
N ILE A 475 -5.88 -12.18 13.03
CA ILE A 475 -6.12 -11.21 14.09
C ILE A 475 -4.84 -10.45 14.34
N ASP A 476 -4.91 -9.12 14.30
CA ASP A 476 -3.73 -8.30 14.55
C ASP A 476 -3.53 -8.15 16.05
N SER A 477 -2.60 -7.27 16.45
CA SER A 477 -2.34 -7.04 17.86
C SER A 477 -3.49 -6.30 18.54
N LYS A 478 -4.31 -5.59 17.77
CA LYS A 478 -5.38 -4.75 18.32
C LYS A 478 -6.75 -5.43 18.22
N ASN A 479 -6.78 -6.77 18.22
CA ASN A 479 -8.01 -7.57 18.23
C ASN A 479 -8.86 -7.35 16.98
N GLY A 480 -8.30 -6.78 15.92
CA GLY A 480 -9.02 -6.65 14.67
C GLY A 480 -8.90 -7.91 13.82
N THR A 481 -10.01 -8.27 13.19
CA THR A 481 -10.08 -9.47 12.36
C THR A 481 -10.03 -9.06 10.89
N PHE A 482 -9.26 -9.79 10.10
CA PHE A 482 -9.03 -9.44 8.70
C PHE A 482 -9.14 -10.68 7.83
N LEU A 483 -9.52 -10.46 6.58
CA LEU A 483 -9.56 -11.52 5.57
C LEU A 483 -8.26 -11.50 4.77
N ALA A 484 -7.79 -12.69 4.39
CA ALA A 484 -6.53 -12.79 3.66
C ALA A 484 -6.54 -14.06 2.82
N ASP A 485 -5.40 -14.35 2.19
CA ASP A 485 -5.19 -15.56 1.40
C ASP A 485 -6.17 -15.63 0.23
N PHE A 486 -5.97 -14.71 -0.72
CA PHE A 486 -6.73 -14.66 -1.95
C PHE A 486 -6.05 -15.39 -3.10
N ASP A 487 -5.25 -16.42 -2.81
CA ASP A 487 -4.60 -17.17 -3.87
C ASP A 487 -5.59 -17.98 -4.70
N LYS A 488 -6.82 -18.13 -4.23
CA LYS A 488 -7.87 -18.85 -4.97
C LYS A 488 -9.05 -17.95 -5.26
N SER A 489 -8.86 -16.63 -5.22
CA SER A 489 -9.95 -15.70 -5.45
C SER A 489 -10.25 -15.59 -6.94
N ILE A 490 -11.47 -15.15 -7.23
CA ILE A 490 -11.96 -15.00 -8.59
C ILE A 490 -12.78 -13.71 -8.70
N LYS A 491 -12.94 -13.24 -9.93
CA LYS A 491 -13.90 -12.18 -10.23
C LYS A 491 -15.25 -12.85 -10.47
N TRP A 492 -16.21 -12.60 -9.59
CA TRP A 492 -17.45 -13.37 -9.60
C TRP A 492 -18.36 -13.02 -10.77
N ALA A 493 -17.99 -12.01 -11.57
CA ALA A 493 -18.76 -11.72 -12.78
C ALA A 493 -18.78 -12.91 -13.72
N GLU A 494 -17.69 -13.69 -13.76
CA GLU A 494 -17.63 -14.84 -14.66
C GLU A 494 -18.62 -15.93 -14.27
N ASP A 495 -18.96 -16.03 -12.99
CA ASP A 495 -19.92 -17.03 -12.50
C ASP A 495 -20.69 -16.40 -11.36
N PRO A 496 -21.84 -15.80 -11.65
CA PRO A 496 -22.51 -14.99 -10.61
C PRO A 496 -22.97 -15.80 -9.42
N GLN A 497 -23.27 -17.08 -9.60
CA GLN A 497 -23.78 -17.91 -8.51
C GLN A 497 -22.67 -18.56 -7.69
N LYS A 498 -21.40 -18.32 -8.04
CA LYS A 498 -20.29 -18.83 -7.25
C LYS A 498 -20.16 -18.10 -5.91
N ILE A 499 -20.89 -17.01 -5.71
CA ILE A 499 -20.86 -16.29 -4.43
C ILE A 499 -21.39 -17.19 -3.32
N LYS A 500 -22.31 -18.09 -3.64
CA LYS A 500 -22.94 -18.96 -2.64
C LYS A 500 -21.92 -19.73 -1.80
N ARG A 501 -20.73 -19.99 -2.35
CA ARG A 501 -19.72 -20.70 -1.59
C ARG A 501 -19.21 -19.85 -0.43
N ASP A 502 -18.98 -18.56 -0.67
CA ASP A 502 -18.54 -17.69 0.41
C ASP A 502 -19.63 -17.54 1.47
N LEU A 503 -20.89 -17.44 1.05
CA LEU A 503 -21.98 -17.35 2.02
C LEU A 503 -22.19 -18.66 2.77
N GLU A 504 -21.95 -19.79 2.10
CA GLU A 504 -22.03 -21.08 2.79
C GLU A 504 -20.89 -21.21 3.81
N ALA A 505 -19.67 -20.87 3.41
CA ALA A 505 -18.55 -20.89 4.34
C ALA A 505 -18.75 -19.85 5.45
N LEU A 506 -19.43 -18.74 5.16
CA LEU A 506 -19.75 -17.77 6.20
C LEU A 506 -20.67 -18.38 7.24
N GLY A 507 -21.65 -19.17 6.81
CA GLY A 507 -22.52 -19.85 7.76
C GLY A 507 -21.76 -20.77 8.69
N LEU A 508 -20.87 -21.59 8.13
CA LEU A 508 -20.03 -22.46 8.95
C LEU A 508 -19.14 -21.65 9.89
N LEU A 509 -18.67 -20.48 9.44
CA LEU A 509 -17.87 -19.63 10.31
C LEU A 509 -18.70 -19.06 11.46
N VAL A 510 -19.99 -18.81 11.24
CA VAL A 510 -20.86 -18.35 12.32
C VAL A 510 -20.92 -19.39 13.43
N LEU A 511 -21.11 -20.66 13.06
CA LEU A 511 -21.12 -21.72 14.07
C LEU A 511 -19.73 -21.92 14.67
N TYR A 512 -18.69 -21.91 13.85
CA TYR A 512 -17.33 -22.09 14.35
C TYR A 512 -16.99 -21.03 15.39
N VAL A 513 -17.45 -19.80 15.18
CA VAL A 513 -17.11 -18.72 16.10
C VAL A 513 -18.03 -18.75 17.33
N VAL A 514 -19.30 -19.09 17.14
CA VAL A 514 -20.22 -19.18 18.28
C VAL A 514 -19.78 -20.30 19.22
N LYS A 515 -19.35 -21.43 18.67
CA LYS A 515 -18.84 -22.53 19.48
C LYS A 515 -17.44 -22.29 20.03
N LYS A 516 -16.93 -21.06 19.91
CA LYS A 516 -15.63 -20.67 20.45
C LYS A 516 -14.50 -21.52 19.89
N GLY A 517 -14.70 -22.13 18.73
CA GLY A 517 -13.69 -22.95 18.10
C GLY A 517 -13.66 -24.39 18.56
N ASP A 518 -14.55 -24.79 19.46
CA ASP A 518 -14.55 -26.17 19.97
C ASP A 518 -14.88 -27.16 18.85
N ILE A 519 -15.76 -26.78 17.94
CA ILE A 519 -16.06 -27.60 16.77
C ILE A 519 -15.06 -27.25 15.68
N SER A 520 -14.28 -28.23 15.24
CA SER A 520 -13.29 -28.00 14.21
C SER A 520 -13.95 -27.67 12.88
N PHE A 521 -13.27 -26.88 12.06
CA PHE A 521 -13.83 -26.48 10.77
C PHE A 521 -13.95 -27.68 9.84
N GLU A 522 -12.99 -28.60 9.88
CA GLU A 522 -13.11 -29.83 9.12
C GLU A 522 -14.36 -30.61 9.51
N THR A 523 -14.66 -30.67 10.81
CA THR A 523 -15.89 -31.28 11.27
C THR A 523 -17.11 -30.60 10.66
N LEU A 524 -17.07 -29.27 10.54
CA LEU A 524 -18.22 -28.54 10.00
C LEU A 524 -18.38 -28.74 8.51
N LYS A 525 -17.27 -28.94 7.79
CA LYS A 525 -17.37 -29.15 6.34
C LYS A 525 -18.02 -30.49 6.01
N ASN A 526 -17.82 -31.50 6.85
CA ASN A 526 -18.38 -32.82 6.58
C ASN A 526 -19.84 -32.94 7.00
N GLN A 527 -20.34 -32.03 7.82
CA GLN A 527 -21.74 -32.06 8.19
C GLN A 527 -22.62 -31.55 7.06
N SER A 528 -23.88 -31.97 7.08
CA SER A 528 -24.86 -31.44 6.14
C SER A 528 -25.45 -30.13 6.68
N PHE A 529 -26.25 -29.47 5.85
CA PHE A 529 -26.88 -28.22 6.26
C PHE A 529 -27.74 -28.43 7.50
N GLU A 530 -28.59 -29.46 7.49
CA GLU A 530 -29.46 -29.71 8.64
C GLU A 530 -28.67 -30.08 9.87
N GLU A 531 -27.56 -30.80 9.70
CA GLU A 531 -26.70 -31.13 10.84
C GLU A 531 -26.09 -29.87 11.44
N VAL A 532 -25.63 -28.94 10.60
CA VAL A 532 -25.01 -27.71 11.09
C VAL A 532 -26.04 -26.86 11.85
N ILE A 533 -27.26 -26.78 11.33
CA ILE A 533 -28.30 -25.99 12.00
C ILE A 533 -28.57 -26.52 13.39
N GLN A 534 -28.60 -27.85 13.54
CA GLN A 534 -28.86 -28.44 14.86
C GLN A 534 -27.75 -28.09 15.85
N GLY A 535 -26.50 -27.99 15.38
CA GLY A 535 -25.40 -27.67 16.25
C GLY A 535 -25.43 -26.26 16.82
N SER A 536 -26.26 -25.38 16.26
CA SER A 536 -26.34 -24.02 16.76
C SER A 536 -27.05 -24.02 18.12
N PRO A 537 -26.53 -23.26 19.09
CA PRO A 537 -27.11 -23.33 20.45
C PRO A 537 -28.38 -22.52 20.64
N ASP A 538 -28.67 -21.55 19.76
CA ASP A 538 -29.82 -20.68 19.95
C ASP A 538 -30.51 -20.42 18.61
N GLU A 539 -31.69 -19.80 18.68
CA GLU A 539 -32.48 -19.55 17.48
C GLU A 539 -31.87 -18.44 16.63
N GLU A 540 -31.14 -17.51 17.24
CA GLU A 540 -30.52 -16.43 16.48
C GLU A 540 -29.46 -16.98 15.53
N THR A 541 -28.65 -17.93 15.99
CA THR A 541 -27.65 -18.53 15.11
C THR A 541 -28.29 -19.39 14.03
N ARG A 542 -29.36 -20.12 14.37
CA ARG A 542 -29.99 -21.01 13.40
C ARG A 542 -30.57 -20.23 12.23
N ASP A 543 -31.24 -19.11 12.52
CA ASP A 543 -31.85 -18.31 11.46
C ASP A 543 -30.79 -17.65 10.59
N LEU A 544 -29.73 -17.13 11.20
CA LEU A 544 -28.69 -16.44 10.45
C LEU A 544 -28.02 -17.38 9.44
N ILE A 545 -27.64 -18.57 9.89
CA ILE A 545 -26.99 -19.53 9.00
C ILE A 545 -27.92 -19.91 7.84
N HIS A 546 -29.21 -20.03 8.13
CA HIS A 546 -30.17 -20.36 7.07
C HIS A 546 -30.16 -19.30 5.98
N HIS A 547 -30.21 -18.02 6.37
CA HIS A 547 -30.21 -16.94 5.38
C HIS A 547 -28.92 -16.87 4.59
N LEU A 548 -27.82 -17.39 5.14
CA LEU A 548 -26.56 -17.40 4.39
C LEU A 548 -26.53 -18.53 3.36
N PHE A 549 -27.12 -19.68 3.70
CA PHE A 549 -27.23 -20.77 2.73
C PHE A 549 -28.36 -20.53 1.73
N HIS A 550 -29.39 -19.77 2.11
CA HIS A 550 -30.52 -19.45 1.24
C HIS A 550 -30.67 -17.94 1.11
N PRO A 551 -29.79 -17.29 0.34
CA PRO A 551 -29.94 -15.84 0.12
C PRO A 551 -30.88 -15.53 -1.04
N GLY A 552 -31.06 -14.25 -1.35
CA GLY A 552 -31.89 -13.85 -2.47
C GLY A 552 -31.11 -13.43 -3.69
N GLU A 556 -27.81 -8.34 -4.02
CA GLU A 556 -26.39 -8.13 -4.22
C GLU A 556 -25.72 -7.57 -2.96
N ASP A 557 -26.50 -6.84 -2.17
CA ASP A 557 -25.99 -6.29 -0.92
C ASP A 557 -26.74 -6.88 0.28
N ARG A 558 -26.87 -8.21 0.30
CA ARG A 558 -27.55 -8.87 1.40
C ARG A 558 -26.70 -8.92 2.66
N LEU A 559 -25.37 -8.94 2.51
CA LEU A 559 -24.50 -9.07 3.68
C LEU A 559 -24.58 -7.85 4.59
N SER A 560 -24.71 -6.67 4.00
CA SER A 560 -24.93 -5.47 4.82
C SER A 560 -26.29 -5.51 5.50
N SER A 561 -27.31 -6.01 4.78
CA SER A 561 -28.65 -6.07 5.34
C SER A 561 -28.75 -7.08 6.48
N LEU A 562 -27.90 -8.10 6.48
CA LEU A 562 -27.92 -9.10 7.54
C LEU A 562 -27.21 -8.64 8.81
N LEU A 563 -26.53 -7.49 8.78
CA LEU A 563 -25.92 -6.96 10.00
C LEU A 563 -26.96 -6.47 11.00
N ALA A 564 -28.20 -6.29 10.57
CA ALA A 564 -29.29 -5.92 11.47
C ALA A 564 -30.01 -7.14 12.04
N HIS A 565 -29.56 -8.33 11.68
CA HIS A 565 -30.14 -9.56 12.21
C HIS A 565 -29.96 -9.62 13.73
N PRO A 566 -30.96 -10.09 14.47
CA PRO A 566 -30.86 -10.05 15.95
C PRO A 566 -29.68 -10.81 16.52
N PHE A 567 -28.97 -11.61 15.71
CA PHE A 567 -27.74 -12.23 16.16
C PHE A 567 -26.76 -11.19 16.69
N PHE A 568 -26.64 -10.05 16.00
CA PHE A 568 -25.71 -9.00 16.38
C PHE A 568 -26.27 -8.04 17.43
N TRP A 569 -27.48 -8.30 17.93
CA TRP A 569 -28.02 -7.46 18.99
C TRP A 569 -27.48 -7.92 20.34
N SER A 570 -27.04 -6.95 21.15
CA SER A 570 -26.66 -7.24 22.53
C SER A 570 -27.87 -7.70 23.32
N TRP A 571 -27.60 -8.40 24.43
CA TRP A 571 -28.68 -8.90 25.28
C TRP A 571 -29.50 -7.77 25.86
N GLU A 572 -28.86 -6.64 26.16
CA GLU A 572 -29.62 -5.45 26.58
C GLU A 572 -30.50 -4.94 25.44
N SER A 573 -29.97 -4.93 24.21
CA SER A 573 -30.75 -4.46 23.07
C SER A 573 -31.92 -5.37 22.77
N ARG A 574 -31.73 -6.68 22.92
CA ARG A 574 -32.84 -7.62 22.80
C ARG A 574 -33.87 -7.38 23.90
N TYR A 575 -33.39 -7.19 25.13
CA TYR A 575 -34.28 -6.89 26.25
C TYR A 575 -34.96 -5.54 26.05
N ARG A 576 -34.20 -4.54 25.63
CA ARG A 576 -34.77 -3.20 25.40
C ARG A 576 -35.86 -3.25 24.33
N THR A 577 -35.66 -4.06 23.28
CA THR A 577 -36.61 -4.08 22.17
C THR A 577 -37.93 -4.72 22.57
N LEU A 578 -37.87 -5.84 23.31
CA LEU A 578 -39.09 -6.48 23.80
C LEU A 578 -39.84 -5.56 24.75
N ARG A 579 -39.11 -4.78 25.55
CA ARG A 579 -39.75 -3.79 26.41
C ARG A 579 -40.47 -2.73 25.59
N ASP A 580 -39.81 -2.20 24.56
CA ASP A 580 -40.38 -1.10 23.79
C ASP A 580 -41.64 -1.51 23.04
N VAL A 581 -41.71 -2.76 22.57
CA VAL A 581 -42.93 -3.20 21.89
C VAL A 581 -44.06 -3.36 22.90
N GLY A 582 -43.77 -3.92 24.07
CA GLY A 582 -44.77 -4.04 25.12
C GLY A 582 -45.32 -2.71 25.62
N ASN A 583 -44.69 -1.61 25.26
CA ASN A 583 -45.16 -0.28 25.62
C ASN A 583 -46.07 0.33 24.54
N GLU A 584 -46.38 -0.42 23.49
CA GLU A 584 -47.31 0.07 22.48
C GLU A 584 -48.71 0.19 23.06
N SER A 585 -49.39 1.28 22.71
CA SER A 585 -50.71 1.56 23.27
C SER A 585 -51.71 0.46 22.92
N ASP A 586 -51.67 -0.03 21.68
CA ASP A 586 -52.65 -1.01 21.24
C ASP A 586 -52.38 -2.40 21.78
N ILE A 587 -51.17 -2.68 22.26
CA ILE A 587 -50.91 -3.94 22.94
C ILE A 587 -51.37 -3.86 24.39
N LYS A 588 -51.15 -2.70 25.03
CA LYS A 588 -51.54 -2.55 26.43
C LYS A 588 -53.06 -2.55 26.58
N THR A 589 -53.77 -1.97 25.62
CA THR A 589 -55.24 -1.99 25.63
C THR A 589 -55.81 -3.27 25.02
N ARG A 590 -54.96 -4.15 24.49
CA ARG A 590 -55.41 -5.41 23.87
C ARG A 590 -56.42 -5.15 22.75
N ASN A 591 -56.12 -4.14 21.92
CA ASN A 591 -56.95 -3.79 20.77
C ASN A 591 -56.75 -4.84 19.68
N GLN A 592 -57.70 -5.76 19.58
CA GLN A 592 -57.58 -6.84 18.59
C GLN A 592 -57.64 -6.33 17.16
N ASN A 593 -58.34 -5.22 16.94
CA ASN A 593 -58.45 -4.65 15.60
C ASN A 593 -57.15 -3.98 15.15
N SER A 594 -56.28 -3.61 16.08
CA SER A 594 -55.11 -2.81 15.75
C SER A 594 -54.15 -3.55 14.83
N ARG A 595 -53.31 -2.77 14.15
CA ARG A 595 -52.32 -3.34 13.24
C ARG A 595 -51.28 -4.17 13.98
N ILE A 596 -50.85 -3.72 15.16
CA ILE A 596 -49.75 -4.37 15.85
C ILE A 596 -50.10 -5.81 16.21
N LEU A 597 -51.32 -6.04 16.70
CA LEU A 597 -51.75 -7.40 17.01
C LEU A 597 -52.07 -8.20 15.76
N GLN A 598 -52.46 -7.51 14.68
CA GLN A 598 -52.72 -8.18 13.42
C GLN A 598 -51.45 -8.82 12.87
N LEU A 599 -50.30 -8.17 13.08
CA LEU A 599 -49.03 -8.74 12.64
C LEU A 599 -48.62 -9.93 13.51
N LEU A 600 -48.85 -9.84 14.81
CA LEU A 600 -48.45 -10.87 15.76
C LEU A 600 -49.50 -11.99 15.90
N GLN A 601 -50.35 -12.17 14.90
CA GLN A 601 -51.46 -13.12 14.96
C GLN A 601 -51.44 -14.03 13.74
N PRO A 602 -50.62 -15.09 13.76
CA PRO A 602 -50.60 -16.07 12.67
C PRO A 602 -51.18 -17.42 13.09
N SER A 605 -51.54 -21.83 10.42
CA SER A 605 -50.44 -21.18 9.71
C SER A 605 -49.10 -21.59 10.28
N GLU A 606 -48.68 -20.92 11.35
CA GLU A 606 -47.41 -21.20 11.99
C GLU A 606 -47.47 -22.52 12.74
N LEU A 607 -46.34 -22.92 13.34
CA LEU A 607 -46.26 -24.17 14.07
C LEU A 607 -46.61 -23.96 15.54
N SER A 608 -45.87 -24.62 16.43
CA SER A 608 -46.05 -24.49 17.88
C SER A 608 -44.87 -23.72 18.45
N THR A 609 -45.16 -22.62 19.11
CA THR A 609 -44.11 -21.79 19.69
C THR A 609 -43.84 -22.20 21.14
N SER A 610 -42.67 -21.80 21.63
CA SER A 610 -42.28 -22.10 23.00
C SER A 610 -42.93 -21.19 24.03
N PHE A 611 -43.63 -20.15 23.58
CA PHE A 611 -44.32 -19.22 24.48
C PHE A 611 -45.82 -19.39 24.47
N ALA A 612 -46.33 -20.45 23.84
CA ALA A 612 -47.72 -20.84 24.03
C ALA A 612 -47.90 -21.27 25.47
N GLN A 613 -49.03 -20.86 26.07
CA GLN A 613 -49.27 -20.97 27.51
C GLN A 613 -48.01 -20.65 28.32
N TRP A 614 -47.43 -19.48 28.02
CA TRP A 614 -46.22 -19.04 28.72
C TRP A 614 -46.46 -18.79 30.20
N THR A 615 -47.72 -18.62 30.61
CA THR A 615 -48.02 -18.43 32.03
C THR A 615 -47.75 -19.68 32.86
N THR A 616 -47.77 -20.87 32.25
CA THR A 616 -47.59 -22.12 32.97
C THR A 616 -46.13 -22.52 33.13
N LYS A 617 -45.19 -21.77 32.55
CA LYS A 617 -43.78 -22.12 32.62
C LYS A 617 -42.96 -21.11 33.43
N ILE A 618 -43.58 -20.05 33.92
CA ILE A 618 -42.90 -19.05 34.74
C ILE A 618 -43.21 -19.36 36.20
N ASP A 619 -42.31 -18.92 37.09
CA ASP A 619 -42.51 -19.10 38.53
C ASP A 619 -43.87 -18.58 38.96
N SER A 620 -44.53 -19.36 39.82
CA SER A 620 -45.88 -19.01 40.25
C SER A 620 -45.89 -17.78 41.14
N PHE A 621 -44.82 -17.52 41.89
CA PHE A 621 -44.76 -16.35 42.76
C PHE A 621 -44.80 -15.07 41.94
N VAL A 622 -44.03 -15.04 40.84
CA VAL A 622 -44.02 -13.86 39.96
C VAL A 622 -45.37 -13.68 39.28
N MET A 623 -46.02 -14.80 38.91
CA MET A 623 -47.29 -14.73 38.20
C MET A 623 -48.35 -13.98 39.01
N GLU A 624 -48.38 -14.19 40.33
CA GLU A 624 -49.43 -13.58 41.15
C GLU A 624 -49.20 -12.08 41.33
N GLU A 625 -47.98 -11.69 41.68
CA GLU A 625 -47.72 -10.28 41.95
C GLU A 625 -47.89 -9.41 40.70
N MET A 626 -47.59 -9.95 39.53
CA MET A 626 -47.75 -9.15 38.31
C MET A 626 -49.22 -8.98 37.94
N ASN A 627 -50.08 -9.94 38.32
CA ASN A 627 -51.50 -9.82 38.02
C ASN A 627 -52.20 -8.80 38.89
N ALA A 628 -51.48 -8.09 39.77
CA ALA A 628 -52.08 -7.09 40.64
C ALA A 628 -52.45 -5.83 39.86
N LEU A 647 -54.76 -10.33 34.56
CA LEU A 647 -55.57 -10.72 33.41
C LEU A 647 -54.69 -11.10 32.22
N TYR A 648 -53.50 -11.60 32.50
CA TYR A 648 -52.57 -11.98 31.44
C TYR A 648 -53.09 -13.22 30.70
N GLN A 649 -53.27 -13.08 29.39
CA GLN A 649 -53.63 -14.20 28.53
C GLN A 649 -52.39 -14.79 27.89
N ASP A 650 -52.56 -15.96 27.28
CA ASP A 650 -51.44 -16.68 26.68
C ASP A 650 -51.15 -16.21 25.26
N THR A 651 -51.50 -14.97 24.95
CA THR A 651 -51.18 -14.39 23.66
C THR A 651 -49.77 -13.77 23.68
N LEU A 652 -49.23 -13.55 22.48
CA LEU A 652 -47.91 -12.93 22.37
C LEU A 652 -47.95 -11.49 22.85
N GLY A 653 -49.02 -10.76 22.53
CA GLY A 653 -49.13 -9.37 22.93
C GLY A 653 -49.01 -9.19 24.43
N ASP A 654 -49.69 -10.04 25.20
CA ASP A 654 -49.66 -9.92 26.66
C ASP A 654 -48.31 -10.35 27.24
N LEU A 655 -47.56 -11.20 26.53
CA LEU A 655 -46.22 -11.55 26.96
C LEU A 655 -45.31 -10.32 26.93
N LEU A 656 -45.35 -9.58 25.82
CA LEU A 656 -44.55 -8.36 25.71
C LEU A 656 -45.04 -7.30 26.68
N LYS A 657 -46.37 -7.21 26.88
CA LYS A 657 -46.90 -6.37 27.95
C LYS A 657 -46.38 -6.84 29.31
N PHE A 658 -46.27 -8.16 29.49
CA PHE A 658 -45.68 -8.69 30.71
C PHE A 658 -44.23 -8.26 30.85
N ILE A 659 -43.51 -8.19 29.72
CA ILE A 659 -42.12 -7.75 29.75
C ILE A 659 -42.03 -6.26 30.04
N ARG A 660 -42.90 -5.46 29.43
CA ARG A 660 -42.86 -4.01 29.63
C ARG A 660 -43.09 -3.65 31.10
N ASN A 661 -44.16 -4.19 31.69
CA ASN A 661 -44.44 -3.90 33.10
C ASN A 661 -43.33 -4.44 33.99
N LEU A 662 -42.81 -5.63 33.69
CA LEU A 662 -41.71 -6.19 34.48
C LEU A 662 -40.45 -5.33 34.34
N GLY A 663 -40.15 -4.86 33.13
CA GLY A 663 -38.92 -4.12 32.91
C GLY A 663 -38.90 -2.79 33.64
N GLU A 664 -40.00 -2.04 33.57
CA GLU A 664 -40.03 -0.72 34.19
C GLU A 664 -40.05 -0.80 35.72
N HIS A 665 -40.62 -1.86 36.27
CA HIS A 665 -40.90 -1.96 37.70
C HIS A 665 -40.03 -2.97 38.44
N ILE A 666 -39.06 -3.60 37.76
CA ILE A 666 -38.31 -4.70 38.37
C ILE A 666 -37.51 -4.23 39.59
N ASN A 667 -37.09 -2.96 39.61
CA ASN A 667 -36.22 -2.46 40.67
C ASN A 667 -36.98 -1.80 41.82
N GLU A 668 -38.30 -1.78 41.78
CA GLU A 668 -39.07 -1.19 42.87
C GLU A 668 -38.90 -1.99 44.16
N GLN A 669 -39.09 -1.30 45.28
CA GLN A 669 -38.85 -1.90 46.59
C GLN A 669 -39.70 -3.15 46.80
N LYS A 670 -40.98 -3.09 46.43
CA LYS A 670 -41.89 -4.21 46.65
C LYS A 670 -41.60 -5.41 45.77
N ASN A 671 -40.62 -5.34 44.88
CA ASN A 671 -40.28 -6.46 44.00
C ASN A 671 -38.88 -7.02 44.27
N LYS A 672 -38.31 -6.76 45.45
CA LYS A 672 -36.99 -7.28 45.75
C LYS A 672 -36.99 -8.81 45.81
N LYS A 673 -38.09 -9.39 46.31
CA LYS A 673 -38.20 -10.85 46.34
C LYS A 673 -38.36 -11.40 44.94
N MET A 674 -39.19 -10.74 44.11
CA MET A 674 -39.36 -11.16 42.72
C MET A 674 -38.04 -11.08 41.96
N LYS A 675 -37.24 -10.05 42.23
CA LYS A 675 -36.00 -9.84 41.50
C LYS A 675 -35.05 -11.03 41.64
N SER A 676 -35.04 -11.68 42.80
CA SER A 676 -34.16 -12.81 43.01
C SER A 676 -34.56 -14.00 42.15
N ILE A 677 -35.85 -14.16 41.88
CA ILE A 677 -36.31 -15.29 41.07
C ILE A 677 -35.86 -15.11 39.62
N ILE A 678 -36.04 -13.91 39.07
CA ILE A 678 -35.75 -13.67 37.66
C ILE A 678 -34.25 -13.55 37.43
N GLY A 679 -33.55 -12.82 38.28
CA GLY A 679 -32.14 -12.52 38.05
C GLY A 679 -31.97 -11.46 36.99
N GLU A 680 -31.02 -11.66 36.08
CA GLU A 680 -30.87 -10.75 34.96
C GLU A 680 -32.02 -10.99 33.98
N PRO A 681 -32.90 -10.01 33.75
CA PRO A 681 -34.12 -10.30 32.98
C PRO A 681 -33.87 -10.68 31.53
N SER A 682 -32.91 -10.03 30.86
CA SER A 682 -32.62 -10.36 29.47
C SER A 682 -32.31 -11.84 29.29
N GLN A 683 -31.36 -12.35 30.09
CA GLN A 683 -31.04 -13.77 30.04
C GLN A 683 -32.24 -14.63 30.42
N TYR A 684 -33.10 -14.14 31.31
CA TYR A 684 -34.21 -14.94 31.81
C TYR A 684 -35.22 -15.25 30.70
N PHE A 685 -35.69 -14.22 29.99
CA PHE A 685 -36.71 -14.44 28.97
C PHE A 685 -36.17 -15.23 27.79
N GLN A 686 -34.92 -14.95 27.38
CA GLN A 686 -34.32 -15.72 26.30
C GLN A 686 -34.05 -17.16 26.71
N GLU A 687 -33.89 -17.40 28.02
CA GLU A 687 -33.69 -18.77 28.49
C GLU A 687 -35.01 -19.54 28.51
N LYS A 688 -36.07 -18.90 29.00
CA LYS A 688 -37.36 -19.58 29.07
C LYS A 688 -38.00 -19.70 27.69
N PHE A 689 -37.84 -18.68 26.85
CA PHE A 689 -38.39 -18.67 25.50
C PHE A 689 -37.28 -18.31 24.52
N PRO A 690 -36.53 -19.30 24.03
CA PRO A 690 -35.40 -18.98 23.14
C PRO A 690 -35.83 -18.38 21.82
N ASP A 691 -37.01 -18.71 21.32
CA ASP A 691 -37.47 -18.26 20.01
C ASP A 691 -38.19 -16.91 20.06
N LEU A 692 -38.26 -16.28 21.23
CA LEU A 692 -39.02 -15.03 21.36
C LEU A 692 -38.42 -13.92 20.50
N VAL A 693 -37.10 -13.74 20.59
CA VAL A 693 -36.45 -12.68 19.84
C VAL A 693 -36.61 -12.90 18.34
N MET A 694 -36.43 -14.14 17.88
CA MET A 694 -36.59 -14.43 16.46
C MET A 694 -38.04 -14.25 16.01
N TYR A 695 -38.99 -14.62 16.87
CA TYR A 695 -40.41 -14.54 16.50
C TYR A 695 -40.86 -13.11 16.30
N VAL A 696 -40.47 -12.21 17.22
CA VAL A 696 -40.84 -10.81 17.10
C VAL A 696 -40.16 -10.18 15.90
N TYR A 697 -38.87 -10.48 15.69
CA TYR A 697 -38.14 -9.93 14.55
C TYR A 697 -38.78 -10.33 13.23
N THR A 698 -39.15 -11.61 13.10
CA THR A 698 -39.70 -12.10 11.83
C THR A 698 -40.98 -11.37 11.47
N LYS A 699 -41.84 -11.10 12.45
CA LYS A 699 -43.14 -10.50 12.17
C LYS A 699 -43.05 -8.99 11.93
N LEU A 700 -42.02 -8.33 12.45
CA LEU A 700 -41.89 -6.88 12.36
C LEU A 700 -40.73 -6.44 11.48
N GLN A 701 -40.21 -7.33 10.63
CA GLN A 701 -39.00 -7.02 9.86
C GLN A 701 -39.21 -5.82 8.95
N ASN A 702 -40.22 -5.87 8.10
CA ASN A 702 -40.45 -4.79 7.14
C ASN A 702 -41.75 -4.05 7.41
N THR A 703 -41.97 -3.68 8.67
CA THR A 703 -43.19 -3.00 9.08
C THR A 703 -42.87 -1.64 9.68
N GLU A 704 -43.92 -0.91 10.07
CA GLU A 704 -43.73 0.36 10.75
C GLU A 704 -43.08 0.19 12.10
N TYR A 705 -43.33 -0.93 12.78
CA TYR A 705 -42.76 -1.20 14.09
C TYR A 705 -41.29 -1.60 14.03
N MET A 706 -40.67 -1.57 12.84
CA MET A 706 -39.23 -1.72 12.74
C MET A 706 -38.48 -0.68 13.57
N LYS A 707 -39.11 0.45 13.86
CA LYS A 707 -38.45 1.53 14.58
C LYS A 707 -38.08 1.16 16.01
N HIS A 708 -38.73 0.14 16.58
CA HIS A 708 -38.39 -0.30 17.94
C HIS A 708 -37.10 -1.10 17.99
N PHE A 709 -36.59 -1.54 16.85
CA PHE A 709 -35.32 -2.26 16.84
C PHE A 709 -34.18 -1.31 17.20
N PRO A 710 -33.10 -1.83 17.77
CA PRO A 710 -31.95 -0.97 18.05
C PRO A 710 -31.26 -0.53 16.78
N LYS A 711 -30.67 0.66 16.82
CA LYS A 711 -30.02 1.20 15.63
C LYS A 711 -28.74 0.43 15.33
N THR A 712 -28.50 0.21 14.04
CA THR A 712 -27.33 -0.54 13.60
C THR A 712 -26.48 0.28 12.63
N LEU B 8 35.52 -16.64 26.00
CA LEU B 8 36.92 -16.23 26.01
C LEU B 8 37.83 -17.33 25.48
N GLU B 9 37.63 -18.57 25.95
CA GLU B 9 38.41 -19.68 25.43
C GLU B 9 38.05 -19.97 23.98
N GLU B 10 36.76 -19.98 23.65
CA GLU B 10 36.32 -20.14 22.27
C GLU B 10 36.34 -18.82 21.51
N MET B 11 36.27 -17.70 22.23
CA MET B 11 36.41 -16.37 21.63
C MET B 11 37.84 -16.08 21.21
N LEU B 12 38.80 -16.91 21.64
CA LEU B 12 40.18 -16.78 21.21
C LEU B 12 40.35 -17.09 19.72
N THR B 13 39.37 -17.75 19.12
CA THR B 13 39.36 -18.04 17.69
C THR B 13 39.41 -16.78 16.83
N GLN B 14 39.26 -15.59 17.43
CA GLN B 14 39.42 -14.35 16.68
C GLN B 14 40.81 -14.26 16.07
N ALA B 15 41.80 -14.91 16.67
CA ALA B 15 43.14 -14.92 16.12
C ALA B 15 43.17 -15.56 14.74
N VAL B 16 42.28 -16.53 14.49
CA VAL B 16 42.20 -17.18 13.18
C VAL B 16 41.92 -16.14 12.10
N GLN B 17 41.15 -15.10 12.41
CA GLN B 17 40.90 -14.04 11.44
C GLN B 17 42.19 -13.33 11.07
N GLU B 18 43.06 -13.07 12.05
CA GLU B 18 44.35 -12.47 11.78
C GLU B 18 45.36 -13.42 11.15
N ALA B 19 45.06 -14.72 11.12
CA ALA B 19 45.88 -15.73 10.43
C ALA B 19 47.30 -15.80 10.97
N ASP B 20 47.48 -15.56 12.28
CA ASP B 20 48.78 -15.70 12.93
C ASP B 20 48.96 -17.15 13.35
N ILE B 21 49.87 -17.86 12.68
CA ILE B 21 50.05 -19.29 12.89
C ILE B 21 50.53 -19.60 14.30
N GLU B 22 51.32 -18.70 14.89
CA GLU B 22 51.90 -18.98 16.20
C GLU B 22 50.84 -19.07 17.29
N GLN B 23 49.89 -18.15 17.30
CA GLN B 23 48.86 -18.17 18.34
C GLN B 23 47.88 -19.33 18.16
N VAL B 24 47.70 -19.81 16.93
CA VAL B 24 46.77 -20.91 16.70
C VAL B 24 47.33 -22.22 17.25
N ARG B 25 48.57 -22.56 16.85
CA ARG B 25 49.22 -23.75 17.40
C ARG B 25 49.39 -23.66 18.91
N GLN B 26 49.56 -22.44 19.44
CA GLN B 26 49.74 -22.27 20.87
C GLN B 26 48.45 -22.50 21.64
N LEU B 27 47.30 -22.12 21.06
CA LEU B 27 46.01 -22.26 21.73
C LEU B 27 45.30 -23.58 21.42
N LEU B 28 45.67 -24.27 20.34
CA LEU B 28 45.07 -25.57 20.08
C LEU B 28 45.52 -26.61 21.09
N GLU B 29 46.73 -26.46 21.63
CA GLU B 29 47.18 -27.27 22.75
C GLU B 29 46.74 -26.70 24.09
N ARG B 30 46.22 -25.47 24.11
CA ARG B 30 45.64 -24.90 25.32
C ARG B 30 44.21 -25.37 25.56
N GLY B 31 43.57 -25.96 24.56
CA GLY B 31 42.23 -26.52 24.74
C GLY B 31 41.10 -25.74 24.08
N ALA B 32 41.30 -25.33 22.84
CA ALA B 32 40.26 -24.65 22.08
C ALA B 32 39.61 -25.63 21.11
N ASP B 33 38.28 -25.52 20.97
CA ASP B 33 37.54 -26.43 20.10
C ASP B 33 37.81 -26.10 18.64
N ALA B 34 38.37 -27.07 17.90
CA ALA B 34 38.62 -26.87 16.48
C ALA B 34 37.35 -26.95 15.65
N ASN B 35 36.34 -27.68 16.13
CA ASN B 35 35.05 -27.78 15.46
C ASN B 35 34.03 -26.82 16.05
N PHE B 36 34.49 -25.80 16.78
CA PHE B 36 33.59 -24.83 17.40
C PHE B 36 32.85 -24.05 16.33
N GLN B 37 31.52 -24.21 16.29
CA GLN B 37 30.67 -23.47 15.39
C GLN B 37 29.96 -22.37 16.18
N GLU B 38 30.14 -21.13 15.74
CA GLU B 38 29.39 -20.03 16.34
C GLU B 38 27.91 -20.15 15.99
N GLU B 39 27.05 -19.88 16.96
CA GLU B 39 25.64 -20.25 16.86
C GLU B 39 24.89 -19.43 15.83
N GLU B 40 25.44 -18.30 15.38
CA GLU B 40 24.71 -17.44 14.45
C GLU B 40 24.66 -18.06 13.05
N TRP B 41 25.82 -18.28 12.44
CA TRP B 41 25.88 -18.84 11.10
C TRP B 41 26.66 -20.15 10.99
N GLY B 42 27.35 -20.57 12.05
CA GLY B 42 27.99 -21.87 12.06
C GLY B 42 29.37 -21.94 11.44
N TRP B 43 30.08 -20.82 11.36
CA TRP B 43 31.42 -20.81 10.77
C TRP B 43 32.43 -21.35 11.79
N SER B 44 32.99 -22.51 11.49
CA SER B 44 34.04 -23.11 12.30
C SER B 44 35.40 -22.52 11.92
N PRO B 45 36.42 -22.71 12.77
CA PRO B 45 37.77 -22.28 12.37
C PRO B 45 38.22 -22.89 11.06
N LEU B 46 37.85 -24.14 10.79
CA LEU B 46 38.17 -24.75 9.50
C LEU B 46 37.42 -24.06 8.37
N HIS B 47 36.21 -23.56 8.65
CA HIS B 47 35.46 -22.82 7.64
C HIS B 47 36.15 -21.50 7.32
N SER B 48 36.53 -20.74 8.35
CA SER B 48 37.13 -19.43 8.14
C SER B 48 38.48 -19.53 7.43
N ALA B 49 39.19 -20.64 7.62
CA ALA B 49 40.52 -20.79 7.00
C ALA B 49 40.41 -21.00 5.50
N VAL B 50 39.52 -21.91 5.06
CA VAL B 50 39.35 -22.16 3.64
C VAL B 50 38.85 -20.90 2.93
N GLN B 51 38.05 -20.09 3.62
CA GLN B 51 37.50 -18.88 3.00
C GLN B 51 38.61 -17.89 2.64
N MET B 52 39.58 -17.71 3.54
CA MET B 52 40.66 -16.75 3.34
C MET B 52 41.85 -17.34 2.59
N ASP B 53 41.78 -18.61 2.17
CA ASP B 53 42.87 -19.27 1.46
C ASP B 53 44.18 -19.20 2.23
N SER B 54 44.30 -20.00 3.29
CA SER B 54 45.53 -20.11 4.07
C SER B 54 45.99 -21.57 4.06
N GLU B 55 47.00 -21.85 3.22
CA GLU B 55 47.52 -23.22 3.12
C GLU B 55 47.97 -23.74 4.48
N ASP B 56 48.56 -22.86 5.30
CA ASP B 56 49.12 -23.30 6.58
C ASP B 56 48.03 -23.67 7.57
N LEU B 57 46.97 -22.86 7.67
CA LEU B 57 45.95 -23.08 8.69
C LEU B 57 45.08 -24.32 8.41
N VAL B 58 44.90 -24.67 7.14
CA VAL B 58 44.12 -25.87 6.84
C VAL B 58 44.88 -27.13 7.26
N ALA B 59 46.19 -27.16 7.01
CA ALA B 59 46.99 -28.29 7.48
C ALA B 59 47.09 -28.31 9.00
N LEU B 60 47.26 -27.15 9.62
CA LEU B 60 47.37 -27.09 11.07
C LEU B 60 46.07 -27.52 11.74
N LEU B 61 44.92 -27.17 11.16
CA LEU B 61 43.65 -27.55 11.75
C LEU B 61 43.27 -28.98 11.42
N LEU B 62 43.66 -29.48 10.23
CA LEU B 62 43.45 -30.88 9.93
C LEU B 62 44.31 -31.79 10.80
N LYS B 63 45.42 -31.28 11.32
CA LYS B 63 46.20 -32.03 12.29
C LYS B 63 45.42 -32.21 13.60
N HIS B 64 44.54 -31.27 13.92
CA HIS B 64 43.77 -31.31 15.16
C HIS B 64 42.36 -31.84 14.97
N GLY B 65 42.13 -32.66 13.94
CA GLY B 65 40.88 -33.37 13.81
C GLY B 65 39.72 -32.55 13.30
N ALA B 66 39.95 -31.33 12.83
CA ALA B 66 38.87 -30.48 12.32
C ALA B 66 38.10 -31.20 11.22
N ASP B 67 36.81 -31.40 11.43
CA ASP B 67 35.98 -32.15 10.50
C ASP B 67 35.82 -31.38 9.19
N PRO B 68 36.27 -31.93 8.05
CA PRO B 68 36.01 -31.27 6.76
C PRO B 68 34.60 -31.45 6.26
N CYS B 69 33.81 -32.32 6.90
CA CYS B 69 32.40 -32.51 6.57
C CYS B 69 31.47 -31.73 7.50
N LEU B 70 32.03 -30.94 8.41
CA LEU B 70 31.23 -30.16 9.36
C LEU B 70 30.48 -29.07 8.60
N ARG B 71 29.15 -29.06 8.74
CA ARG B 71 28.32 -28.14 7.99
C ARG B 71 27.98 -26.91 8.84
N LYS B 72 27.86 -25.77 8.16
CA LYS B 72 27.44 -24.53 8.81
C LYS B 72 25.93 -24.39 8.67
N ARG B 73 25.41 -23.15 8.77
CA ARG B 73 23.97 -22.94 8.69
C ARG B 73 23.39 -23.30 7.33
N ASN B 74 24.01 -22.82 6.25
CA ASN B 74 23.51 -23.12 4.92
C ASN B 74 23.97 -24.47 4.40
N GLY B 75 24.71 -25.24 5.20
CA GLY B 75 25.03 -26.61 4.86
C GLY B 75 26.25 -26.82 3.99
N ALA B 76 27.11 -25.81 3.83
CA ALA B 76 28.30 -25.94 3.01
C ALA B 76 29.49 -26.34 3.88
N THR B 77 30.17 -27.40 3.49
CA THR B 77 31.37 -27.85 4.18
C THR B 77 32.57 -27.02 3.72
N PRO B 78 33.66 -27.01 4.49
CA PRO B 78 34.88 -26.32 4.03
C PRO B 78 35.37 -26.82 2.69
N PHE B 79 35.09 -28.07 2.33
CA PHE B 79 35.41 -28.58 1.00
C PHE B 79 34.65 -27.81 -0.07
N ILE B 80 33.34 -27.60 0.14
CA ILE B 80 32.54 -26.84 -0.81
C ILE B 80 33.08 -25.43 -0.97
N ILE B 81 33.48 -24.81 0.15
CA ILE B 81 34.05 -23.45 0.11
C ILE B 81 35.32 -23.44 -0.74
N ALA B 82 36.09 -24.52 -0.73
CA ALA B 82 37.28 -24.60 -1.55
C ALA B 82 36.96 -24.56 -3.04
N GLY B 83 35.73 -24.94 -3.42
CA GLY B 83 35.31 -24.74 -4.80
C GLY B 83 35.26 -23.26 -5.18
N ILE B 84 34.86 -22.41 -4.23
CA ILE B 84 34.83 -20.97 -4.49
C ILE B 84 36.26 -20.43 -4.57
N THR B 85 37.08 -20.76 -3.58
CA THR B 85 38.43 -20.19 -3.52
C THR B 85 39.26 -20.60 -4.73
N GLY B 86 39.07 -21.82 -5.23
CA GLY B 86 39.76 -22.27 -6.42
C GLY B 86 41.16 -22.78 -6.22
N ASN B 87 41.63 -22.90 -4.98
CA ASN B 87 42.95 -23.45 -4.72
C ASN B 87 42.89 -24.97 -4.79
N VAL B 88 43.74 -25.56 -5.62
CA VAL B 88 43.61 -26.99 -5.90
C VAL B 88 44.20 -27.84 -4.78
N ARG B 89 45.23 -27.35 -4.09
CA ARG B 89 45.82 -28.15 -3.02
C ARG B 89 44.98 -28.15 -1.76
N LEU B 90 44.06 -27.20 -1.61
CA LEU B 90 43.07 -27.31 -0.55
C LEU B 90 42.08 -28.43 -0.84
N LEU B 91 41.66 -28.55 -2.11
CA LEU B 91 40.81 -29.67 -2.51
C LEU B 91 41.53 -31.00 -2.27
N GLN B 92 42.84 -31.04 -2.54
CA GLN B 92 43.61 -32.26 -2.31
C GLN B 92 43.73 -32.57 -0.82
N LEU B 93 43.84 -31.54 0.02
CA LEU B 93 43.97 -31.77 1.45
C LEU B 93 42.68 -32.31 2.05
N LEU B 94 41.53 -31.98 1.46
CA LEU B 94 40.25 -32.37 2.00
C LEU B 94 39.63 -33.58 1.29
N LEU B 95 40.06 -33.88 0.06
CA LEU B 95 39.49 -34.98 -0.71
C LEU B 95 39.51 -36.32 0.01
N PRO B 96 40.62 -36.78 0.61
CA PRO B 96 40.60 -38.09 1.27
C PRO B 96 39.74 -38.16 2.52
N ASN B 97 39.12 -37.05 2.93
CA ASN B 97 38.26 -37.03 4.11
C ASN B 97 36.84 -36.59 3.79
N VAL B 98 36.41 -36.76 2.55
CA VAL B 98 35.07 -36.39 2.10
C VAL B 98 34.43 -37.63 1.48
N GLU B 99 33.21 -37.94 1.92
CA GLU B 99 32.53 -39.14 1.43
C GLU B 99 32.16 -38.99 -0.05
N ASP B 100 31.43 -37.94 -0.39
CA ASP B 100 30.99 -37.68 -1.76
C ASP B 100 31.46 -36.30 -2.19
N VAL B 101 32.11 -36.23 -3.35
CA VAL B 101 32.56 -34.95 -3.88
C VAL B 101 31.38 -34.08 -4.31
N ASN B 102 30.24 -34.69 -4.65
CA ASN B 102 29.04 -33.95 -5.02
C ASN B 102 28.17 -33.59 -3.82
N GLU B 103 28.74 -33.45 -2.63
CA GLU B 103 27.98 -33.03 -1.47
C GLU B 103 27.54 -31.57 -1.65
N CYS B 104 26.25 -31.33 -1.55
CA CYS B 104 25.68 -30.01 -1.79
C CYS B 104 25.17 -29.40 -0.50
N ASP B 105 25.16 -28.07 -0.45
CA ASP B 105 24.53 -27.35 0.64
C ASP B 105 23.01 -27.44 0.52
N VAL B 106 22.31 -26.75 1.44
CA VAL B 106 20.85 -26.86 1.50
C VAL B 106 20.18 -26.30 0.25
N ASN B 107 20.90 -25.52 -0.56
CA ASN B 107 20.38 -25.00 -1.81
C ASN B 107 20.81 -25.83 -3.02
N GLY B 108 21.62 -26.86 -2.82
CA GLY B 108 22.04 -27.70 -3.92
C GLY B 108 23.36 -27.31 -4.54
N PHE B 109 24.16 -26.46 -3.90
CA PHE B 109 25.42 -26.01 -4.45
C PHE B 109 26.52 -27.00 -4.07
N THR B 110 27.06 -27.68 -5.07
CA THR B 110 28.18 -28.60 -4.87
C THR B 110 29.50 -27.87 -5.07
N ALA B 111 30.58 -28.53 -4.65
CA ALA B 111 31.91 -27.97 -4.88
C ALA B 111 32.18 -27.78 -6.36
N PHE B 112 31.61 -28.64 -7.20
CA PHE B 112 31.73 -28.47 -8.65
C PHE B 112 31.05 -27.19 -9.10
N MET B 113 29.84 -26.93 -8.59
CA MET B 113 29.08 -25.75 -9.00
C MET B 113 29.74 -24.47 -8.50
N GLU B 114 30.26 -24.48 -7.27
CA GLU B 114 30.91 -23.30 -6.72
C GLU B 114 32.17 -22.92 -7.49
N ALA B 115 32.77 -23.86 -8.22
CA ALA B 115 33.85 -23.52 -9.12
C ALA B 115 33.32 -22.83 -10.37
N ALA B 116 32.10 -23.18 -10.80
CA ALA B 116 31.52 -22.56 -11.98
C ALA B 116 31.03 -21.14 -11.71
N VAL B 117 30.40 -20.92 -10.55
CA VAL B 117 29.88 -19.60 -10.21
C VAL B 117 31.02 -18.57 -10.17
N TYR B 118 32.19 -18.98 -9.71
CA TYR B 118 33.29 -18.06 -9.50
C TYR B 118 34.36 -18.15 -10.58
N GLY B 119 34.18 -18.99 -11.60
CA GLY B 119 35.12 -19.08 -12.69
C GLY B 119 36.49 -19.56 -12.29
N ARG B 120 36.54 -20.64 -11.51
CA ARG B 120 37.80 -21.21 -11.04
C ARG B 120 38.08 -22.44 -11.89
N VAL B 121 38.80 -22.23 -12.99
CA VAL B 121 39.02 -23.28 -13.98
C VAL B 121 39.90 -24.38 -13.41
N GLU B 122 41.00 -24.01 -12.76
CA GLU B 122 41.91 -25.00 -12.19
C GLU B 122 41.21 -25.88 -11.15
N ALA B 123 40.26 -25.32 -10.41
CA ALA B 123 39.46 -26.14 -9.49
C ALA B 123 38.47 -27.00 -10.27
N LEU B 124 37.92 -26.46 -11.37
CA LEU B 124 36.95 -27.20 -12.17
C LEU B 124 37.56 -28.46 -12.77
N ARG B 125 38.77 -28.34 -13.31
CA ARG B 125 39.41 -29.48 -13.98
C ARG B 125 39.65 -30.62 -13.00
N PHE B 126 40.17 -30.30 -11.81
CA PHE B 126 40.42 -31.32 -10.79
C PHE B 126 39.15 -32.09 -10.44
N LEU B 127 38.04 -31.38 -10.25
CA LEU B 127 36.81 -32.03 -9.82
C LEU B 127 36.19 -32.90 -10.91
N TYR B 128 36.45 -32.59 -12.18
CA TYR B 128 35.87 -33.37 -13.28
C TYR B 128 36.36 -34.82 -13.24
N GLU B 129 37.67 -35.01 -13.28
CA GLU B 129 38.24 -36.35 -13.35
C GLU B 129 38.04 -37.16 -12.07
N ASN B 130 37.55 -36.56 -11.00
CA ASN B 130 37.33 -37.27 -9.75
C ASN B 130 35.86 -37.67 -9.54
N GLY B 131 35.02 -37.54 -10.56
CA GLY B 131 33.67 -38.08 -10.53
C GLY B 131 32.56 -37.06 -10.35
N ALA B 132 32.86 -35.77 -10.29
CA ALA B 132 31.82 -34.77 -10.09
C ALA B 132 30.84 -34.76 -11.26
N ASP B 133 29.55 -34.64 -10.94
CA ASP B 133 28.50 -34.63 -11.96
C ASP B 133 28.42 -33.26 -12.60
N VAL B 134 28.53 -33.22 -13.93
CA VAL B 134 28.52 -31.95 -14.65
C VAL B 134 27.10 -31.49 -14.91
N ASN B 135 26.19 -32.41 -15.18
CA ASN B 135 24.80 -32.08 -15.48
C ASN B 135 23.89 -32.27 -14.26
N MET B 136 24.41 -32.01 -13.06
CA MET B 136 23.62 -32.15 -11.85
C MET B 136 22.78 -30.89 -11.63
N HIS B 137 21.48 -31.08 -11.50
CA HIS B 137 20.57 -29.99 -11.16
C HIS B 137 20.51 -29.83 -9.64
N ARG B 138 20.37 -28.58 -9.18
CA ARG B 138 20.38 -28.31 -7.75
C ARG B 138 19.12 -28.85 -7.10
N LYS B 139 19.29 -29.66 -6.05
CA LYS B 139 18.18 -30.19 -5.26
C LYS B 139 18.13 -29.38 -3.97
N THR B 140 17.11 -28.55 -3.84
CA THR B 140 16.93 -27.68 -2.69
C THR B 140 15.74 -28.13 -1.86
N LYS B 141 15.36 -27.33 -0.88
CA LYS B 141 14.26 -27.67 0.02
C LYS B 141 12.92 -27.45 -0.66
N GLN B 142 11.88 -28.07 -0.09
CA GLN B 142 10.57 -28.07 -0.74
C GLN B 142 9.89 -26.70 -0.68
N ASP B 143 10.33 -25.81 0.21
CA ASP B 143 9.85 -24.43 0.15
C ASP B 143 10.28 -23.76 -1.15
N GLN B 144 11.56 -23.88 -1.50
CA GLN B 144 12.04 -23.31 -2.75
C GLN B 144 11.55 -24.10 -3.96
N GLU B 145 11.44 -25.42 -3.81
CA GLU B 145 11.03 -26.25 -4.95
C GLU B 145 9.57 -26.01 -5.31
N ARG B 146 8.71 -25.76 -4.32
CA ARG B 146 7.30 -25.57 -4.61
C ARG B 146 7.03 -24.30 -5.40
N ILE B 147 7.99 -23.38 -5.47
CA ILE B 147 7.86 -22.20 -6.32
C ILE B 147 8.82 -22.30 -7.51
N ARG B 148 9.20 -23.52 -7.88
CA ARG B 148 10.01 -23.81 -9.07
C ARG B 148 11.33 -23.05 -9.05
N LYS B 149 11.87 -22.82 -7.86
CA LYS B 149 13.18 -22.19 -7.70
C LYS B 149 14.28 -23.24 -7.79
N GLY B 150 15.50 -22.78 -8.01
CA GLY B 150 16.64 -23.66 -8.06
C GLY B 150 16.62 -24.59 -9.28
N GLY B 151 17.48 -25.59 -9.21
CA GLY B 151 17.62 -26.55 -10.28
C GLY B 151 18.63 -26.19 -11.35
N ALA B 152 19.40 -25.13 -11.18
CA ALA B 152 20.35 -24.72 -12.19
C ALA B 152 21.60 -25.60 -12.13
N THR B 153 22.29 -25.67 -13.27
CA THR B 153 23.48 -26.49 -13.43
C THR B 153 24.73 -25.60 -13.45
N ALA B 154 25.89 -26.26 -13.58
CA ALA B 154 27.14 -25.52 -13.66
C ALA B 154 27.26 -24.72 -14.95
N LEU B 155 26.62 -25.20 -16.03
CA LEU B 155 26.62 -24.46 -17.28
C LEU B 155 25.85 -23.16 -17.12
N MET B 156 24.67 -23.23 -16.49
CA MET B 156 23.89 -22.03 -16.22
C MET B 156 24.63 -21.09 -15.29
N ASP B 157 25.24 -21.62 -14.23
CA ASP B 157 26.02 -20.81 -13.31
C ASP B 157 27.12 -20.04 -14.03
N ALA B 158 27.80 -20.70 -14.97
CA ALA B 158 28.88 -20.05 -15.71
C ALA B 158 28.33 -19.03 -16.70
N ALA B 159 27.19 -19.32 -17.33
CA ALA B 159 26.62 -18.39 -18.29
C ALA B 159 26.09 -17.13 -17.62
N GLU B 160 25.48 -17.27 -16.44
CA GLU B 160 25.00 -16.11 -15.70
C GLU B 160 26.16 -15.18 -15.35
N LYS B 161 27.25 -15.74 -14.82
CA LYS B 161 28.41 -14.95 -14.46
C LYS B 161 29.25 -14.55 -15.67
N GLY B 162 29.03 -15.17 -16.83
CA GLY B 162 29.70 -14.77 -18.04
C GLY B 162 31.11 -15.29 -18.22
N HIS B 163 31.48 -16.36 -17.54
CA HIS B 163 32.83 -16.91 -17.65
C HIS B 163 32.92 -17.74 -18.92
N VAL B 164 33.45 -17.12 -19.98
CA VAL B 164 33.55 -17.79 -21.27
C VAL B 164 34.51 -18.97 -21.21
N GLY B 165 35.57 -18.86 -20.41
CA GLY B 165 36.49 -19.98 -20.26
C GLY B 165 35.82 -21.23 -19.75
N VAL B 166 34.97 -21.08 -18.72
CA VAL B 166 34.35 -22.25 -18.10
C VAL B 166 33.32 -22.87 -19.03
N VAL B 167 32.57 -22.05 -19.76
CA VAL B 167 31.52 -22.57 -20.63
C VAL B 167 32.12 -23.41 -21.76
N THR B 168 33.22 -22.93 -22.36
CA THR B 168 33.85 -23.68 -23.44
C THR B 168 34.33 -25.05 -22.97
N ILE B 169 34.97 -25.09 -21.79
CA ILE B 169 35.49 -26.36 -21.28
C ILE B 169 34.35 -27.31 -20.95
N LEU B 170 33.26 -26.78 -20.38
CA LEU B 170 32.13 -27.62 -20.01
C LEU B 170 31.45 -28.21 -21.25
N LEU B 171 31.33 -27.42 -22.33
CA LEU B 171 30.59 -27.88 -23.49
C LEU B 171 31.34 -28.96 -24.26
N HIS B 172 32.68 -28.94 -24.22
CA HIS B 172 33.48 -29.85 -25.02
C HIS B 172 34.18 -30.91 -24.18
N ALA B 173 34.96 -30.50 -23.17
CA ALA B 173 35.76 -31.44 -22.40
C ALA B 173 34.94 -32.20 -21.35
N MET B 174 33.85 -31.62 -20.85
CA MET B 174 33.17 -32.16 -19.68
C MET B 174 31.75 -32.65 -19.95
N LYS B 175 31.33 -32.70 -21.22
CA LYS B 175 30.08 -33.36 -21.62
C LYS B 175 28.85 -32.71 -20.99
N ALA B 176 28.84 -31.38 -20.94
CA ALA B 176 27.72 -30.68 -20.33
C ALA B 176 26.51 -30.69 -21.26
N GLU B 177 25.32 -30.83 -20.68
CA GLU B 177 24.09 -30.74 -21.44
C GLU B 177 23.77 -29.27 -21.73
N VAL B 178 23.74 -28.92 -23.01
CA VAL B 178 23.51 -27.53 -23.38
C VAL B 178 22.04 -27.15 -23.24
N ASP B 179 21.12 -28.06 -23.51
CA ASP B 179 19.69 -27.78 -23.47
C ASP B 179 19.05 -28.21 -22.16
N ALA B 180 19.83 -28.32 -21.09
CA ALA B 180 19.27 -28.64 -19.79
C ALA B 180 18.37 -27.50 -19.31
N ARG B 181 17.32 -27.86 -18.58
CA ARG B 181 16.35 -26.91 -18.07
C ARG B 181 16.36 -26.93 -16.55
N ASP B 182 16.13 -25.75 -15.96
CA ASP B 182 15.91 -25.66 -14.52
C ASP B 182 14.44 -25.87 -14.21
N ASN B 183 14.09 -25.73 -12.92
CA ASN B 183 12.71 -25.93 -12.51
C ASN B 183 11.77 -24.90 -13.13
N MET B 184 12.28 -23.70 -13.43
CA MET B 184 11.49 -22.70 -14.12
C MET B 184 11.27 -23.05 -15.59
N GLY B 185 12.11 -23.92 -16.15
CA GLY B 185 12.06 -24.22 -17.56
C GLY B 185 13.05 -23.46 -18.41
N ARG B 186 14.13 -22.96 -17.81
CA ARG B 186 15.08 -22.08 -18.46
C ARG B 186 16.39 -22.83 -18.71
N ASN B 187 16.99 -22.62 -19.87
CA ASN B 187 18.27 -23.21 -20.21
C ASN B 187 19.38 -22.20 -19.97
N ALA B 188 20.62 -22.62 -20.26
CA ALA B 188 21.77 -21.75 -20.04
C ALA B 188 21.75 -20.54 -20.97
N LEU B 189 21.07 -20.64 -22.12
CA LEU B 189 20.99 -19.51 -23.03
C LEU B 189 20.28 -18.33 -22.36
N VAL B 190 19.24 -18.60 -21.57
CA VAL B 190 18.56 -17.55 -20.84
C VAL B 190 19.49 -16.93 -19.81
N TYR B 191 20.22 -17.78 -19.07
CA TYR B 191 21.18 -17.27 -18.09
C TYR B 191 22.28 -16.47 -18.76
N ALA B 192 22.62 -16.80 -20.01
CA ALA B 192 23.66 -16.09 -20.72
C ALA B 192 23.24 -14.66 -21.04
N LEU B 193 22.03 -14.49 -21.59
CA LEU B 193 21.57 -13.18 -22.02
C LEU B 193 21.33 -12.21 -20.87
N LEU B 194 21.44 -12.67 -19.62
CA LEU B 194 21.26 -11.80 -18.47
C LEU B 194 22.56 -11.17 -17.98
N ASN B 195 23.70 -11.63 -18.49
CA ASN B 195 24.99 -11.05 -18.13
C ASN B 195 25.12 -9.64 -18.69
N PRO B 196 25.34 -8.62 -17.85
CA PRO B 196 25.42 -7.25 -18.36
C PRO B 196 26.55 -7.03 -19.36
N ASP B 197 27.59 -7.86 -19.33
CA ASP B 197 28.70 -7.71 -20.27
C ASP B 197 28.24 -8.09 -21.67
N ASP B 198 28.37 -7.15 -22.61
CA ASP B 198 27.93 -7.42 -23.98
C ASP B 198 28.78 -8.49 -24.65
N GLY B 199 30.09 -8.42 -24.47
CA GLY B 199 30.99 -9.36 -25.09
C GLY B 199 30.81 -10.80 -24.62
N LYS B 200 30.89 -11.01 -23.30
CA LYS B 200 30.76 -12.35 -22.75
C LYS B 200 29.42 -12.97 -23.11
N ALA B 201 28.35 -12.17 -23.10
CA ALA B 201 27.03 -12.71 -23.48
C ALA B 201 27.03 -13.15 -24.93
N LYS B 202 27.65 -12.38 -25.82
CA LYS B 202 27.73 -12.76 -27.23
C LYS B 202 28.50 -14.08 -27.40
N ALA B 203 29.66 -14.19 -26.73
CA ALA B 203 30.49 -15.37 -26.89
C ALA B 203 29.77 -16.63 -26.41
N ILE B 204 29.19 -16.58 -25.22
CA ILE B 204 28.53 -17.76 -24.65
C ILE B 204 27.32 -18.14 -25.49
N THR B 205 26.61 -17.14 -26.02
CA THR B 205 25.46 -17.44 -26.88
C THR B 205 25.88 -18.26 -28.09
N ARG B 206 26.98 -17.87 -28.73
CA ARG B 206 27.51 -18.63 -29.87
C ARG B 206 27.85 -20.06 -29.46
N LEU B 207 28.57 -20.21 -28.34
CA LEU B 207 28.93 -21.54 -27.87
C LEU B 207 27.68 -22.38 -27.58
N LEU B 208 26.65 -21.76 -26.99
CA LEU B 208 25.44 -22.50 -26.64
C LEU B 208 24.59 -22.79 -27.86
N LEU B 209 24.50 -21.84 -28.80
CA LEU B 209 23.69 -22.06 -30.00
C LEU B 209 24.31 -23.13 -30.88
N ASP B 210 25.64 -23.14 -30.98
CA ASP B 210 26.32 -24.13 -31.83
C ASP B 210 26.14 -25.55 -31.32
N HIS B 211 25.85 -25.74 -30.03
CA HIS B 211 25.64 -27.06 -29.45
C HIS B 211 24.18 -27.50 -29.52
N GLY B 212 23.27 -26.62 -29.90
CA GLY B 212 21.88 -26.95 -30.01
C GLY B 212 21.01 -26.52 -28.85
N ALA B 213 21.33 -25.39 -28.21
CA ALA B 213 20.48 -24.88 -27.15
C ALA B 213 19.15 -24.39 -27.72
N ASP B 214 18.06 -24.75 -27.04
CA ASP B 214 16.75 -24.30 -27.48
C ASP B 214 16.65 -22.79 -27.40
N VAL B 215 16.23 -22.18 -28.52
CA VAL B 215 16.11 -20.73 -28.60
C VAL B 215 14.67 -20.26 -28.42
N ASN B 216 13.71 -21.19 -28.39
CA ASN B 216 12.29 -20.88 -28.19
C ASN B 216 11.88 -21.09 -26.74
N VAL B 217 12.73 -20.72 -25.79
CA VAL B 217 12.47 -20.94 -24.38
C VAL B 217 11.93 -19.66 -23.77
N ARG B 218 11.45 -19.77 -22.53
CA ARG B 218 10.86 -18.65 -21.79
C ARG B 218 11.62 -18.42 -20.49
N GLY B 219 11.84 -17.15 -20.17
CA GLY B 219 12.50 -16.80 -18.92
C GLY B 219 11.59 -16.05 -17.98
N GLU B 220 12.15 -15.12 -17.21
CA GLU B 220 11.35 -14.30 -16.31
C GLU B 220 10.28 -13.54 -17.10
N GLY B 221 9.04 -13.63 -16.65
CA GLY B 221 7.96 -12.91 -17.31
C GLY B 221 7.61 -13.43 -18.69
N SER B 222 7.83 -14.72 -18.94
CA SER B 222 7.54 -15.34 -20.24
C SER B 222 8.32 -14.68 -21.37
N LYS B 223 9.50 -14.15 -21.07
CA LYS B 223 10.32 -13.50 -22.07
C LYS B 223 11.15 -14.51 -22.84
N THR B 224 11.17 -14.36 -24.16
CA THR B 224 11.98 -15.21 -25.02
C THR B 224 13.42 -14.70 -25.07
N PRO B 225 14.37 -15.53 -25.53
CA PRO B 225 15.74 -15.02 -25.73
C PRO B 225 15.80 -13.84 -26.68
N LEU B 226 14.98 -13.84 -27.72
CA LEU B 226 14.95 -12.70 -28.65
C LEU B 226 14.51 -11.42 -27.94
N ILE B 227 13.53 -11.53 -27.04
CA ILE B 227 13.02 -10.35 -26.34
C ILE B 227 14.10 -9.74 -25.44
N LEU B 228 14.86 -10.59 -24.75
CA LEU B 228 15.91 -10.07 -23.87
C LEU B 228 16.96 -9.29 -24.66
N ALA B 229 17.27 -9.74 -25.87
CA ALA B 229 18.24 -9.02 -26.70
C ALA B 229 17.69 -7.66 -27.12
N VAL B 230 16.39 -7.57 -27.40
CA VAL B 230 15.79 -6.31 -27.78
C VAL B 230 15.76 -5.34 -26.60
N GLU B 231 15.33 -5.84 -25.43
CA GLU B 231 15.29 -5.00 -24.24
C GLU B 231 16.67 -4.55 -23.82
N ARG B 232 17.70 -5.36 -24.12
CA ARG B 232 19.07 -4.97 -23.84
C ARG B 232 19.61 -3.98 -24.86
N LYS B 233 18.94 -3.83 -26.01
CA LYS B 233 19.38 -2.94 -27.09
C LYS B 233 20.76 -3.36 -27.61
N ASN B 234 20.83 -4.58 -28.12
CA ASN B 234 22.07 -5.15 -28.64
C ASN B 234 21.76 -5.79 -30.00
N LEU B 235 22.07 -5.07 -31.08
CA LEU B 235 21.82 -5.58 -32.43
C LEU B 235 22.57 -6.89 -32.68
N ASP B 236 23.79 -7.01 -32.15
CA ASP B 236 24.59 -8.20 -32.36
C ASP B 236 23.86 -9.45 -31.85
N LEU B 237 23.30 -9.37 -30.65
CA LEU B 237 22.58 -10.52 -30.09
C LEU B 237 21.33 -10.87 -30.90
N VAL B 238 20.70 -9.87 -31.52
CA VAL B 238 19.51 -10.14 -32.31
C VAL B 238 19.86 -10.89 -33.59
N GLN B 239 20.95 -10.48 -34.26
CA GLN B 239 21.38 -11.17 -35.47
C GLN B 239 21.78 -12.62 -35.18
N MET B 240 22.50 -12.84 -34.08
CA MET B 240 22.93 -14.18 -33.73
C MET B 240 21.75 -15.10 -33.49
N LEU B 241 20.67 -14.58 -32.91
CA LEU B 241 19.49 -15.40 -32.64
C LEU B 241 18.66 -15.62 -33.91
N LEU B 242 18.54 -14.60 -34.75
CA LEU B 242 17.76 -14.73 -35.97
C LEU B 242 18.46 -15.59 -37.03
N GLU B 243 19.72 -15.98 -36.80
CA GLU B 243 20.37 -16.92 -37.70
C GLU B 243 19.80 -18.32 -37.60
N GLN B 244 19.08 -18.62 -36.52
CA GLN B 244 18.40 -19.90 -36.39
C GLN B 244 17.08 -19.87 -37.13
N GLU B 245 16.82 -20.88 -37.95
CA GLU B 245 15.59 -20.91 -38.74
C GLU B 245 14.39 -21.37 -37.94
N GLN B 246 14.60 -22.22 -36.93
CA GLN B 246 13.50 -22.74 -36.13
C GLN B 246 12.96 -21.73 -35.13
N ILE B 247 13.61 -20.58 -34.96
CA ILE B 247 13.15 -19.59 -34.01
C ILE B 247 11.78 -19.05 -34.40
N GLU B 248 10.92 -18.88 -33.40
CA GLU B 248 9.61 -18.27 -33.59
C GLU B 248 9.78 -16.78 -33.28
N VAL B 249 9.77 -15.95 -34.32
CA VAL B 249 10.03 -14.53 -34.13
C VAL B 249 8.82 -13.81 -33.56
N ASN B 250 7.62 -14.29 -33.84
CA ASN B 250 6.38 -13.68 -33.35
C ASN B 250 5.91 -14.27 -32.03
N ASP B 251 6.83 -14.55 -31.11
CA ASP B 251 6.47 -15.03 -29.78
C ASP B 251 6.29 -13.83 -28.85
N THR B 252 5.29 -13.92 -27.98
CA THR B 252 4.88 -12.83 -27.11
C THR B 252 5.21 -13.16 -25.66
N ASP B 253 5.58 -12.13 -24.90
CA ASP B 253 5.86 -12.28 -23.48
C ASP B 253 4.56 -12.31 -22.67
N ARG B 254 4.67 -12.09 -21.36
CA ARG B 254 3.49 -12.12 -20.50
C ARG B 254 2.48 -11.05 -20.90
N GLU B 255 2.94 -9.82 -21.10
CA GLU B 255 2.06 -8.71 -21.45
C GLU B 255 1.66 -8.71 -22.92
N GLY B 256 1.99 -9.76 -23.67
CA GLY B 256 1.62 -9.83 -25.06
C GLY B 256 2.42 -8.93 -25.99
N LYS B 257 3.62 -8.54 -25.58
CA LYS B 257 4.48 -7.73 -26.41
C LYS B 257 5.45 -8.62 -27.18
N THR B 258 5.49 -8.44 -28.50
CA THR B 258 6.36 -9.23 -29.36
C THR B 258 7.71 -8.56 -29.52
N ALA B 259 8.63 -9.28 -30.16
CA ALA B 259 9.98 -8.76 -30.38
C ALA B 259 9.96 -7.47 -31.18
N LEU B 260 9.13 -7.41 -32.23
CA LEU B 260 9.04 -6.21 -33.04
C LEU B 260 8.42 -5.05 -32.24
N LEU B 261 7.36 -5.33 -31.49
CA LEU B 261 6.68 -4.30 -30.73
C LEU B 261 7.62 -3.60 -29.76
N LEU B 262 8.38 -4.38 -28.99
CA LEU B 262 9.31 -3.79 -28.02
C LEU B 262 10.42 -3.00 -28.72
N ALA B 263 10.77 -3.39 -29.94
CA ALA B 263 11.83 -2.69 -30.67
C ALA B 263 11.40 -1.30 -31.10
N VAL B 264 10.18 -1.17 -31.61
CA VAL B 264 9.66 0.15 -32.01
C VAL B 264 9.52 1.05 -30.78
N GLU B 265 9.02 0.50 -29.68
CA GLU B 265 8.81 1.30 -28.48
C GLU B 265 10.12 1.90 -27.97
N LEU B 266 11.22 1.18 -28.11
CA LEU B 266 12.51 1.60 -27.56
C LEU B 266 13.37 2.34 -28.57
N ARG B 267 12.83 2.67 -29.74
CA ARG B 267 13.52 3.49 -30.74
C ARG B 267 14.79 2.81 -31.26
N LEU B 268 14.63 1.58 -31.71
CA LEU B 268 15.72 0.78 -32.27
C LEU B 268 15.41 0.55 -33.74
N GLU B 269 15.90 1.46 -34.59
CA GLU B 269 15.57 1.43 -36.01
C GLU B 269 16.00 0.11 -36.66
N GLU B 270 17.30 -0.20 -36.61
CA GLU B 270 17.82 -1.32 -37.37
C GLU B 270 17.28 -2.65 -36.88
N ILE B 271 17.14 -2.81 -35.56
CA ILE B 271 16.60 -4.06 -35.02
C ILE B 271 15.17 -4.27 -35.51
N ALA B 272 14.37 -3.20 -35.52
CA ALA B 272 13.01 -3.31 -36.05
C ALA B 272 13.02 -3.64 -37.53
N LYS B 273 13.87 -2.97 -38.30
CA LYS B 273 14.00 -3.31 -39.72
C LYS B 273 14.45 -4.74 -39.91
N LEU B 274 15.40 -5.21 -39.09
CA LEU B 274 15.89 -6.57 -39.22
C LEU B 274 14.79 -7.57 -38.91
N LEU B 275 13.94 -7.27 -37.93
CA LEU B 275 12.86 -8.19 -37.57
C LEU B 275 11.83 -8.29 -38.69
N CYS B 276 11.51 -7.18 -39.34
CA CYS B 276 10.58 -7.22 -40.45
C CYS B 276 11.14 -8.01 -41.62
N HIS B 277 12.43 -7.82 -41.92
CA HIS B 277 13.08 -8.59 -42.97
C HIS B 277 13.15 -10.08 -42.65
N ARG B 278 12.90 -10.47 -41.40
CA ARG B 278 12.91 -11.87 -41.00
C ARG B 278 11.52 -12.44 -40.80
N GLY B 279 10.48 -11.72 -41.20
CA GLY B 279 9.13 -12.25 -41.15
C GLY B 279 8.35 -11.96 -39.89
N ALA B 280 8.71 -10.92 -39.15
CA ALA B 280 7.93 -10.54 -37.97
C ALA B 280 6.64 -9.84 -38.39
N SER B 281 5.55 -10.18 -37.70
CA SER B 281 4.24 -9.68 -38.08
C SER B 281 4.10 -8.21 -37.71
N THR B 282 3.45 -7.46 -38.59
CA THR B 282 3.24 -6.02 -38.40
C THR B 282 1.84 -5.70 -37.89
N ASN B 283 0.98 -6.71 -37.72
CA ASN B 283 -0.38 -6.50 -37.25
C ASN B 283 -0.54 -6.95 -35.81
N CYS B 284 0.49 -6.72 -34.99
CA CYS B 284 0.44 -6.98 -33.56
C CYS B 284 0.40 -5.69 -32.75
N GLY B 285 0.04 -4.59 -33.38
CA GLY B 285 0.01 -3.30 -32.72
C GLY B 285 0.12 -2.18 -33.73
N ASP B 286 -0.24 -0.97 -33.27
CA ASP B 286 -0.16 0.23 -34.10
C ASP B 286 1.28 0.71 -34.10
N LEU B 287 2.11 0.03 -34.90
CA LEU B 287 3.55 0.27 -34.87
C LEU B 287 3.93 1.62 -35.46
N VAL B 288 3.19 2.09 -36.47
CA VAL B 288 3.54 3.33 -37.15
C VAL B 288 3.42 4.51 -36.18
N ALA B 289 2.31 4.60 -35.46
CA ALA B 289 2.11 5.68 -34.50
C ALA B 289 3.14 5.62 -33.37
N ILE B 290 3.60 4.43 -33.01
CA ILE B 290 4.57 4.31 -31.93
C ILE B 290 5.92 4.88 -32.34
N ALA B 291 6.37 4.54 -33.54
CA ALA B 291 7.61 5.14 -34.05
C ALA B 291 7.43 6.63 -34.31
N ARG B 292 6.20 7.07 -34.59
CA ARG B 292 5.95 8.48 -34.84
C ARG B 292 6.12 9.30 -33.57
N ARG B 293 5.55 8.84 -32.45
CA ARG B 293 5.70 9.57 -31.19
C ARG B 293 7.12 9.49 -30.66
N ASN B 294 7.92 8.55 -31.14
CA ASN B 294 9.34 8.47 -30.80
C ASN B 294 10.19 9.39 -31.66
N TYR B 295 9.60 10.02 -32.68
CA TYR B 295 10.32 10.87 -33.63
C TYR B 295 11.41 10.08 -34.35
N ASP B 296 11.02 8.93 -34.89
CA ASP B 296 11.90 8.08 -35.70
C ASP B 296 11.37 8.14 -37.13
N SER B 297 11.74 9.22 -37.82
CA SER B 297 11.20 9.48 -39.15
C SER B 297 11.49 8.33 -40.12
N ASP B 298 12.72 7.81 -40.09
CA ASP B 298 13.07 6.72 -41.00
C ASP B 298 12.28 5.45 -40.69
N LEU B 299 12.12 5.13 -39.40
CA LEU B 299 11.39 3.92 -39.04
C LEU B 299 9.90 4.05 -39.34
N VAL B 300 9.35 5.26 -39.25
CA VAL B 300 7.96 5.48 -39.62
C VAL B 300 7.75 5.19 -41.10
N LYS B 301 8.58 5.81 -41.94
CA LYS B 301 8.50 5.58 -43.39
C LYS B 301 8.64 4.11 -43.71
N PHE B 302 9.66 3.46 -43.16
CA PHE B 302 9.92 2.05 -43.44
C PHE B 302 8.70 1.18 -43.14
N LEU B 303 7.99 1.47 -42.05
CA LEU B 303 6.84 0.66 -41.69
C LEU B 303 5.60 0.98 -42.53
N ARG B 304 5.50 2.20 -43.06
CA ARG B 304 4.37 2.50 -43.95
C ARG B 304 4.46 1.72 -45.25
N LEU B 305 5.66 1.43 -45.72
CA LEU B 305 5.81 0.64 -46.93
C LEU B 305 5.42 -0.83 -46.73
N HIS B 306 5.21 -1.25 -45.48
CA HIS B 306 4.81 -2.62 -45.19
C HIS B 306 3.45 -2.66 -44.49
N ASN B 318 -12.47 0.00 -21.89
CA ASN B 318 -13.43 -0.68 -21.03
C ASN B 318 -13.16 -0.40 -19.55
N TRP B 319 -12.00 0.18 -19.27
CA TRP B 319 -11.65 0.51 -17.88
C TRP B 319 -12.61 1.56 -17.35
N LYS B 320 -13.29 1.24 -16.25
CA LYS B 320 -14.32 2.10 -15.70
C LYS B 320 -13.87 2.68 -14.36
N PRO B 321 -13.75 4.00 -14.24
CA PRO B 321 -13.40 4.59 -12.95
C PRO B 321 -14.56 4.52 -11.97
N GLN B 322 -14.23 4.59 -10.70
CA GLN B 322 -15.24 4.53 -9.64
C GLN B 322 -15.59 5.91 -9.09
N SER B 323 -14.68 6.87 -9.16
CA SER B 323 -14.98 8.22 -8.72
C SER B 323 -15.91 8.92 -9.71
N SER B 324 -16.81 9.75 -9.20
CA SER B 324 -17.78 10.45 -10.01
C SER B 324 -17.27 11.81 -10.47
N ARG B 325 -16.71 12.60 -9.56
CA ARG B 325 -16.20 13.92 -9.90
C ARG B 325 -15.10 13.83 -10.96
N TRP B 326 -14.14 12.94 -10.74
CA TRP B 326 -12.97 12.82 -11.62
C TRP B 326 -13.18 11.79 -12.73
N GLY B 327 -14.35 11.16 -12.80
CA GLY B 327 -14.62 10.08 -13.73
C GLY B 327 -14.18 10.30 -15.16
N GLU B 328 -14.73 11.32 -15.82
CA GLU B 328 -14.42 11.56 -17.23
C GLU B 328 -12.93 11.84 -17.44
N ALA B 329 -12.25 12.40 -16.44
CA ALA B 329 -10.82 12.64 -16.57
C ALA B 329 -10.01 11.34 -16.51
N LEU B 330 -10.42 10.41 -15.64
CA LEU B 330 -9.72 9.13 -15.55
C LEU B 330 -9.86 8.32 -16.82
N LYS B 331 -11.04 8.39 -17.47
CA LYS B 331 -11.23 7.72 -18.75
C LYS B 331 -10.20 8.18 -19.77
N HIS B 332 -9.89 9.48 -19.78
CA HIS B 332 -8.91 10.00 -20.73
C HIS B 332 -7.50 9.56 -20.37
N LEU B 333 -7.13 9.65 -19.10
CA LEU B 333 -5.77 9.28 -18.68
C LEU B 333 -5.48 7.81 -18.94
N HIS B 334 -6.49 6.95 -18.78
CA HIS B 334 -6.32 5.55 -19.13
C HIS B 334 -6.26 5.36 -20.63
N ARG B 335 -7.00 6.17 -21.38
CA ARG B 335 -7.03 6.05 -22.84
C ARG B 335 -5.70 6.47 -23.46
N ILE B 336 -5.16 7.63 -23.05
CA ILE B 336 -3.92 8.13 -23.64
C ILE B 336 -2.74 7.26 -23.21
N TRP B 337 -1.67 7.34 -23.98
CA TRP B 337 -0.45 6.61 -23.70
C TRP B 337 0.52 7.51 -22.93
N ARG B 338 1.03 7.00 -21.81
CA ARG B 338 2.04 7.68 -21.03
C ARG B 338 3.14 6.70 -20.64
N PRO B 339 4.37 7.17 -20.52
CA PRO B 339 5.43 6.32 -19.95
C PRO B 339 5.22 6.16 -18.44
N MET B 340 5.59 4.99 -17.95
CA MET B 340 5.37 4.66 -16.54
C MET B 340 6.54 5.14 -15.70
N ILE B 341 6.22 5.75 -14.56
CA ILE B 341 7.22 6.13 -13.56
C ILE B 341 7.12 5.07 -12.47
N GLY B 342 7.82 3.96 -12.66
CA GLY B 342 7.65 2.80 -11.81
C GLY B 342 6.28 2.18 -11.97
N LYS B 343 5.46 2.26 -10.92
CA LYS B 343 4.09 1.74 -10.96
C LYS B 343 3.06 2.82 -11.22
N LEU B 344 3.48 4.08 -11.41
CA LEU B 344 2.58 5.22 -11.52
C LEU B 344 2.50 5.69 -12.96
N LYS B 345 1.27 5.82 -13.48
CA LYS B 345 1.01 6.46 -14.76
C LYS B 345 0.44 7.85 -14.48
N ILE B 346 1.18 8.88 -14.84
CA ILE B 346 0.80 10.26 -14.55
C ILE B 346 1.18 11.15 -15.73
N PHE B 347 0.38 12.19 -15.94
CA PHE B 347 0.64 13.21 -16.94
C PHE B 347 0.39 14.57 -16.30
N ILE B 348 1.40 15.43 -16.33
CA ILE B 348 1.29 16.76 -15.74
C ILE B 348 0.60 17.65 -16.76
N ASP B 349 -0.69 17.90 -16.55
CA ASP B 349 -1.49 18.72 -17.45
C ASP B 349 -2.59 19.38 -16.63
N GLU B 350 -3.10 20.50 -17.17
CA GLU B 350 -4.17 21.21 -16.47
C GLU B 350 -5.46 20.40 -16.41
N GLU B 351 -5.66 19.49 -17.36
CA GLU B 351 -6.86 18.66 -17.36
C GLU B 351 -6.91 17.74 -16.15
N TYR B 352 -5.75 17.26 -15.68
CA TYR B 352 -5.69 16.31 -14.58
C TYR B 352 -5.21 16.96 -13.29
N LYS B 353 -5.32 18.28 -13.17
CA LYS B 353 -4.90 18.97 -11.96
C LYS B 353 -6.00 18.89 -10.89
N ILE B 354 -5.59 18.65 -9.66
CA ILE B 354 -6.50 18.55 -8.53
C ILE B 354 -6.42 19.78 -7.63
N ALA B 355 -5.20 20.19 -7.27
CA ALA B 355 -4.99 21.34 -6.40
C ALA B 355 -3.51 21.70 -6.42
N ASP B 356 -3.21 22.91 -5.96
CA ASP B 356 -1.85 23.40 -5.86
C ASP B 356 -1.36 23.28 -4.42
N THR B 357 -0.09 22.90 -4.27
CA THR B 357 0.57 22.81 -2.97
C THR B 357 1.82 23.67 -2.98
N ALA B 358 2.51 23.72 -1.85
CA ALA B 358 3.75 24.49 -1.76
C ALA B 358 4.83 23.92 -2.67
N GLU B 359 4.68 22.67 -3.12
CA GLU B 359 5.62 22.05 -4.04
C GLU B 359 4.86 21.04 -4.88
N GLY B 360 4.85 21.24 -6.20
CA GLY B 360 4.48 20.21 -7.14
C GLY B 360 3.01 20.13 -7.49
N GLY B 361 2.12 20.53 -6.59
CA GLY B 361 0.70 20.41 -6.83
C GLY B 361 0.23 18.97 -6.74
N ILE B 362 -1.07 18.78 -6.99
CA ILE B 362 -1.72 17.48 -6.88
C ILE B 362 -2.39 17.16 -8.21
N TYR B 363 -2.09 15.98 -8.76
CA TYR B 363 -2.61 15.58 -10.06
C TYR B 363 -3.22 14.19 -9.98
N LEU B 364 -4.02 13.86 -10.99
CA LEU B 364 -4.57 12.53 -11.15
C LEU B 364 -3.52 11.58 -11.70
N GLY B 365 -3.62 10.32 -11.30
CA GLY B 365 -2.72 9.29 -11.78
C GLY B 365 -3.36 7.92 -11.68
N LEU B 366 -2.67 6.94 -12.26
CA LEU B 366 -3.09 5.55 -12.19
C LEU B 366 -1.94 4.73 -11.64
N TYR B 367 -2.16 4.08 -10.50
CA TYR B 367 -1.13 3.33 -9.79
C TYR B 367 -1.56 1.88 -9.71
N GLU B 368 -0.91 1.02 -10.50
CA GLU B 368 -1.32 -0.36 -10.69
C GLU B 368 -2.79 -0.43 -11.12
N ASP B 369 -3.12 0.37 -12.13
CA ASP B 369 -4.46 0.43 -12.74
C ASP B 369 -5.53 0.91 -11.77
N GLN B 370 -5.13 1.50 -10.64
CA GLN B 370 -6.04 2.06 -9.66
C GLN B 370 -5.97 3.57 -9.69
N GLU B 371 -7.13 4.22 -9.55
CA GLU B 371 -7.18 5.67 -9.54
C GLU B 371 -6.60 6.19 -8.23
N VAL B 372 -5.70 7.17 -8.32
CA VAL B 372 -5.00 7.69 -7.15
C VAL B 372 -4.82 9.19 -7.29
N ALA B 373 -4.71 9.86 -6.16
CA ALA B 373 -4.28 11.25 -6.10
C ALA B 373 -2.80 11.29 -5.80
N VAL B 374 -2.06 12.11 -6.55
CA VAL B 374 -0.60 12.13 -6.48
C VAL B 374 -0.17 13.49 -5.97
N LYS B 375 0.51 13.49 -4.83
CA LYS B 375 1.17 14.68 -4.30
C LYS B 375 2.63 14.62 -4.72
N ARG B 376 3.14 15.71 -5.27
CA ARG B 376 4.45 15.74 -5.89
C ARG B 376 5.42 16.55 -5.04
N PHE B 377 6.63 16.03 -4.89
CA PHE B 377 7.70 16.72 -4.17
C PHE B 377 8.99 16.60 -4.97
N SER B 378 9.89 17.55 -4.76
CA SER B 378 11.26 17.36 -5.19
C SER B 378 11.89 16.24 -4.39
N GLU B 379 12.61 15.35 -5.08
CA GLU B 379 13.13 14.15 -4.44
C GLU B 379 14.08 14.46 -3.29
N GLY B 380 14.58 15.68 -3.21
CA GLY B 380 15.43 16.10 -2.12
C GLY B 380 14.68 16.72 -0.96
N SER B 381 13.42 17.09 -1.18
CA SER B 381 12.66 17.84 -0.19
C SER B 381 12.54 17.06 1.13
N THR B 382 12.83 17.76 2.23
CA THR B 382 12.64 17.16 3.55
C THR B 382 11.17 16.98 3.88
N ARG B 383 10.33 17.92 3.44
CA ARG B 383 8.89 17.80 3.68
C ARG B 383 8.32 16.59 2.95
N GLY B 384 8.80 16.33 1.72
CA GLY B 384 8.42 15.10 1.03
C GLY B 384 8.82 13.86 1.81
N GLN B 385 10.00 13.90 2.44
CA GLN B 385 10.44 12.77 3.26
C GLN B 385 9.57 12.63 4.50
N GLN B 386 9.18 13.75 5.12
CA GLN B 386 8.32 13.68 6.30
C GLN B 386 6.95 13.14 5.95
N GLU B 387 6.43 13.48 4.76
CA GLU B 387 5.15 12.94 4.33
C GLU B 387 5.22 11.43 4.15
N VAL B 388 6.16 10.95 3.35
CA VAL B 388 6.26 9.52 3.11
C VAL B 388 6.64 8.78 4.39
N SER B 389 7.35 9.43 5.31
CA SER B 389 7.67 8.80 6.58
C SER B 389 6.43 8.61 7.44
N CYS B 390 5.56 9.62 7.49
CA CYS B 390 4.36 9.52 8.31
C CYS B 390 3.35 8.55 7.71
N LEU B 391 3.26 8.52 6.36
CA LEU B 391 2.29 7.64 5.71
C LEU B 391 2.63 6.18 5.93
N GLN B 392 3.91 5.82 5.86
CA GLN B 392 4.32 4.42 6.04
C GLN B 392 3.93 3.89 7.41
N SER B 393 3.81 4.78 8.41
CA SER B 393 3.44 4.37 9.75
C SER B 393 1.92 4.36 9.98
N SER B 394 1.14 4.94 9.08
CA SER B 394 -0.30 5.10 9.26
C SER B 394 -1.12 4.25 8.29
N ARG B 395 -0.53 3.21 7.71
CA ARG B 395 -1.28 2.30 6.86
C ARG B 395 -2.38 1.58 7.63
N ALA B 396 -2.13 1.26 8.90
CA ALA B 396 -3.12 0.62 9.75
C ALA B 396 -4.17 1.57 10.30
N ASN B 397 -4.05 2.86 10.01
CA ASN B 397 -5.03 3.86 10.47
C ASN B 397 -6.17 3.90 9.46
N ASP B 398 -7.36 3.47 9.87
CA ASP B 398 -8.49 3.38 8.94
C ASP B 398 -8.99 4.76 8.52
N ASN B 399 -8.81 5.78 9.35
CA ASN B 399 -9.34 7.11 9.09
C ASN B 399 -8.29 8.06 8.55
N VAL B 400 -7.17 7.53 8.06
CA VAL B 400 -6.17 8.29 7.31
C VAL B 400 -6.25 7.85 5.86
N VAL B 401 -6.10 8.80 4.94
CA VAL B 401 -6.17 8.49 3.52
C VAL B 401 -5.25 7.32 3.20
N THR B 402 -5.75 6.38 2.40
CA THR B 402 -5.03 5.14 2.14
C THR B 402 -3.79 5.41 1.30
N PHE B 403 -2.63 5.01 1.81
CA PHE B 403 -1.36 5.24 1.14
C PHE B 403 -1.06 4.06 0.21
N TYR B 404 -0.91 4.36 -1.09
CA TYR B 404 -0.63 3.32 -2.07
C TYR B 404 0.87 3.05 -2.19
N GLY B 405 1.66 4.09 -2.45
CA GLY B 405 3.09 3.92 -2.57
C GLY B 405 3.74 5.18 -3.11
N SER B 406 5.07 5.14 -3.15
CA SER B 406 5.88 6.25 -3.62
C SER B 406 6.76 5.80 -4.77
N GLU B 407 6.76 6.57 -5.86
CA GLU B 407 7.57 6.29 -7.04
C GLU B 407 8.39 7.53 -7.38
N SER B 408 9.66 7.30 -7.72
CA SER B 408 10.59 8.39 -8.01
C SER B 408 10.91 8.41 -9.49
N ASP B 409 10.89 9.62 -10.07
CA ASP B 409 11.27 9.84 -11.46
C ASP B 409 12.72 10.29 -11.62
N GLY B 410 13.50 10.28 -10.54
CA GLY B 410 14.85 10.78 -10.53
C GLY B 410 14.99 12.19 -9.99
N SER B 411 13.96 13.02 -10.14
CA SER B 411 13.97 14.37 -9.61
C SER B 411 12.70 14.75 -8.86
N CYS B 412 11.65 13.94 -8.94
CA CYS B 412 10.36 14.26 -8.33
C CYS B 412 9.87 13.08 -7.52
N LEU B 413 9.60 13.31 -6.24
CA LEU B 413 9.04 12.29 -5.37
C LEU B 413 7.52 12.26 -5.54
N HIS B 414 7.01 11.21 -6.17
CA HIS B 414 5.57 11.06 -6.37
C HIS B 414 5.00 10.26 -5.22
N VAL B 415 4.02 10.82 -4.52
CA VAL B 415 3.33 10.15 -3.43
C VAL B 415 1.91 9.85 -3.91
N CYS B 416 1.59 8.57 -4.04
CA CYS B 416 0.27 8.15 -4.51
C CYS B 416 -0.62 7.84 -3.32
N LEU B 417 -1.79 8.47 -3.28
CA LEU B 417 -2.71 8.33 -2.18
C LEU B 417 -4.11 8.03 -2.72
N ALA B 418 -4.97 7.54 -1.84
CA ALA B 418 -6.33 7.21 -2.22
C ALA B 418 -7.06 8.46 -2.73
N LEU B 419 -7.76 8.32 -3.85
CA LEU B 419 -8.42 9.45 -4.47
C LEU B 419 -9.73 9.76 -3.76
N CYS B 420 -9.86 11.01 -3.31
CA CYS B 420 -11.06 11.48 -2.65
C CYS B 420 -11.80 12.46 -3.55
N GLU B 421 -13.10 12.60 -3.29
CA GLU B 421 -13.95 13.48 -4.11
C GLU B 421 -13.69 14.95 -3.78
N TYR B 422 -14.10 15.39 -2.58
CA TYR B 422 -14.07 16.79 -2.23
C TYR B 422 -13.34 17.00 -0.91
N THR B 423 -12.88 18.23 -0.72
CA THR B 423 -12.34 18.67 0.55
C THR B 423 -13.48 18.89 1.55
N LEU B 424 -13.17 18.71 2.84
CA LEU B 424 -14.16 18.96 3.89
C LEU B 424 -14.80 20.33 3.74
N GLN B 425 -13.98 21.35 3.47
CA GLN B 425 -14.51 22.68 3.21
C GLN B 425 -15.48 22.68 2.03
N GLU B 426 -15.07 22.04 0.93
CA GLU B 426 -15.96 21.93 -0.23
C GLU B 426 -17.20 21.11 0.10
N HIS B 427 -17.04 20.05 0.90
CA HIS B 427 -18.13 19.13 1.18
C HIS B 427 -19.25 19.81 1.96
N LEU B 428 -18.90 20.60 2.98
CA LEU B 428 -19.92 21.27 3.78
C LEU B 428 -20.75 22.23 2.94
N ALA B 429 -20.13 22.89 1.97
CA ALA B 429 -20.86 23.78 1.08
C ALA B 429 -21.86 23.00 0.23
N ASN B 430 -21.42 21.89 -0.37
CA ASN B 430 -22.25 21.17 -1.32
C ASN B 430 -23.45 20.52 -0.65
N HIS B 431 -23.36 20.22 0.64
CA HIS B 431 -24.47 19.62 1.38
C HIS B 431 -25.05 20.58 2.41
N ARG B 432 -24.83 21.88 2.24
CA ARG B 432 -25.33 22.87 3.19
C ARG B 432 -26.85 22.93 3.17
N GLY B 433 -27.46 22.74 2.01
CA GLY B 433 -28.90 22.82 1.83
C GLY B 433 -29.67 21.56 2.11
N ASP B 434 -29.03 20.52 2.65
CA ASP B 434 -29.70 19.23 2.79
C ASP B 434 -30.64 19.20 3.99
N ALA B 435 -30.13 19.58 5.16
CA ALA B 435 -30.89 19.46 6.40
C ALA B 435 -31.66 20.74 6.70
N VAL B 436 -32.93 20.59 7.04
CA VAL B 436 -33.71 21.72 7.55
C VAL B 436 -33.01 22.29 8.77
N PRO B 437 -32.99 23.61 8.98
CA PRO B 437 -32.15 24.18 10.05
C PRO B 437 -32.43 23.64 11.45
N ASN B 438 -33.63 23.10 11.70
CA ASN B 438 -33.91 22.56 13.03
C ASN B 438 -33.93 21.03 13.00
N GLU B 439 -32.86 20.42 12.51
CA GLU B 439 -32.74 18.97 12.46
C GLU B 439 -31.40 18.56 13.04
N GLU B 440 -31.39 17.38 13.67
CA GLU B 440 -30.18 16.84 14.26
C GLU B 440 -29.06 16.69 13.24
N ASP B 441 -27.89 17.26 13.55
CA ASP B 441 -26.75 17.28 12.63
C ASP B 441 -25.95 15.99 12.83
N GLU B 442 -26.48 14.92 12.23
CA GLU B 442 -25.81 13.62 12.33
C GLU B 442 -24.47 13.61 11.61
N SER B 443 -24.40 14.26 10.44
CA SER B 443 -23.18 14.24 9.65
C SER B 443 -22.01 14.86 10.39
N ALA B 444 -22.26 15.90 11.20
CA ALA B 444 -21.18 16.55 11.93
C ALA B 444 -20.53 15.60 12.92
N ARG B 445 -21.33 14.72 13.55
CA ARG B 445 -20.77 13.76 14.48
C ARG B 445 -19.94 12.71 13.76
N ASN B 446 -20.39 12.27 12.59
CA ASN B 446 -19.63 11.26 11.83
C ASN B 446 -18.29 11.80 11.38
N ILE B 447 -18.25 13.08 10.99
CA ILE B 447 -17.00 13.68 10.53
C ILE B 447 -16.03 13.87 11.69
N LEU B 448 -16.49 14.47 12.79
CA LEU B 448 -15.60 14.77 13.89
C LEU B 448 -15.10 13.50 14.58
N SER B 449 -15.98 12.51 14.75
CA SER B 449 -15.57 11.25 15.38
C SER B 449 -14.47 10.58 14.58
N SER B 450 -14.63 10.51 13.26
CA SER B 450 -13.59 9.93 12.42
C SER B 450 -12.30 10.75 12.47
N LEU B 451 -12.41 12.06 12.68
CA LEU B 451 -11.20 12.87 12.87
C LEU B 451 -10.55 12.58 14.22
N PHE B 452 -11.36 12.41 15.27
CA PHE B 452 -10.81 12.01 16.55
C PHE B 452 -10.12 10.65 16.45
N LYS B 453 -10.71 9.72 15.71
CA LYS B 453 -10.09 8.41 15.52
C LYS B 453 -8.82 8.52 14.68
N ALA B 454 -8.84 9.35 13.64
CA ALA B 454 -7.66 9.52 12.80
C ALA B 454 -6.51 10.15 13.58
N ILE B 455 -6.77 11.31 14.19
CA ILE B 455 -5.72 12.02 14.93
C ILE B 455 -5.28 11.22 16.15
N GLY B 456 -6.23 10.56 16.82
CA GLY B 456 -5.86 9.72 17.95
C GLY B 456 -4.88 8.63 17.58
N GLU B 457 -5.23 7.83 16.57
CA GLU B 457 -4.34 6.74 16.15
C GLU B 457 -3.05 7.26 15.54
N LEU B 458 -3.07 8.47 14.96
CA LEU B 458 -1.85 9.06 14.46
C LEU B 458 -0.89 9.37 15.60
N HIS B 459 -1.42 9.81 16.74
CA HIS B 459 -0.59 10.03 17.92
C HIS B 459 -0.03 8.72 18.45
N ARG B 460 -0.86 7.67 18.50
CA ARG B 460 -0.36 6.35 18.90
C ARG B 460 0.72 5.84 17.95
N SER B 461 0.70 6.29 16.71
CA SER B 461 1.75 5.96 15.75
C SER B 461 2.97 6.86 15.89
N GLY B 462 2.96 7.82 16.81
CA GLY B 462 4.12 8.64 17.08
C GLY B 462 4.24 9.89 16.23
N TYR B 463 3.19 10.29 15.53
CA TYR B 463 3.23 11.45 14.67
C TYR B 463 2.14 12.45 15.04
N SER B 464 2.43 13.73 14.81
CA SER B 464 1.49 14.81 15.06
C SER B 464 1.33 15.64 13.80
N HIS B 465 0.11 16.08 13.52
CA HIS B 465 -0.18 16.68 12.22
C HIS B 465 0.38 18.10 12.12
N GLN B 466 0.21 18.90 13.17
CA GLN B 466 0.83 20.23 13.31
C GLN B 466 0.24 21.28 12.37
N ASP B 467 -0.62 20.89 11.44
CA ASP B 467 -1.19 21.84 10.50
C ASP B 467 -2.62 21.45 10.15
N LEU B 468 -3.41 21.09 11.16
CA LEU B 468 -4.79 20.67 10.94
C LEU B 468 -5.63 21.85 10.45
N GLN B 469 -6.12 21.74 9.23
CA GLN B 469 -7.02 22.72 8.63
C GLN B 469 -7.98 21.98 7.72
N PRO B 470 -9.15 22.57 7.42
CA PRO B 470 -10.17 21.81 6.69
C PRO B 470 -9.74 21.39 5.29
N GLN B 471 -8.73 22.04 4.70
CA GLN B 471 -8.17 21.56 3.45
C GLN B 471 -7.44 20.24 3.62
N ASN B 472 -7.03 19.91 4.83
CA ASN B 472 -6.31 18.68 5.11
C ASN B 472 -7.24 17.51 5.44
N ILE B 473 -8.56 17.71 5.33
CA ILE B 473 -9.54 16.69 5.64
C ILE B 473 -10.35 16.42 4.38
N LEU B 474 -10.32 15.18 3.91
CA LEU B 474 -10.91 14.79 2.64
C LEU B 474 -12.12 13.90 2.86
N ILE B 475 -12.97 13.84 1.83
CA ILE B 475 -14.16 12.99 1.82
C ILE B 475 -14.11 12.10 0.59
N ASP B 476 -14.27 10.80 0.79
CA ASP B 476 -14.25 9.84 -0.30
C ASP B 476 -15.61 9.80 -0.99
N SER B 477 -15.79 8.82 -1.88
CA SER B 477 -17.07 8.69 -2.58
C SER B 477 -18.19 8.21 -1.67
N LYS B 478 -17.87 7.52 -0.58
CA LYS B 478 -18.87 6.95 0.32
C LYS B 478 -19.08 7.80 1.58
N ASN B 479 -18.83 9.10 1.48
CA ASN B 479 -19.02 10.05 2.58
C ASN B 479 -18.11 9.77 3.78
N GLY B 480 -17.06 8.99 3.58
CA GLY B 480 -16.09 8.76 4.64
C GLY B 480 -15.04 9.87 4.66
N THR B 481 -14.67 10.28 5.87
CA THR B 481 -13.72 11.38 6.07
C THR B 481 -12.36 10.83 6.45
N PHE B 482 -11.31 11.41 5.87
CA PHE B 482 -9.94 10.93 6.05
C PHE B 482 -9.01 12.11 6.30
N LEU B 483 -7.92 11.84 7.01
CA LEU B 483 -6.87 12.82 7.25
C LEU B 483 -5.76 12.65 6.22
N ALA B 484 -5.15 13.78 5.83
CA ALA B 484 -4.11 13.77 4.81
C ALA B 484 -3.18 14.96 5.05
N ASP B 485 -2.25 15.14 4.12
CA ASP B 485 -1.30 16.26 4.12
C ASP B 485 -0.42 16.24 5.38
N PHE B 486 0.42 15.19 5.45
CA PHE B 486 1.39 15.02 6.51
C PHE B 486 2.76 15.55 6.12
N ASP B 487 2.81 16.55 5.24
CA ASP B 487 4.07 17.15 4.84
C ASP B 487 4.74 17.95 5.95
N LYS B 488 4.03 18.25 7.03
CA LYS B 488 4.59 19.00 8.16
C LYS B 488 4.54 18.20 9.46
N SER B 489 4.42 16.88 9.37
CA SER B 489 4.33 16.05 10.56
C SER B 489 5.72 15.87 11.19
N ILE B 490 5.71 15.52 12.48
CA ILE B 490 6.92 15.31 13.25
C ILE B 490 6.71 14.11 14.16
N LYS B 491 7.82 13.55 14.63
CA LYS B 491 7.80 12.53 15.68
C LYS B 491 7.80 13.23 17.03
N TRP B 492 6.69 13.11 17.77
CA TRP B 492 6.50 13.91 18.98
C TRP B 492 7.34 13.45 20.16
N ALA B 493 8.08 12.34 20.04
CA ALA B 493 8.96 11.93 21.13
C ALA B 493 9.97 13.01 21.46
N GLU B 494 10.46 13.74 20.45
CA GLU B 494 11.43 14.80 20.69
C GLU B 494 10.82 15.98 21.43
N ASP B 495 9.51 16.20 21.26
CA ASP B 495 8.82 17.31 21.90
C ASP B 495 7.42 16.83 22.27
N PRO B 496 7.26 16.28 23.48
CA PRO B 496 6.00 15.61 23.82
C PRO B 496 4.80 16.54 23.95
N GLN B 497 4.99 17.78 24.35
CA GLN B 497 3.86 18.67 24.63
C GLN B 497 3.36 19.41 23.40
N LYS B 498 3.96 19.19 22.23
CA LYS B 498 3.44 19.77 21.00
C LYS B 498 2.13 19.14 20.56
N ILE B 499 1.72 18.04 21.20
CA ILE B 499 0.46 17.38 20.86
C ILE B 499 -0.72 18.33 21.08
N LYS B 500 -0.64 19.19 22.10
CA LYS B 500 -1.74 20.09 22.42
C LYS B 500 -2.12 20.96 21.22
N ARG B 501 -1.19 21.21 20.30
CA ARG B 501 -1.50 22.02 19.13
C ARG B 501 -2.49 21.32 18.21
N ASP B 502 -2.32 20.01 18.00
CA ASP B 502 -3.28 19.27 17.20
C ASP B 502 -4.65 19.24 17.85
N LEU B 503 -4.69 19.11 19.18
CA LEU B 503 -5.96 19.12 19.88
C LEU B 503 -6.59 20.51 19.85
N GLU B 504 -5.76 21.56 19.85
CA GLU B 504 -6.28 22.91 19.73
C GLU B 504 -6.91 23.14 18.36
N ALA B 505 -6.21 22.72 17.30
CA ALA B 505 -6.79 22.79 15.96
C ALA B 505 -8.00 21.87 15.83
N LEU B 506 -8.02 20.76 16.58
CA LEU B 506 -9.19 19.91 16.59
C LEU B 506 -10.38 20.63 17.21
N GLY B 507 -10.15 21.41 18.26
CA GLY B 507 -11.21 22.19 18.86
C GLY B 507 -11.85 23.14 17.86
N LEU B 508 -11.01 23.87 17.11
CA LEU B 508 -11.52 24.76 16.07
C LEU B 508 -12.30 23.99 15.02
N LEU B 509 -11.87 22.76 14.71
CA LEU B 509 -12.60 21.94 13.75
C LEU B 509 -13.95 21.50 14.31
N VAL B 510 -14.05 21.31 15.63
CA VAL B 510 -15.33 20.99 16.24
C VAL B 510 -16.33 22.10 15.99
N LEU B 511 -15.91 23.35 16.21
CA LEU B 511 -16.80 24.48 15.94
C LEU B 511 -17.03 24.66 14.45
N TYR B 512 -15.97 24.54 13.65
CA TYR B 512 -16.10 24.71 12.20
C TYR B 512 -17.08 23.72 11.60
N VAL B 513 -17.12 22.48 12.12
CA VAL B 513 -18.00 21.47 11.56
C VAL B 513 -19.41 21.62 12.12
N VAL B 514 -19.54 21.97 13.39
CA VAL B 514 -20.86 22.17 13.97
C VAL B 514 -21.56 23.36 13.32
N LYS B 515 -20.82 24.44 13.08
CA LYS B 515 -21.37 25.62 12.41
C LYS B 515 -21.53 25.43 10.91
N LYS B 516 -21.38 24.20 10.42
CA LYS B 516 -21.59 23.84 9.02
C LYS B 516 -20.71 24.63 8.06
N GLY B 517 -19.58 25.15 8.54
CA GLY B 517 -18.66 25.87 7.69
C GLY B 517 -18.98 27.34 7.49
N ASP B 518 -20.04 27.85 8.11
CA ASP B 518 -20.40 29.26 7.92
C ASP B 518 -19.32 30.19 8.46
N ILE B 519 -18.69 29.83 9.58
CA ILE B 519 -17.56 30.57 10.11
C ILE B 519 -16.30 30.03 9.47
N SER B 520 -15.57 30.90 8.77
CA SER B 520 -14.35 30.47 8.09
C SER B 520 -13.31 30.02 9.11
N PHE B 521 -12.47 29.07 8.70
CA PHE B 521 -11.48 28.53 9.62
C PHE B 521 -10.44 29.58 9.98
N GLU B 522 -10.04 30.42 9.02
CA GLU B 522 -9.13 31.53 9.32
C GLU B 522 -9.73 32.46 10.38
N THR B 523 -11.03 32.74 10.26
CA THR B 523 -11.71 33.54 11.28
C THR B 523 -11.58 32.92 12.66
N LEU B 524 -11.69 31.59 12.74
CA LEU B 524 -11.61 30.91 14.04
C LEU B 524 -10.19 30.86 14.57
N LYS B 525 -9.19 30.80 13.68
CA LYS B 525 -7.81 30.73 14.13
C LYS B 525 -7.36 32.02 14.81
N ASN B 526 -7.89 33.17 14.38
CA ASN B 526 -7.53 34.45 14.95
C ASN B 526 -8.26 34.75 16.25
N GLN B 527 -9.33 34.01 16.56
CA GLN B 527 -10.05 34.19 17.80
C GLN B 527 -9.27 33.57 18.96
N SER B 528 -9.58 34.06 20.17
CA SER B 528 -9.00 33.49 21.38
C SER B 528 -9.79 32.26 21.82
N PHE B 529 -9.25 31.57 22.83
CA PHE B 529 -9.93 30.38 23.35
C PHE B 529 -11.34 30.70 23.83
N GLU B 530 -11.48 31.78 24.61
CA GLU B 530 -12.78 32.15 25.15
C GLU B 530 -13.73 32.60 24.04
N GLU B 531 -13.20 33.29 23.02
CA GLU B 531 -14.05 33.69 21.89
C GLU B 531 -14.61 32.48 21.15
N VAL B 532 -13.77 31.47 20.92
CA VAL B 532 -14.22 30.27 20.21
C VAL B 532 -15.27 29.52 21.02
N ILE B 533 -15.07 29.42 22.33
CA ILE B 533 -16.03 28.72 23.18
C ILE B 533 -17.38 29.40 23.13
N GLN B 534 -17.40 30.75 23.11
CA GLN B 534 -18.66 31.48 23.06
C GLN B 534 -19.44 31.19 21.77
N GLY B 535 -18.73 30.97 20.67
CA GLY B 535 -19.38 30.70 19.39
C GLY B 535 -20.14 29.38 19.33
N SER B 536 -19.97 28.51 20.32
CA SER B 536 -20.66 27.23 20.30
C SER B 536 -22.15 27.44 20.55
N PRO B 537 -23.02 26.76 19.79
CA PRO B 537 -24.46 27.02 19.91
C PRO B 537 -25.14 26.31 21.06
N ASP B 538 -24.54 25.27 21.63
CA ASP B 538 -25.17 24.49 22.69
C ASP B 538 -24.13 24.11 23.74
N GLU B 539 -24.61 23.58 24.86
CA GLU B 539 -23.72 23.24 25.96
C GLU B 539 -22.87 22.02 25.65
N GLU B 540 -23.38 21.09 24.83
CA GLU B 540 -22.59 19.91 24.49
C GLU B 540 -21.36 20.27 23.67
N THR B 541 -21.49 21.17 22.70
CA THR B 541 -20.34 21.62 21.94
C THR B 541 -19.42 22.48 22.80
N ARG B 542 -20.01 23.31 23.67
CA ARG B 542 -19.23 24.21 24.51
C ARG B 542 -18.29 23.43 25.44
N ASP B 543 -18.80 22.34 26.04
CA ASP B 543 -17.96 21.55 26.94
C ASP B 543 -16.88 20.80 26.18
N LEU B 544 -17.23 20.23 25.02
CA LEU B 544 -16.26 19.45 24.25
C LEU B 544 -15.06 20.29 23.82
N ILE B 545 -15.34 21.48 23.27
CA ILE B 545 -14.25 22.36 22.82
C ILE B 545 -13.35 22.74 23.98
N HIS B 546 -13.93 22.95 25.16
CA HIS B 546 -13.14 23.27 26.34
C HIS B 546 -12.16 22.15 26.67
N HIS B 547 -12.62 20.90 26.63
CA HIS B 547 -11.75 19.78 26.98
C HIS B 547 -10.62 19.59 25.97
N LEU B 548 -10.78 20.06 24.74
CA LEU B 548 -9.70 19.97 23.76
C LEU B 548 -8.66 21.07 23.95
N PHE B 549 -9.09 22.26 24.37
CA PHE B 549 -8.15 23.34 24.63
C PHE B 549 -7.40 23.13 25.93
N HIS B 550 -7.99 22.40 26.89
CA HIS B 550 -7.35 22.07 28.15
C HIS B 550 -7.33 20.55 28.33
N PRO B 551 -6.45 19.85 27.60
CA PRO B 551 -6.33 18.40 27.80
C PRO B 551 -5.38 18.06 28.93
N GLY B 552 -4.53 19.01 29.30
CA GLY B 552 -3.59 18.84 30.38
C GLY B 552 -2.28 18.21 29.93
N ASP B 553 -1.27 18.37 30.80
CA ASP B 553 0.03 17.75 30.55
C ASP B 553 -0.07 16.24 30.52
N ASN B 554 -1.09 15.67 31.15
CA ASN B 554 -1.38 14.23 31.06
C ASN B 554 -2.39 13.94 29.96
N VAL B 555 -2.10 14.43 28.75
CA VAL B 555 -3.03 14.27 27.64
C VAL B 555 -3.23 12.80 27.30
N GLU B 556 -2.13 12.07 27.10
CA GLU B 556 -2.16 10.63 26.86
C GLU B 556 -3.13 10.24 25.76
N ASP B 557 -4.23 9.59 26.15
CA ASP B 557 -5.27 9.17 25.20
C ASP B 557 -6.58 9.87 25.51
N ARG B 558 -6.56 11.20 25.56
CA ARG B 558 -7.78 11.95 25.87
C ARG B 558 -8.78 11.88 24.74
N LEU B 559 -8.33 11.70 23.50
CA LEU B 559 -9.25 11.66 22.36
C LEU B 559 -10.15 10.44 22.42
N SER B 560 -9.63 9.31 22.90
CA SER B 560 -10.48 8.13 23.08
C SER B 560 -11.51 8.36 24.17
N SER B 561 -11.12 9.02 25.26
CA SER B 561 -12.04 9.26 26.36
C SER B 561 -13.13 10.25 25.96
N LEU B 562 -12.84 11.16 25.02
CA LEU B 562 -13.82 12.15 24.58
C LEU B 562 -14.82 11.60 23.58
N LEU B 563 -14.63 10.37 23.10
CA LEU B 563 -15.61 9.76 22.20
C LEU B 563 -16.90 9.40 22.92
N ALA B 564 -16.89 9.33 24.25
CA ALA B 564 -18.08 9.11 25.04
C ALA B 564 -18.73 10.41 25.50
N HIS B 565 -18.17 11.56 25.13
CA HIS B 565 -18.73 12.84 25.49
C HIS B 565 -20.12 12.99 24.87
N PRO B 566 -21.09 13.56 25.59
CA PRO B 566 -22.47 13.61 25.07
C PRO B 566 -22.62 14.31 23.73
N PHE B 567 -21.58 15.00 23.24
CA PHE B 567 -21.62 15.56 21.90
C PHE B 567 -21.92 14.48 20.86
N PHE B 568 -21.29 13.31 21.00
CA PHE B 568 -21.47 12.22 20.05
C PHE B 568 -22.68 11.36 20.35
N TRP B 569 -23.48 11.71 21.34
CA TRP B 569 -24.71 10.98 21.63
C TRP B 569 -25.82 11.46 20.70
N SER B 570 -26.54 10.51 20.12
CA SER B 570 -27.72 10.85 19.34
C SER B 570 -28.80 11.43 20.26
N TRP B 571 -29.72 12.20 19.64
CA TRP B 571 -30.79 12.81 20.42
C TRP B 571 -31.69 11.75 21.04
N GLU B 572 -31.89 10.62 20.36
CA GLU B 572 -32.60 9.50 20.98
C GLU B 572 -31.83 8.95 22.18
N SER B 573 -30.51 8.85 22.06
CA SER B 573 -29.70 8.32 23.16
C SER B 573 -29.73 9.25 24.36
N ARG B 574 -29.72 10.57 24.13
CA ARG B 574 -29.84 11.52 25.22
C ARG B 574 -31.21 11.41 25.88
N TYR B 575 -32.26 11.30 25.08
CA TYR B 575 -33.61 11.15 25.61
C TYR B 575 -33.77 9.84 26.37
N ARG B 576 -33.25 8.75 25.80
CA ARG B 576 -33.33 7.45 26.47
C ARG B 576 -32.61 7.47 27.80
N THR B 577 -31.46 8.16 27.87
CA THR B 577 -30.66 8.16 29.10
C THR B 577 -31.35 8.96 30.20
N LEU B 578 -31.91 10.12 29.85
CA LEU B 578 -32.65 10.91 30.84
C LEU B 578 -33.88 10.14 31.31
N ARG B 579 -34.52 9.39 30.41
CA ARG B 579 -35.62 8.52 30.80
C ARG B 579 -35.15 7.45 31.78
N ASP B 580 -34.01 6.81 31.47
CA ASP B 580 -33.54 5.69 32.28
C ASP B 580 -33.16 6.13 33.69
N VAL B 581 -32.66 7.36 33.84
CA VAL B 581 -32.35 7.87 35.17
C VAL B 581 -33.63 8.14 35.94
N GLY B 582 -34.63 8.75 35.29
CA GLY B 582 -35.91 8.99 35.90
C GLY B 582 -36.68 7.74 36.31
N ASN B 583 -36.25 6.57 35.85
CA ASN B 583 -36.86 5.30 36.23
C ASN B 583 -36.20 4.67 37.45
N GLU B 584 -35.25 5.37 38.07
CA GLU B 584 -34.64 4.87 39.29
C GLU B 584 -35.66 4.86 40.43
N SER B 585 -35.64 3.78 41.22
CA SER B 585 -36.63 3.62 42.28
C SER B 585 -36.58 4.78 43.26
N ASP B 586 -35.37 5.23 43.61
CA ASP B 586 -35.22 6.29 44.61
C ASP B 586 -35.58 7.67 44.07
N ILE B 587 -35.64 7.83 42.75
CA ILE B 587 -36.12 9.09 42.18
C ILE B 587 -37.64 9.13 42.19
N LYS B 588 -38.29 8.01 41.87
CA LYS B 588 -39.75 7.97 41.83
C LYS B 588 -40.34 8.12 43.22
N THR B 589 -39.70 7.54 44.24
CA THR B 589 -40.16 7.70 45.62
C THR B 589 -39.66 9.00 46.25
N ARG B 590 -38.83 9.77 45.55
CA ARG B 590 -38.27 11.03 46.03
C ARG B 590 -37.56 10.85 47.37
N ASN B 591 -36.78 9.77 47.50
CA ASN B 591 -35.97 9.54 48.69
C ASN B 591 -34.77 10.48 48.63
N GLN B 592 -34.87 11.62 49.34
CA GLN B 592 -33.78 12.60 49.30
C GLN B 592 -32.51 12.07 49.94
N ASN B 593 -32.63 11.13 50.88
CA ASN B 593 -31.45 10.55 51.53
C ASN B 593 -30.67 9.63 50.60
N SER B 594 -31.31 9.14 49.54
CA SER B 594 -30.69 8.13 48.68
C SER B 594 -29.45 8.68 47.98
N ARG B 595 -28.60 7.75 47.53
CA ARG B 595 -27.36 8.13 46.86
C ARG B 595 -27.62 8.90 45.57
N ILE B 596 -28.61 8.47 44.78
CA ILE B 596 -28.82 9.06 43.47
C ILE B 596 -29.20 10.53 43.57
N LEU B 597 -30.06 10.89 44.53
CA LEU B 597 -30.46 12.28 44.68
C LEU B 597 -29.38 13.12 45.38
N GLN B 598 -28.56 12.50 46.23
CA GLN B 598 -27.48 13.24 46.86
C GLN B 598 -26.46 13.73 45.82
N LEU B 599 -26.22 12.94 44.78
CA LEU B 599 -25.30 13.37 43.73
C LEU B 599 -25.91 14.48 42.88
N LEU B 600 -27.21 14.40 42.61
CA LEU B 600 -27.87 15.36 41.75
C LEU B 600 -28.31 16.62 42.50
N GLN B 601 -28.81 16.47 43.74
CA GLN B 601 -29.36 17.57 44.51
C GLN B 601 -28.73 17.61 45.89
N PRO B 602 -27.55 18.21 46.02
CA PRO B 602 -26.93 18.36 47.35
C PRO B 602 -26.90 19.80 47.84
N GLY B 603 -27.66 20.10 48.89
CA GLY B 603 -27.65 21.41 49.50
C GLY B 603 -28.58 22.41 48.86
N THR B 604 -29.21 23.25 49.69
CA THR B 604 -30.12 24.28 49.20
C THR B 604 -29.53 25.67 49.38
N GLU B 606 -29.05 25.65 43.09
CA GLU B 606 -30.15 25.14 42.29
C GLU B 606 -30.08 25.68 40.86
N SER B 608 -29.61 28.78 39.36
CA SER B 608 -28.49 29.15 38.52
C SER B 608 -28.57 28.47 37.16
N THR B 609 -29.20 27.31 37.13
CA THR B 609 -29.37 26.52 35.92
C THR B 609 -30.70 26.87 35.24
N SER B 610 -30.83 26.47 33.98
CA SER B 610 -32.03 26.77 33.22
C SER B 610 -33.22 25.88 33.59
N PHE B 611 -33.02 24.88 34.45
CA PHE B 611 -34.12 24.02 34.89
C PHE B 611 -34.53 24.28 36.33
N ALA B 612 -34.03 25.35 36.94
CA ALA B 612 -34.59 25.81 38.20
C ALA B 612 -36.02 26.29 37.99
N GLN B 613 -36.90 25.92 38.92
CA GLN B 613 -38.36 26.06 38.77
C GLN B 613 -38.81 25.75 37.35
N TRP B 614 -38.39 24.56 36.88
CA TRP B 614 -38.74 24.11 35.53
C TRP B 614 -40.22 23.90 35.35
N THR B 615 -40.98 23.76 36.44
CA THR B 615 -42.43 23.59 36.33
C THR B 615 -43.11 24.84 35.80
N THR B 616 -42.50 26.00 35.98
CA THR B 616 -43.06 27.27 35.53
C THR B 616 -42.70 27.62 34.09
N LYS B 617 -41.90 26.79 33.42
CA LYS B 617 -41.43 27.10 32.08
C LYS B 617 -42.03 26.22 31.00
N ILE B 618 -42.81 25.20 31.35
CA ILE B 618 -43.47 24.35 30.36
C ILE B 618 -44.92 24.78 30.25
N ASP B 619 -45.53 24.46 29.11
CA ASP B 619 -46.94 24.75 28.88
C ASP B 619 -47.80 24.23 30.02
N SER B 620 -48.78 25.05 30.43
CA SER B 620 -49.59 24.71 31.59
C SER B 620 -50.48 23.50 31.33
N PHE B 621 -50.90 23.27 30.09
CA PHE B 621 -51.74 22.12 29.80
C PHE B 621 -51.00 20.81 30.04
N VAL B 622 -49.76 20.72 29.57
CA VAL B 622 -48.97 19.52 29.80
C VAL B 622 -48.65 19.36 31.28
N MET B 623 -48.33 20.46 31.96
CA MET B 623 -48.03 20.41 33.38
C MET B 623 -49.20 19.88 34.19
N GLU B 624 -50.43 20.29 33.83
CA GLU B 624 -51.60 19.91 34.61
C GLU B 624 -51.99 18.46 34.36
N GLU B 625 -52.02 18.04 33.10
CA GLU B 625 -52.45 16.67 32.78
C GLU B 625 -51.49 15.64 33.36
N MET B 626 -50.21 15.98 33.48
CA MET B 626 -49.23 15.06 34.05
C MET B 626 -49.40 14.87 35.55
N ASN B 627 -50.01 15.83 36.23
CA ASN B 627 -50.23 15.82 37.68
C ASN B 627 -51.26 14.78 38.12
N ALA B 628 -51.76 13.91 37.25
CA ALA B 628 -52.74 12.90 37.66
C ALA B 628 -52.05 11.86 38.53
N TYR B 629 -52.20 12.02 39.84
CA TYR B 629 -51.60 11.13 40.84
C TYR B 629 -51.96 9.67 40.61
N ASN B 646 -48.93 14.29 46.00
CA ASN B 646 -47.71 15.08 45.82
C ASN B 646 -47.50 15.40 44.35
N LEU B 647 -47.35 16.70 44.04
CA LEU B 647 -47.15 17.15 42.68
C LEU B 647 -45.65 17.27 42.38
N TYR B 648 -45.33 17.58 41.13
CA TYR B 648 -43.94 17.73 40.72
C TYR B 648 -43.32 18.96 41.38
N GLN B 649 -42.20 18.74 42.06
CA GLN B 649 -41.47 19.82 42.71
C GLN B 649 -40.41 20.39 41.77
N ASP B 650 -39.85 21.53 42.17
CA ASP B 650 -38.86 22.22 41.35
C ASP B 650 -37.47 21.65 41.57
N THR B 651 -37.38 20.41 42.02
CA THR B 651 -36.11 19.72 42.15
C THR B 651 -35.74 19.06 40.84
N LEU B 652 -34.44 18.74 40.70
CA LEU B 652 -33.98 18.07 39.49
C LEU B 652 -34.54 16.66 39.40
N GLY B 653 -34.62 15.95 40.53
CA GLY B 653 -35.09 14.57 40.51
C GLY B 653 -36.46 14.42 39.88
N ASP B 654 -37.39 15.33 40.20
CA ASP B 654 -38.72 15.24 39.63
C ASP B 654 -38.74 15.58 38.15
N LEU B 655 -37.75 16.34 37.67
CA LEU B 655 -37.64 16.60 36.23
C LEU B 655 -37.36 15.31 35.47
N LEU B 656 -36.39 14.51 35.96
CA LEU B 656 -36.12 13.23 35.31
C LEU B 656 -37.30 12.29 35.44
N LYS B 657 -37.97 12.30 36.59
CA LYS B 657 -39.23 11.58 36.73
C LYS B 657 -40.27 12.13 35.76
N PHE B 658 -40.28 13.44 35.56
CA PHE B 658 -41.20 14.04 34.58
C PHE B 658 -40.91 13.54 33.18
N ILE B 659 -39.64 13.36 32.84
CA ILE B 659 -39.28 12.86 31.51
C ILE B 659 -39.64 11.39 31.37
N ARG B 660 -39.36 10.58 32.40
CA ARG B 660 -39.67 9.16 32.35
C ARG B 660 -41.16 8.92 32.24
N ASN B 661 -41.95 9.56 33.10
CA ASN B 661 -43.40 9.39 33.06
C ASN B 661 -43.99 9.85 31.73
N LEU B 662 -43.48 10.97 31.21
CA LEU B 662 -43.95 11.47 29.91
C LEU B 662 -43.60 10.48 28.80
N GLY B 663 -42.39 9.92 28.85
CA GLY B 663 -41.94 9.05 27.76
C GLY B 663 -42.74 7.77 27.64
N GLU B 664 -43.07 7.14 28.78
CA GLU B 664 -43.76 5.86 28.73
C GLU B 664 -45.19 6.00 28.23
N HIS B 665 -45.83 7.16 28.47
CA HIS B 665 -47.24 7.33 28.22
C HIS B 665 -47.55 8.29 27.07
N ILE B 666 -46.53 8.80 26.37
CA ILE B 666 -46.75 9.85 25.38
C ILE B 666 -47.61 9.36 24.22
N ASN B 667 -47.54 8.08 23.88
CA ASN B 667 -48.24 7.55 22.72
C ASN B 667 -49.60 6.94 23.05
N GLU B 668 -50.02 6.98 24.31
CA GLU B 668 -51.32 6.43 24.67
C GLU B 668 -52.43 7.23 24.02
N GLN B 669 -53.56 6.55 23.77
CA GLN B 669 -54.65 7.15 23.00
C GLN B 669 -55.18 8.42 23.66
N LYS B 670 -55.44 8.37 24.96
CA LYS B 670 -56.04 9.51 25.65
C LYS B 670 -55.06 10.66 25.83
N ASN B 671 -53.83 10.54 25.35
CA ASN B 671 -52.83 11.60 25.45
C ASN B 671 -52.52 12.21 24.08
N LYS B 672 -53.44 12.06 23.13
CA LYS B 672 -53.23 12.58 21.79
C LYS B 672 -53.11 14.11 21.77
N LYS B 673 -53.84 14.80 22.64
CA LYS B 673 -53.75 16.25 22.70
C LYS B 673 -52.40 16.72 23.23
N MET B 674 -51.90 16.07 24.29
CA MET B 674 -50.60 16.42 24.83
C MET B 674 -49.48 16.21 23.81
N LYS B 675 -49.57 15.14 23.01
CA LYS B 675 -48.50 14.79 22.10
C LYS B 675 -48.24 15.90 21.08
N SER B 676 -49.29 16.59 20.64
CA SER B 676 -49.13 17.63 19.62
C SER B 676 -48.36 18.84 20.14
N ILE B 677 -48.51 19.17 21.42
CA ILE B 677 -47.83 20.35 21.97
C ILE B 677 -46.34 20.13 22.03
N ILE B 678 -45.90 18.98 22.54
CA ILE B 678 -44.48 18.72 22.73
C ILE B 678 -43.82 18.37 21.41
N GLY B 679 -44.46 17.53 20.59
CA GLY B 679 -43.82 17.04 19.39
C GLY B 679 -42.81 15.98 19.71
N GLU B 680 -41.64 16.06 19.11
CA GLU B 680 -40.56 15.14 19.43
C GLU B 680 -40.02 15.46 20.82
N PRO B 681 -40.16 14.57 21.80
CA PRO B 681 -39.83 14.96 23.19
C PRO B 681 -38.36 15.28 23.39
N SER B 682 -37.46 14.50 22.79
CA SER B 682 -36.02 14.76 22.92
C SER B 682 -35.69 16.19 22.51
N GLN B 683 -36.16 16.60 21.33
CA GLN B 683 -35.93 17.96 20.86
C GLN B 683 -36.52 18.99 21.82
N TYR B 684 -37.64 18.66 22.47
CA TYR B 684 -38.30 19.62 23.34
C TYR B 684 -37.48 19.89 24.61
N PHE B 685 -37.09 18.83 25.31
CA PHE B 685 -36.41 19.00 26.59
C PHE B 685 -35.02 19.62 26.43
N GLN B 686 -34.28 19.20 25.39
CA GLN B 686 -32.96 19.78 25.16
C GLN B 686 -33.03 21.23 24.75
N GLU B 687 -34.14 21.66 24.13
CA GLU B 687 -34.28 23.05 23.74
C GLU B 687 -34.67 23.94 24.91
N LYS B 688 -35.61 23.48 25.75
CA LYS B 688 -36.07 24.28 26.87
C LYS B 688 -35.01 24.35 27.97
N PHE B 689 -34.29 23.25 28.19
CA PHE B 689 -33.25 23.16 29.21
C PHE B 689 -31.99 22.64 28.52
N PRO B 690 -31.17 23.54 27.96
CA PRO B 690 -29.99 23.09 27.21
C PRO B 690 -28.96 22.41 28.08
N ASP B 691 -28.86 22.76 29.35
CA ASP B 691 -27.84 22.22 30.24
C ASP B 691 -28.26 20.92 30.91
N LEU B 692 -29.45 20.39 30.59
CA LEU B 692 -29.93 19.20 31.28
C LEU B 692 -29.04 17.99 31.01
N VAL B 693 -28.71 17.76 29.74
CA VAL B 693 -27.87 16.61 29.40
C VAL B 693 -26.49 16.76 30.02
N MET B 694 -25.91 17.96 29.95
CA MET B 694 -24.59 18.19 30.51
C MET B 694 -24.59 18.07 32.03
N TYR B 695 -25.65 18.57 32.69
CA TYR B 695 -25.67 18.53 34.14
C TYR B 695 -25.80 17.10 34.66
N VAL B 696 -26.66 16.30 34.04
CA VAL B 696 -26.79 14.90 34.45
C VAL B 696 -25.52 14.13 34.13
N TYR B 697 -24.93 14.37 32.96
CA TYR B 697 -23.68 13.70 32.60
C TYR B 697 -22.58 14.03 33.59
N THR B 698 -22.43 15.31 33.94
CA THR B 698 -21.36 15.71 34.86
C THR B 698 -21.49 15.05 36.22
N LYS B 699 -22.72 14.94 36.74
CA LYS B 699 -22.93 14.44 38.09
C LYS B 699 -22.82 12.92 38.19
N LEU B 700 -23.06 12.20 37.10
CA LEU B 700 -23.05 10.73 37.11
C LEU B 700 -21.89 10.15 36.31
N GLN B 701 -20.86 10.96 36.01
CA GLN B 701 -19.81 10.54 35.10
C GLN B 701 -19.09 9.29 35.60
N ASN B 702 -18.56 9.34 36.83
CA ASN B 702 -17.77 8.22 37.34
C ASN B 702 -18.44 7.54 38.52
N THR B 703 -19.74 7.26 38.40
CA THR B 703 -20.52 6.63 39.46
C THR B 703 -21.09 5.31 38.95
N GLU B 704 -21.81 4.63 39.84
CA GLU B 704 -22.50 3.41 39.43
C GLU B 704 -23.60 3.71 38.42
N TYR B 705 -24.22 4.88 38.51
CA TYR B 705 -25.29 5.28 37.60
C TYR B 705 -24.76 5.69 36.22
N MET B 706 -23.45 5.60 36.01
CA MET B 706 -22.86 5.77 34.69
C MET B 706 -23.43 4.77 33.68
N LYS B 707 -23.95 3.63 34.15
CA LYS B 707 -24.42 2.57 33.26
C LYS B 707 -25.59 3.00 32.38
N HIS B 708 -26.31 4.07 32.76
CA HIS B 708 -27.42 4.53 31.95
C HIS B 708 -26.99 5.25 30.69
N PHE B 709 -25.71 5.60 30.57
CA PHE B 709 -25.22 6.25 29.38
C PHE B 709 -25.27 5.30 28.19
N PRO B 710 -25.38 5.82 26.97
CA PRO B 710 -25.39 4.93 25.79
C PRO B 710 -24.06 4.23 25.61
N LYS B 711 -24.13 3.02 25.06
CA LYS B 711 -22.94 2.20 24.87
C LYS B 711 -22.07 2.76 23.76
N THR B 712 -20.75 2.68 23.94
CA THR B 712 -19.80 3.18 22.96
C THR B 712 -18.83 2.08 22.52
N1 25L C . -0.28 13.95 -35.19
C2 25L C . -1.20 13.46 -34.33
N3 25L C . -0.79 12.78 -33.21
C4 25L C . 0.54 12.60 -32.98
C5 25L C . 1.44 13.09 -33.84
C6 25L C . 1.03 13.77 -34.96
N6 25L C . 1.85 14.38 -36.04
N7 25L C . 2.66 12.77 -33.39
C8 25L C . 2.52 12.08 -32.23
N9 25L C . 1.21 11.98 -31.97
C1' 25L C . 0.58 11.32 -30.86
C2' 25L C . 1.43 10.60 -30.17
O2' 25L C . 0.77 9.35 -29.68
C3' 25L C . 1.85 11.47 -28.95
O3' 25L C . 1.89 10.72 -27.86
C4' 25L C . 0.73 12.57 -28.81
O4' 25L C . -0.09 12.42 -29.82
C5' 25L C . 1.35 13.98 -28.85
O5' 25L C . 2.44 14.11 -27.91
NAB 25L C . 12.51 16.80 -26.29
NAC 25L C . 11.72 13.60 -26.22
OAE 25L C . 14.35 18.21 -19.93
OAF 25L C . 4.79 14.48 -28.92
OAG 25L C . 5.25 14.47 -19.65
OAK 25L C . 9.42 15.46 -18.03
OAL 25L C . 3.05 14.37 -25.12
OAM 25L C . 13.96 18.63 -17.50
OAP 25L C . 3.09 16.30 -29.18
OAQ 25L C . 7.02 13.38 -21.00
CAT 25L C . 9.76 18.70 -25.22
CAU 25L C . 9.56 15.65 -28.14
CAW 25L C . 11.01 15.64 -22.19
CAX 25L C . 7.64 14.52 -24.25
CAY 25L C . 10.81 18.31 -18.26
CBA 25L C . 4.50 15.28 -22.34
NBC 25L C . 10.78 18.16 -25.90
NBD 25L C . 10.56 14.90 -27.63
NBF 25L C . 9.43 18.23 -23.98
NBG 25L C . 8.41 15.82 -27.42
NBI 25L C . 11.70 15.70 -23.34
NBJ 25L C . 8.89 14.05 -24.50
OBK 25L C . 11.90 18.63 -19.13
OBM 25L C . 5.85 15.52 -21.92
OBO 25L C . 9.61 18.06 -20.27
OBP 25L C . 5.44 16.50 -24.08
OBQ 25L C . 7.56 15.68 -19.83
OBR 25L C . 4.18 15.90 -26.87
OBT 25L C . 13.24 16.33 -18.54
CBV 25L C . 11.50 17.16 -25.35
CBW 25L C . 10.44 14.33 -26.45
CBY 25L C . 11.17 16.67 -24.10
CBZ 25L C . 9.27 14.51 -25.72
CCB 25L C . 10.16 17.21 -23.43
CCC 25L C . 8.28 15.25 -26.22
CCF 25L C . 9.85 16.09 -19.15
CCG 25L C . 4.30 14.61 -24.78
CCI 25L C . 9.65 17.65 -19.04
CCJ 25L C . 4.36 15.80 -23.76
CCK 25L C . 8.96 15.75 -20.33
CCL 25L C . 5.08 15.13 -25.99
CCN 25L C . 9.10 16.80 -21.17
CCO 25L C . 6.01 15.95 -25.49
NCQ 25L C . 10.05 16.56 -22.24
NCR 25L C . 7.26 15.26 -25.31
PCT 25L C . 13.39 17.97 -18.79
PCU 25L C . 3.64 15.20 -28.26
PCV 25L C . 6.40 14.72 -20.58
C1 MYC D . -1.10 -12.63 5.21
C2 MYC D . -0.61 -12.41 6.48
C3 MYC D . -0.51 -13.47 7.40
C4 MYC D . -0.93 -14.73 6.99
C5 MYC D . -1.42 -14.99 5.72
C6 MYC D . -1.50 -13.91 4.84
C9 MYC D . 0.00 -13.30 8.76
C10 MYC D . 0.04 -14.49 9.58
C11 MYC D . -0.38 -15.70 9.10
C14 MYC D . -0.39 -16.98 9.84
C15 MYC D . -0.93 -18.13 9.24
C16 MYC D . -0.94 -19.33 9.92
C17 MYC D . -0.42 -19.42 11.21
C18 MYC D . 0.12 -18.28 11.82
C19 MYC D . 0.14 -17.08 11.13
O12 MYC D . -0.86 -15.80 7.82
O13 MYC D . 0.39 -12.20 9.22
O23 MYC D . 0.63 -18.41 13.08
O24 MYC D . -0.43 -20.60 11.87
O25 MYC D . -1.47 -20.46 9.36
O27 MYC D . 0.51 -14.33 10.84
O29 MYC D . -1.99 -14.12 3.59
O30 MYC D . -0.23 -11.16 6.83
P PO4 E . -46.55 2.92 34.90
O1 PO4 E . -46.93 2.13 36.12
O2 PO4 E . -46.81 4.40 35.15
O3 PO4 E . -47.39 2.46 33.72
O4 PO4 E . -45.09 2.73 34.59
N1 25L F . 32.84 -16.03 10.08
C2 25L F . 31.73 -15.57 10.73
N3 25L F . 30.65 -15.12 10.04
C4 25L F . 30.66 -15.14 8.68
C5 25L F . 31.76 -15.59 8.03
C6 25L F . 32.85 -16.04 8.74
N6 25L F . 34.13 -16.57 8.23
N7 25L F . 31.52 -15.49 6.71
C8 25L F . 30.27 -14.98 6.54
N9 25L F . 29.75 -14.76 7.75
C1' 25L F . 28.46 -14.22 8.06
C2' 25L F . 28.31 -13.04 7.48
O2' 25L F . 28.13 -11.98 8.51
C3' 25L F . 27.03 -13.12 6.61
O3' 25L F . 26.07 -12.39 7.18
C4' 25L F . 26.61 -14.63 6.57
O4' 25L F . 27.26 -15.22 7.53
C5' 25L F . 27.00 -15.24 5.20
O5' 25L F . 26.60 -16.63 5.16
NAB 25L F . 26.92 -19.36 -4.77
NAC 25L F . 27.23 -15.81 -4.05
OAE 25L F . 20.92 -20.25 -7.67
OAF 25L F . 27.60 -16.62 2.77
OAG 25L F . 18.79 -15.82 0.41
OAK 25L F . 18.49 -17.15 -2.43
OAL 25L F . 23.55 -16.67 4.02
OAM 25L F . 18.72 -21.36 -7.34
OAP 25L F . 27.89 -18.67 4.14
OAQ 25L F . 20.86 -15.13 -0.79
CAT 25L F . 25.44 -20.88 -1.97
CAU 25L F . 28.14 -18.13 -1.53
CAW 25L F . 22.64 -18.09 -4.09
CAX 25L F . 24.04 -16.47 -0.76
CAY 25L F . 18.68 -19.64 -4.55
CBA 25L F . 21.09 -17.53 2.22
NBC 25L F . 26.27 -20.48 -2.96
NBD 25L F . 28.05 -17.31 -2.60
NBF 25L F . 24.18 -20.40 -1.91
NBG 25L F . 27.11 -18.20 -0.64
NBI 25L F . 23.89 -18.23 -4.59
NBJ 25L F . 24.70 -16.03 -1.86
OBK 25L F . 19.80 -20.00 -5.36
OBM 25L F . 21.07 -16.27 1.53
OBO 25L F . 20.30 -19.99 -2.92
OBP 25L F . 22.97 -18.43 1.17
OBQ 25L F . 20.27 -17.70 -0.64
OBR 25L F . 25.54 -18.11 3.17
OBT 25L F . 18.81 -18.74 -7.56
CBV 25L F . 25.85 -19.60 -3.87
CBW 25L F . 26.97 -16.58 -2.79
CBY 25L F . 24.55 -19.10 -3.81
CBZ 25L F . 25.92 -16.66 -1.90
CCB 25L F . 23.73 -19.50 -2.85
CCC 25L F . 26.00 -17.47 -0.83
CCF 25L F . 19.53 -17.83 -2.98
CCG 25L F . 23.49 -16.83 2.71
CCI 25L F . 19.18 -19.35 -3.13
CCJ 25L F . 22.53 -18.02 2.34
CCK 25L F . 20.73 -17.80 -2.05
CCL 25L F . 24.83 -17.30 2.15
CCN 25L F . 21.35 -18.98 -2.21
CCO 25L F . 24.56 -18.07 1.09
NCQ 25L F . 22.55 -18.87 -3.02
NCR 25L F . 24.84 -17.35 -0.12
PCT 25L F . 19.58 -20.11 -7.01
PCU 25L F . 26.94 -17.51 3.79
PCV 25L F . 20.23 -16.18 0.12
C1 MYC G . -3.97 13.16 -0.44
C2 MYC G . -5.05 12.93 -1.26
C3 MYC G . -5.85 14.01 -1.72
C4 MYC G . -5.49 15.29 -1.30
C5 MYC G . -4.42 15.56 -0.47
C6 MYC G . -3.66 14.47 -0.04
C9 MYC G . -7.01 13.84 -2.58
C10 MYC G . -7.71 15.04 -2.96
C11 MYC G . -7.31 16.27 -2.52
C14 MYC G . -7.95 17.56 -2.82
C15 MYC G . -9.09 17.64 -3.62
C16 MYC G . -9.67 18.87 -3.88
C17 MYC G . -9.13 20.03 -3.36
C18 MYC G . -8.00 19.96 -2.55
C19 MYC G . -7.41 18.74 -2.29
O12 MYC G . -6.22 16.38 -1.69
O13 MYC G . -7.39 12.72 -3.01
O23 MYC G . -7.49 21.13 -2.05
O24 MYC G . -9.72 21.24 -3.62
O25 MYC G . -10.80 18.97 -4.66
O27 MYC G . -8.78 14.89 -3.77
O29 MYC G . -2.59 14.68 0.76
O30 MYC G . -5.34 11.67 -1.63
#